data_6PZI
#
_entry.id   6PZI
#
_cell.length_a   1.00
_cell.length_b   1.00
_cell.length_c   1.00
_cell.angle_alpha   90.00
_cell.angle_beta   90.00
_cell.angle_gamma   90.00
#
_symmetry.space_group_name_H-M   'P 1'
#
loop_
_entity.id
_entity.type
_entity.pdbx_description
1 polymer 'ATP-binding cassette sub-family C member 8'
2 non-polymer "ADENOSINE-5'-TRIPHOSPHATE"
#
_entity_poly.entity_id   1
_entity_poly.type   'polypeptide(L)'
_entity_poly.pdbx_seq_one_letter_code
;MPLAFCGTENHSAAYRVDQGVLNNGCFVDALNVVPHVFLLFITFPILFIGWGSQSSKVHIHHSTWLHFPGHNLRWILTFI
LLFVLVCEIAEGILSDGVTESRHLHLYMPAGMAFMAAITSVVYYHNIETSNFPKLLIALLIYWTLAFITKTIKFVKFYDH
AIGFSQLRFCLTGLLVILYGMLLLVEVNVIRVRRYIFFKTPREVKPPEDLQDLGVRFLQPFVNLLSKGTYWWMNAFIKTA
HKKPIDLRAIAKLPIAMRALTNYQRLCVAFDAQARKDTQSPQGARAIWRALCHAFGRRLILSSTFRILADLLGFAGPLCI
FGIVDHLGKENHVFQPKTQFLGVYFVSSQEFLGNAYVLAVLLFLALLLQRTFLQASYYVAIETGINLRGAIQTKIYNKIM
HMSTSNLSMGEMTAGQICNLVAIDTNQLMWFFFLCPNLWTMPVQIIVGVILLYYILGVSALIGAAVIILLAPVQYFVATK
LSQAQRTTLEHSNERLKQTNEMLRGMKLLKLYAWESIFCSRVEVTRRKEMTSLRAFAVYTSISIFMNTAIPIAAVLITFV
GHVSFFKESDLSPSVAFASLSLFHILVTPLFLLSSVVRSTVKALVSVQKLSEFLSSAEIREEQCAPREPAPQGQAGKYQA
VPLKVVNRKRPAREEVRDLLGPLQRLAPSMDGDADNFCVQIIGGFFTWTPDGIPTLSNITIRIPRGQLTMIVGQVGCGKS
SLLLATLGEMQKVSGAVFWNSNLPDSEGEDPSSPERETAAGSDIRSRGPVAYASQKPWLLNATVEENITFESPFNKQRYK
MVIEACSLQPDIDILPHGDQTQIGERGINLSGGQRQRISVARALYQQTNVVFLDDPFSALDVHLSDHLMQAGILELLRDD
KRTVVLVTHKLQYLPHADWIIAMKDGTIQREGTLKDFQRSECQLFEHWKTLMNRQDQELEKETVMERKASEPSQGLPRAM
SSRDGLLLDEEEEEEEAAESEEDDNLSSVLHQRAKIPWRACTKYLSSAGILLLSLLVFSQLLKHMVLVAIDYWLAKWTDS
ALVLSPAARNCSLSQECDLDQSVYAMVFTLLCSLGIVLCLVTSVTVEWTGLKVAKRLHRSLLNRIILAPMRFFETTPLGS
ILNRFSSDCNTIDQHIPSTLECLSRSTLLCVSALTVISYVTPVFLVALLPLAVVCYFIQKYFRVASRDLQQLDDTTQLPL
VSHFAETVEGLTTIRAFRYEARFQQKLLEYTDSNNIASLFLTAANRWLEVCMEYIGACVVLIAAATSISNSLHRELSAGL
VGLGLTYALMVSNYLNWMVRNLADMEIQLGAVKRIHALLKTEAESYEGLLAPSLIPKNWPDQGKIQIQNLSVRYDSSLKP
VLKHVNTLISPGQKIGICGRTGSGKSSFSLAFFRMVDMFEGRIIIDGIDIAKLPLHTLRSRLSIILQDPVLFSGTIRFNL
DPEKKCSDSTLWEALEIAQLKLVVKALPGGLDAIITEGGENFSQGQRQLFCLARAFVRKTSIFIMDEATASIDMATENIL
QKVVMTAFADRTVVTIAHRVHTILSADLVMVLKRGAILEFDKPETLLSQKDSVFASFVRADK
;
_entity_poly.pdbx_strand_id   G
#
# COMPACT_ATOMS: atom_id res chain seq x y z
N MET A 1 -27.92 -55.72 -37.01
CA MET A 1 -27.70 -54.31 -36.68
C MET A 1 -26.23 -53.97 -36.41
N PRO A 2 -25.34 -54.12 -37.39
CA PRO A 2 -23.91 -54.03 -37.12
C PRO A 2 -23.43 -52.59 -37.03
N LEU A 3 -22.11 -52.47 -36.90
CA LEU A 3 -21.34 -51.23 -36.82
C LEU A 3 -21.16 -50.66 -38.23
N ALA A 4 -22.14 -49.89 -38.70
CA ALA A 4 -22.00 -49.29 -40.01
C ALA A 4 -21.05 -48.09 -39.93
N PHE A 5 -20.20 -47.96 -40.94
CA PHE A 5 -19.31 -46.82 -41.00
C PHE A 5 -20.03 -45.52 -41.36
N CYS A 6 -20.68 -45.46 -42.53
CA CYS A 6 -21.52 -44.27 -42.86
C CYS A 6 -22.94 -44.34 -42.30
N GLY A 7 -23.73 -45.29 -42.78
CA GLY A 7 -25.09 -45.55 -42.33
C GLY A 7 -25.56 -46.91 -42.83
N THR A 8 -26.25 -47.65 -41.98
CA THR A 8 -26.87 -48.92 -42.36
C THR A 8 -28.31 -48.83 -42.85
N GLU A 9 -28.88 -47.64 -43.07
CA GLU A 9 -30.26 -47.70 -43.53
C GLU A 9 -30.36 -48.05 -45.02
N ASN A 10 -31.54 -48.59 -45.37
CA ASN A 10 -31.92 -48.98 -46.73
C ASN A 10 -30.96 -49.99 -47.34
N HIS A 11 -30.36 -50.83 -46.49
CA HIS A 11 -29.35 -51.82 -46.86
C HIS A 11 -28.18 -51.19 -47.61
N SER A 12 -27.49 -50.26 -46.92
CA SER A 12 -26.29 -49.60 -47.42
C SER A 12 -26.56 -48.86 -48.72
N ALA A 13 -27.72 -48.21 -48.81
CA ALA A 13 -28.01 -47.48 -50.02
C ALA A 13 -27.38 -46.09 -50.04
N ALA A 14 -26.77 -45.69 -48.93
CA ALA A 14 -26.00 -44.46 -48.97
C ALA A 14 -24.62 -44.72 -49.55
N TYR A 15 -24.26 -45.98 -49.68
CA TYR A 15 -23.04 -46.43 -50.34
C TYR A 15 -23.31 -46.61 -51.83
N ARG A 16 -23.92 -45.63 -52.49
CA ARG A 16 -24.24 -45.77 -53.90
C ARG A 16 -23.76 -44.56 -54.69
N VAL A 17 -22.71 -44.76 -55.49
CA VAL A 17 -22.12 -43.69 -56.28
C VAL A 17 -22.91 -43.32 -57.51
N ASP A 18 -24.07 -43.95 -57.73
CA ASP A 18 -24.94 -43.54 -58.82
C ASP A 18 -25.59 -42.21 -58.49
N GLN A 19 -26.26 -41.65 -59.51
CA GLN A 19 -26.74 -40.27 -59.55
C GLN A 19 -25.61 -39.31 -59.17
N GLY A 20 -24.54 -39.40 -59.96
CA GLY A 20 -23.38 -38.53 -59.80
C GLY A 20 -22.47 -38.95 -58.68
N VAL A 21 -21.17 -38.67 -58.81
CA VAL A 21 -20.23 -39.01 -57.75
C VAL A 21 -20.29 -38.01 -56.61
N LEU A 22 -20.50 -36.74 -56.93
CA LEU A 22 -20.45 -35.70 -55.91
C LEU A 22 -21.77 -35.53 -55.19
N ASN A 23 -22.88 -35.97 -55.77
CA ASN A 23 -24.19 -35.83 -55.16
C ASN A 23 -24.48 -36.81 -54.04
N ASN A 24 -23.60 -37.76 -53.77
CA ASN A 24 -23.77 -38.57 -52.56
C ASN A 24 -23.43 -37.79 -51.31
N GLY A 25 -24.43 -37.62 -50.44
CA GLY A 25 -24.33 -36.78 -49.26
C GLY A 25 -23.39 -37.29 -48.19
N CYS A 26 -22.95 -38.54 -48.28
CA CYS A 26 -21.96 -39.04 -47.34
C CYS A 26 -20.57 -38.88 -47.91
N PHE A 27 -20.46 -38.82 -49.23
CA PHE A 27 -19.17 -38.68 -49.89
C PHE A 27 -18.61 -37.27 -49.71
N VAL A 28 -19.48 -36.28 -49.57
CA VAL A 28 -19.05 -34.92 -49.30
C VAL A 28 -18.49 -34.82 -47.89
N ASP A 29 -19.04 -35.60 -46.96
CA ASP A 29 -18.48 -35.63 -45.62
C ASP A 29 -17.13 -36.30 -45.61
N ALA A 30 -16.94 -37.32 -46.45
CA ALA A 30 -15.62 -37.93 -46.59
C ALA A 30 -14.62 -36.95 -47.19
N LEU A 31 -15.08 -36.08 -48.09
CA LEU A 31 -14.18 -35.05 -48.61
C LEU A 31 -13.84 -34.05 -47.52
N ASN A 32 -14.81 -33.66 -46.70
CA ASN A 32 -14.46 -32.74 -45.62
C ASN A 32 -13.62 -33.43 -44.56
N VAL A 33 -13.69 -34.76 -44.46
CA VAL A 33 -12.84 -35.52 -43.57
C VAL A 33 -11.39 -35.45 -44.02
N VAL A 34 -11.19 -35.34 -45.34
CA VAL A 34 -9.85 -35.52 -45.92
C VAL A 34 -8.80 -34.51 -45.44
N PRO A 35 -9.03 -33.18 -45.48
CA PRO A 35 -7.91 -32.27 -45.17
C PRO A 35 -7.51 -32.30 -43.71
N HIS A 36 -8.42 -32.65 -42.82
CA HIS A 36 -8.10 -32.64 -41.40
C HIS A 36 -7.17 -33.79 -41.05
N VAL A 37 -7.48 -35.00 -41.53
CA VAL A 37 -6.56 -36.09 -41.29
C VAL A 37 -5.29 -35.93 -42.10
N PHE A 38 -5.34 -35.19 -43.21
CA PHE A 38 -4.11 -34.85 -43.92
C PHE A 38 -3.19 -33.99 -43.06
N LEU A 39 -3.76 -32.99 -42.40
CA LEU A 39 -2.97 -32.14 -41.52
C LEU A 39 -2.48 -32.90 -40.29
N LEU A 40 -3.33 -33.77 -39.73
CA LEU A 40 -2.89 -34.63 -38.63
C LEU A 40 -1.71 -35.50 -39.04
N PHE A 41 -1.78 -36.10 -40.22
CA PHE A 41 -0.78 -37.07 -40.64
C PHE A 41 0.41 -36.41 -41.29
N ILE A 42 0.40 -35.09 -41.44
CA ILE A 42 1.62 -34.36 -41.80
C ILE A 42 2.17 -33.54 -40.66
N THR A 43 1.42 -33.31 -39.59
CA THR A 43 1.90 -32.49 -38.49
C THR A 43 2.01 -33.23 -37.16
N PHE A 44 1.78 -34.53 -37.12
CA PHE A 44 2.17 -35.22 -35.89
C PHE A 44 3.68 -35.37 -35.70
N PRO A 45 4.50 -35.74 -36.70
CA PRO A 45 5.95 -35.82 -36.45
C PRO A 45 6.57 -34.47 -36.11
N ILE A 46 6.06 -33.38 -36.69
CA ILE A 46 6.56 -32.05 -36.40
C ILE A 46 6.37 -31.71 -34.93
N LEU A 47 5.16 -31.97 -34.42
CA LEU A 47 4.86 -31.64 -33.03
C LEU A 47 5.60 -32.57 -32.08
N PHE A 48 5.78 -33.83 -32.44
CA PHE A 48 6.51 -34.72 -31.55
C PHE A 48 7.99 -34.41 -31.54
N ILE A 49 8.53 -33.97 -32.67
CA ILE A 49 9.90 -33.46 -32.73
C ILE A 49 10.05 -32.19 -31.92
N GLY A 50 9.04 -31.32 -31.96
CA GLY A 50 9.07 -30.11 -31.16
C GLY A 50 9.02 -30.34 -29.66
N TRP A 51 8.18 -31.28 -29.22
CA TRP A 51 8.10 -31.55 -27.79
C TRP A 51 9.35 -32.23 -27.26
N GLY A 52 9.97 -33.10 -28.05
CA GLY A 52 11.24 -33.68 -27.70
C GLY A 52 12.39 -32.68 -27.64
N SER A 63 13.76 -17.68 -24.31
CA SER A 63 14.79 -17.37 -25.29
C SER A 63 14.49 -16.05 -25.98
N THR A 64 13.69 -16.12 -27.04
CA THR A 64 13.35 -14.96 -27.85
C THR A 64 12.09 -15.28 -28.61
N TRP A 65 11.12 -14.37 -28.56
CA TRP A 65 9.85 -14.55 -29.26
C TRP A 65 9.55 -13.33 -30.11
N LEU A 66 8.98 -13.59 -31.28
CA LEU A 66 8.50 -12.56 -32.19
C LEU A 66 7.21 -13.09 -32.80
N HIS A 67 6.10 -12.42 -32.52
CA HIS A 67 4.82 -12.79 -33.11
C HIS A 67 4.78 -12.37 -34.58
N PHE A 68 4.18 -13.22 -35.43
CA PHE A 68 4.06 -12.89 -36.83
C PHE A 68 3.09 -11.74 -37.04
N PRO A 69 3.28 -10.94 -38.10
CA PRO A 69 2.43 -9.76 -38.30
C PRO A 69 1.01 -10.14 -38.66
N GLY A 70 0.06 -9.54 -37.93
CA GLY A 70 -1.33 -9.88 -38.11
C GLY A 70 -1.60 -11.26 -37.60
N HIS A 71 -1.54 -11.47 -36.29
CA HIS A 71 -1.80 -12.78 -35.73
C HIS A 71 -2.88 -12.78 -34.67
N ASN A 72 -3.29 -11.63 -34.16
CA ASN A 72 -4.39 -11.59 -33.20
C ASN A 72 -5.71 -11.98 -33.86
N LEU A 73 -5.94 -11.49 -35.09
CA LEU A 73 -7.15 -11.87 -35.80
C LEU A 73 -7.10 -13.32 -36.26
N ARG A 74 -5.88 -13.83 -36.50
CA ARG A 74 -5.70 -15.27 -36.69
C ARG A 74 -6.22 -16.04 -35.49
N TRP A 75 -5.84 -15.62 -34.28
CA TRP A 75 -6.24 -16.35 -33.10
C TRP A 75 -7.73 -16.24 -32.85
N ILE A 76 -8.32 -15.07 -33.07
CA ILE A 76 -9.74 -14.93 -32.80
C ILE A 76 -10.58 -15.65 -33.86
N LEU A 77 -10.06 -15.75 -35.09
CA LEU A 77 -10.77 -16.54 -36.08
C LEU A 77 -10.69 -18.02 -35.76
N THR A 78 -9.57 -18.47 -35.18
CA THR A 78 -9.48 -19.87 -34.76
C THR A 78 -10.42 -20.17 -33.61
N PHE A 79 -10.55 -19.22 -32.68
CA PHE A 79 -11.46 -19.41 -31.54
C PHE A 79 -12.90 -19.49 -32.02
N ILE A 80 -13.28 -18.62 -32.96
CA ILE A 80 -14.68 -18.63 -33.35
C ILE A 80 -14.98 -19.79 -34.30
N LEU A 81 -13.95 -20.34 -34.94
CA LEU A 81 -14.20 -21.56 -35.70
C LEU A 81 -14.27 -22.78 -34.80
N LEU A 82 -13.57 -22.76 -33.66
CA LEU A 82 -13.79 -23.78 -32.63
C LEU A 82 -15.21 -23.72 -32.09
N PHE A 83 -15.74 -22.50 -31.92
CA PHE A 83 -17.11 -22.34 -31.46
C PHE A 83 -18.12 -22.90 -32.45
N VAL A 84 -17.93 -22.57 -33.73
CA VAL A 84 -18.91 -23.07 -34.69
C VAL A 84 -18.71 -24.55 -34.99
N LEU A 85 -17.52 -25.09 -34.77
CA LEU A 85 -17.38 -26.53 -34.93
C LEU A 85 -17.99 -27.30 -33.77
N VAL A 86 -17.94 -26.75 -32.56
CA VAL A 86 -18.71 -27.34 -31.47
C VAL A 86 -20.21 -27.28 -31.74
N CYS A 87 -20.67 -26.19 -32.35
CA CYS A 87 -22.08 -26.09 -32.71
C CYS A 87 -22.48 -27.13 -33.77
N GLU A 88 -21.59 -27.38 -34.73
CA GLU A 88 -21.91 -28.39 -35.73
C GLU A 88 -21.77 -29.80 -35.17
N ILE A 89 -20.92 -29.98 -34.15
CA ILE A 89 -20.91 -31.24 -33.40
C ILE A 89 -22.26 -31.48 -32.74
N ALA A 90 -22.84 -30.44 -32.14
CA ALA A 90 -24.15 -30.58 -31.50
C ALA A 90 -25.24 -30.92 -32.51
N GLU A 91 -25.20 -30.28 -33.69
CA GLU A 91 -26.20 -30.58 -34.72
C GLU A 91 -26.05 -32.00 -35.23
N GLY A 92 -24.80 -32.45 -35.34
CA GLY A 92 -24.54 -33.79 -35.82
C GLY A 92 -25.00 -34.83 -34.82
N ILE A 93 -24.78 -34.56 -33.53
CA ILE A 93 -25.27 -35.45 -32.50
C ILE A 93 -26.79 -35.56 -32.51
N LEU A 94 -27.48 -34.43 -32.65
CA LEU A 94 -28.94 -34.54 -32.61
C LEU A 94 -29.52 -35.15 -33.88
N SER A 95 -28.78 -35.10 -34.98
CA SER A 95 -29.35 -35.70 -36.17
C SER A 95 -29.04 -37.18 -36.24
N ASP A 96 -27.84 -37.57 -35.86
CA ASP A 96 -27.53 -38.99 -35.87
C ASP A 96 -28.15 -39.70 -34.68
N GLY A 97 -28.61 -38.94 -33.68
CA GLY A 97 -29.30 -39.55 -32.56
C GLY A 97 -30.77 -39.76 -32.78
N VAL A 98 -31.40 -38.97 -33.65
CA VAL A 98 -32.84 -39.20 -33.82
C VAL A 98 -33.14 -40.47 -34.63
N THR A 99 -32.29 -40.85 -35.59
CA THR A 99 -32.65 -41.97 -36.45
C THR A 99 -32.43 -43.31 -35.76
N GLU A 100 -32.89 -44.38 -36.42
CA GLU A 100 -32.80 -45.72 -35.87
C GLU A 100 -31.38 -46.26 -35.95
N SER A 101 -30.67 -45.93 -37.02
CA SER A 101 -29.32 -46.43 -37.26
C SER A 101 -28.34 -45.57 -36.48
N ARG A 102 -27.05 -45.71 -36.76
CA ARG A 102 -26.11 -44.88 -36.01
C ARG A 102 -25.81 -43.58 -36.75
N HIS A 103 -25.63 -43.67 -38.07
CA HIS A 103 -25.36 -42.54 -38.97
C HIS A 103 -24.12 -41.76 -38.53
N LEU A 104 -22.97 -42.43 -38.61
CA LEU A 104 -21.73 -41.89 -38.06
C LEU A 104 -21.14 -40.78 -38.92
N HIS A 105 -21.74 -40.52 -40.08
CA HIS A 105 -21.30 -39.48 -41.01
C HIS A 105 -21.89 -38.13 -40.64
N LEU A 106 -22.54 -38.03 -39.49
CA LEU A 106 -23.03 -36.74 -39.02
C LEU A 106 -22.12 -36.09 -37.98
N TYR A 107 -21.33 -36.85 -37.23
CA TYR A 107 -20.53 -36.18 -36.20
C TYR A 107 -19.12 -36.75 -36.05
N MET A 108 -18.64 -37.55 -36.98
CA MET A 108 -17.21 -37.78 -37.09
C MET A 108 -16.41 -36.68 -37.83
N PRO A 109 -16.87 -36.12 -38.97
CA PRO A 109 -16.04 -35.09 -39.63
C PRO A 109 -15.89 -33.84 -38.81
N ALA A 110 -16.93 -33.45 -38.07
CA ALA A 110 -16.85 -32.27 -37.23
C ALA A 110 -15.88 -32.49 -36.09
N GLY A 111 -15.84 -33.73 -35.56
CA GLY A 111 -14.92 -34.02 -34.48
C GLY A 111 -13.48 -34.01 -34.94
N MET A 112 -13.21 -34.58 -36.13
CA MET A 112 -11.86 -34.52 -36.64
C MET A 112 -11.48 -33.11 -37.08
N ALA A 113 -12.46 -32.28 -37.44
CA ALA A 113 -12.18 -30.88 -37.71
C ALA A 113 -11.85 -30.11 -36.44
N PHE A 114 -12.52 -30.45 -35.33
CA PHE A 114 -12.21 -29.85 -34.04
C PHE A 114 -10.79 -30.19 -33.61
N MET A 115 -10.42 -31.46 -33.71
CA MET A 115 -9.06 -31.84 -33.34
C MET A 115 -8.03 -31.26 -34.30
N ALA A 116 -8.40 -31.07 -35.56
CA ALA A 116 -7.47 -30.46 -36.50
C ALA A 116 -7.27 -28.99 -36.23
N ALA A 117 -8.31 -28.29 -35.81
CA ALA A 117 -8.14 -26.88 -35.48
C ALA A 117 -7.33 -26.70 -34.21
N ILE A 118 -7.50 -27.60 -33.24
CA ILE A 118 -6.69 -27.56 -32.03
C ILE A 118 -5.23 -27.80 -32.36
N THR A 119 -4.96 -28.80 -33.20
CA THR A 119 -3.57 -29.06 -33.57
C THR A 119 -3.02 -27.99 -34.48
N SER A 120 -3.84 -27.30 -35.25
CA SER A 120 -3.27 -26.27 -36.09
C SER A 120 -3.06 -24.97 -35.35
N VAL A 121 -3.64 -24.82 -34.16
CA VAL A 121 -3.26 -23.65 -33.39
C VAL A 121 -2.09 -23.98 -32.47
N VAL A 122 -1.95 -25.24 -32.07
CA VAL A 122 -0.74 -25.64 -31.36
C VAL A 122 0.45 -25.57 -32.31
N TYR A 123 0.23 -25.98 -33.56
CA TYR A 123 1.23 -25.87 -34.60
C TYR A 123 1.60 -24.43 -34.90
N TYR A 124 0.61 -23.54 -34.90
CA TYR A 124 0.94 -22.14 -35.12
C TYR A 124 1.73 -21.58 -33.95
N HIS A 125 1.49 -22.07 -32.74
CA HIS A 125 2.30 -21.61 -31.63
C HIS A 125 3.72 -22.16 -31.69
N ASN A 126 3.87 -23.43 -32.06
CA ASN A 126 5.20 -24.00 -32.21
C ASN A 126 5.95 -23.50 -33.44
N ILE A 127 5.27 -22.87 -34.38
CA ILE A 127 5.93 -22.21 -35.49
C ILE A 127 6.07 -20.72 -35.24
N GLU A 128 5.41 -20.20 -34.21
CA GLU A 128 5.68 -18.85 -33.74
C GLU A 128 6.84 -18.80 -32.77
N THR A 129 7.10 -19.91 -32.08
CA THR A 129 8.26 -19.97 -31.20
C THR A 129 9.55 -19.93 -32.01
N SER A 130 9.63 -20.72 -33.06
CA SER A 130 10.80 -20.72 -33.94
C SER A 130 10.42 -20.00 -35.23
N ASN A 131 11.02 -18.83 -35.45
CA ASN A 131 10.70 -18.02 -36.61
C ASN A 131 11.23 -18.70 -37.86
N PHE A 132 10.39 -19.52 -38.48
CA PHE A 132 10.77 -20.26 -39.68
C PHE A 132 9.51 -20.40 -40.50
N PRO A 133 9.13 -19.35 -41.22
CA PRO A 133 7.77 -19.27 -41.78
C PRO A 133 7.54 -20.21 -42.94
N LYS A 134 8.62 -20.72 -43.56
CA LYS A 134 8.50 -21.63 -44.69
C LYS A 134 7.96 -22.99 -44.28
N LEU A 135 7.76 -23.24 -43.00
CA LEU A 135 7.22 -24.50 -42.53
C LEU A 135 5.73 -24.39 -42.25
N LEU A 136 5.13 -23.22 -42.40
CA LEU A 136 3.68 -23.16 -42.42
C LEU A 136 3.13 -22.99 -43.82
N ILE A 137 3.92 -23.33 -44.82
CA ILE A 137 3.41 -23.46 -46.18
C ILE A 137 2.45 -24.63 -46.24
N ALA A 138 2.79 -25.71 -45.53
CA ALA A 138 1.93 -26.87 -45.42
C ALA A 138 0.62 -26.50 -44.78
N LEU A 139 0.66 -25.54 -43.83
CA LEU A 139 -0.55 -25.13 -43.15
C LEU A 139 -1.42 -24.36 -44.12
N LEU A 140 -0.78 -23.59 -45.01
CA LEU A 140 -1.53 -22.84 -45.99
C LEU A 140 -2.08 -23.78 -47.04
N ILE A 141 -1.34 -24.86 -47.32
CA ILE A 141 -1.87 -25.82 -48.28
C ILE A 141 -2.99 -26.61 -47.64
N TYR A 142 -2.95 -26.75 -46.32
CA TYR A 142 -4.11 -27.22 -45.57
C TYR A 142 -5.31 -26.30 -45.77
N TRP A 143 -5.08 -24.99 -45.62
CA TRP A 143 -6.19 -24.04 -45.58
C TRP A 143 -6.92 -23.90 -46.90
N THR A 144 -6.23 -24.03 -48.02
CA THR A 144 -7.01 -23.97 -49.26
C THR A 144 -7.80 -25.24 -49.49
N LEU A 145 -7.32 -26.39 -48.99
CA LEU A 145 -8.03 -27.63 -49.27
C LEU A 145 -9.35 -27.71 -48.53
N ALA A 146 -9.34 -27.35 -47.25
CA ALA A 146 -10.58 -27.34 -46.51
C ALA A 146 -11.49 -26.24 -47.00
N PHE A 147 -10.90 -25.11 -47.46
CA PHE A 147 -11.70 -24.05 -48.04
C PHE A 147 -12.39 -24.53 -49.28
N ILE A 148 -11.69 -25.32 -50.10
CA ILE A 148 -12.33 -25.87 -51.27
C ILE A 148 -13.40 -26.89 -50.86
N THR A 149 -13.07 -27.75 -49.90
CA THR A 149 -13.95 -28.88 -49.59
C THR A 149 -15.27 -28.47 -48.96
N LYS A 150 -15.24 -27.52 -48.03
CA LYS A 150 -16.49 -27.10 -47.46
C LYS A 150 -17.25 -26.20 -48.39
N THR A 151 -16.55 -25.56 -49.35
CA THR A 151 -17.25 -24.84 -50.40
C THR A 151 -18.07 -25.79 -51.24
N ILE A 152 -17.48 -26.96 -51.55
CA ILE A 152 -18.21 -28.02 -52.23
C ILE A 152 -19.42 -28.43 -51.43
N LYS A 153 -19.21 -28.61 -50.12
CA LYS A 153 -20.32 -29.03 -49.25
C LYS A 153 -21.39 -27.97 -49.22
N PHE A 154 -20.98 -26.70 -49.23
CA PHE A 154 -21.96 -25.63 -49.16
C PHE A 154 -22.69 -25.53 -50.49
N VAL A 155 -21.94 -25.70 -51.58
CA VAL A 155 -22.58 -25.61 -52.87
C VAL A 155 -23.41 -26.85 -53.12
N LYS A 156 -23.08 -27.97 -52.48
CA LYS A 156 -23.98 -29.09 -52.64
C LYS A 156 -25.24 -28.92 -51.83
N PHE A 157 -25.15 -28.21 -50.69
CA PHE A 157 -26.37 -27.83 -50.00
C PHE A 157 -27.19 -26.88 -50.84
N TYR A 158 -26.51 -26.01 -51.59
CA TYR A 158 -27.22 -25.12 -52.49
C TYR A 158 -27.73 -25.88 -53.69
N ASP A 159 -27.06 -26.96 -54.07
CA ASP A 159 -27.59 -27.69 -55.20
C ASP A 159 -28.70 -28.59 -54.71
N HIS A 160 -28.64 -29.01 -53.45
CA HIS A 160 -29.73 -29.74 -52.86
C HIS A 160 -30.80 -28.85 -52.22
N ALA A 161 -30.64 -27.52 -52.32
CA ALA A 161 -31.67 -26.54 -51.95
C ALA A 161 -32.08 -26.65 -50.49
N ILE A 162 -31.10 -26.71 -49.60
CA ILE A 162 -31.40 -26.71 -48.16
C ILE A 162 -31.92 -25.33 -47.73
N GLY A 163 -31.14 -24.28 -48.00
CA GLY A 163 -31.52 -22.95 -47.59
C GLY A 163 -31.23 -22.66 -46.13
N PHE A 164 -31.59 -21.43 -45.72
CA PHE A 164 -31.32 -20.97 -44.36
C PHE A 164 -32.28 -21.56 -43.34
N SER A 165 -33.20 -22.42 -43.75
CA SER A 165 -34.16 -22.99 -42.82
C SER A 165 -33.51 -24.02 -41.92
N GLN A 166 -32.79 -24.95 -42.51
CA GLN A 166 -32.06 -25.93 -41.73
C GLN A 166 -30.79 -25.33 -41.15
N LEU A 167 -30.31 -25.96 -40.08
CA LEU A 167 -29.24 -25.38 -39.31
C LEU A 167 -27.89 -25.63 -39.99
N ARG A 168 -27.70 -26.84 -40.52
CA ARG A 168 -26.39 -27.25 -41.02
C ARG A 168 -25.97 -26.47 -42.25
N PHE A 169 -26.93 -25.93 -43.00
CA PHE A 169 -26.61 -25.03 -44.12
C PHE A 169 -25.95 -23.76 -43.61
N CYS A 170 -26.55 -23.16 -42.59
CA CYS A 170 -26.02 -21.94 -41.99
C CYS A 170 -24.68 -22.21 -41.34
N LEU A 171 -24.57 -23.30 -40.59
CA LEU A 171 -23.32 -23.65 -39.93
C LEU A 171 -22.23 -23.93 -40.96
N THR A 172 -22.61 -24.55 -42.07
CA THR A 172 -21.66 -24.90 -43.11
C THR A 172 -21.14 -23.66 -43.81
N GLY A 173 -22.03 -22.73 -44.13
CA GLY A 173 -21.61 -21.44 -44.68
C GLY A 173 -20.76 -20.65 -43.70
N LEU A 174 -21.06 -20.79 -42.40
CA LEU A 174 -20.29 -20.10 -41.38
C LEU A 174 -18.85 -20.61 -41.34
N LEU A 175 -18.67 -21.93 -41.39
CA LEU A 175 -17.26 -22.33 -41.36
C LEU A 175 -16.61 -22.26 -42.72
N VAL A 176 -17.39 -22.11 -43.79
CA VAL A 176 -16.81 -21.75 -45.09
C VAL A 176 -16.20 -20.37 -45.01
N ILE A 177 -16.94 -19.41 -44.46
CA ILE A 177 -16.38 -18.08 -44.34
C ILE A 177 -15.29 -18.02 -43.28
N LEU A 178 -15.31 -18.94 -42.32
CA LEU A 178 -14.18 -19.11 -41.41
C LEU A 178 -12.92 -19.50 -42.17
N TYR A 179 -13.00 -20.53 -43.02
CA TYR A 179 -11.79 -20.98 -43.71
C TYR A 179 -11.36 -19.98 -44.74
N GLY A 180 -12.31 -19.24 -45.31
CA GLY A 180 -11.94 -18.16 -46.22
C GLY A 180 -11.18 -17.06 -45.51
N MET A 181 -11.64 -16.70 -44.31
CA MET A 181 -10.99 -15.60 -43.61
C MET A 181 -9.64 -16.01 -43.06
N LEU A 182 -9.49 -17.27 -42.64
CA LEU A 182 -8.17 -17.65 -42.19
C LEU A 182 -7.22 -18.05 -43.32
N LEU A 183 -7.75 -18.42 -44.50
CA LEU A 183 -6.90 -18.45 -45.69
C LEU A 183 -6.42 -17.06 -46.07
N LEU A 184 -7.29 -16.06 -45.94
CA LEU A 184 -6.87 -14.68 -46.17
C LEU A 184 -5.86 -14.22 -45.14
N VAL A 185 -5.96 -14.69 -43.90
CA VAL A 185 -4.93 -14.42 -42.91
C VAL A 185 -3.60 -15.09 -43.29
N GLU A 186 -3.68 -16.31 -43.80
CA GLU A 186 -2.48 -17.03 -44.20
C GLU A 186 -1.79 -16.33 -45.36
N VAL A 187 -2.57 -15.86 -46.34
CA VAL A 187 -1.95 -15.14 -47.43
C VAL A 187 -1.59 -13.71 -47.07
N ASN A 188 -2.18 -13.13 -46.02
CA ASN A 188 -1.67 -11.87 -45.50
C ASN A 188 -0.28 -12.05 -44.90
N VAL A 189 -0.09 -13.17 -44.19
CA VAL A 189 1.24 -13.47 -43.65
C VAL A 189 2.24 -13.73 -44.77
N ILE A 190 1.80 -14.48 -45.79
CA ILE A 190 2.59 -14.68 -47.02
C ILE A 190 2.98 -13.36 -47.66
N ARG A 191 2.04 -12.41 -47.71
CA ARG A 191 2.29 -11.13 -48.34
C ARG A 191 3.28 -10.32 -47.51
N VAL A 192 3.12 -10.35 -46.19
CA VAL A 192 3.93 -9.49 -45.33
C VAL A 192 5.36 -10.02 -45.24
N ARG A 193 5.52 -11.27 -44.83
CA ARG A 193 6.87 -11.75 -44.58
C ARG A 193 7.62 -12.24 -45.82
N ARG A 194 6.92 -12.54 -46.93
CA ARG A 194 7.51 -12.68 -48.27
C ARG A 194 8.57 -13.79 -48.34
N TYR A 195 8.23 -14.97 -47.83
CA TYR A 195 9.20 -16.04 -47.72
C TYR A 195 9.17 -17.05 -48.84
N ILE A 196 7.99 -17.38 -49.38
CA ILE A 196 7.87 -18.57 -50.23
C ILE A 196 8.39 -18.33 -51.63
N PHE A 197 7.87 -17.29 -52.31
CA PHE A 197 8.15 -17.09 -53.72
C PHE A 197 8.90 -15.81 -54.00
N PHE A 198 9.51 -15.21 -52.99
CA PHE A 198 10.16 -13.92 -53.13
C PHE A 198 11.67 -14.12 -53.02
N LYS A 199 12.41 -13.41 -53.89
CA LYS A 199 13.86 -13.56 -53.91
C LYS A 199 14.51 -12.98 -52.67
N THR A 200 13.90 -11.96 -52.08
CA THR A 200 14.40 -11.35 -50.86
C THR A 200 13.33 -11.42 -49.79
N PRO A 201 13.57 -12.14 -48.69
CA PRO A 201 12.55 -12.25 -47.64
C PRO A 201 12.64 -11.08 -46.67
N ARG A 202 11.48 -10.61 -46.23
CA ARG A 202 11.45 -9.63 -45.16
C ARG A 202 11.76 -10.29 -43.82
N GLU A 203 12.57 -9.60 -43.02
CA GLU A 203 13.09 -10.13 -41.77
C GLU A 203 12.88 -9.08 -40.69
N VAL A 204 12.19 -9.47 -39.63
CA VAL A 204 11.91 -8.59 -38.50
C VAL A 204 12.80 -9.02 -37.34
N LYS A 205 12.97 -8.10 -36.39
CA LYS A 205 13.78 -8.36 -35.23
C LYS A 205 12.89 -8.50 -34.00
N PRO A 206 13.37 -9.21 -32.97
CA PRO A 206 12.66 -9.21 -31.70
C PRO A 206 12.66 -7.83 -31.06
N PRO A 207 11.65 -7.52 -30.27
CA PRO A 207 11.54 -6.19 -29.67
C PRO A 207 12.59 -5.96 -28.60
N GLU A 208 12.80 -4.69 -28.27
CA GLU A 208 13.83 -4.31 -27.32
C GLU A 208 13.47 -4.76 -25.91
N ASP A 209 12.18 -4.85 -25.60
CA ASP A 209 11.76 -5.35 -24.29
C ASP A 209 12.12 -6.83 -24.15
N LEU A 210 12.02 -7.58 -25.24
CA LEU A 210 12.50 -8.96 -25.24
C LEU A 210 14.01 -8.99 -25.22
N GLN A 211 14.63 -8.05 -25.94
CA GLN A 211 16.08 -7.98 -26.06
C GLN A 211 16.76 -7.46 -24.81
N ASP A 212 16.00 -6.89 -23.86
CA ASP A 212 16.58 -6.50 -22.58
C ASP A 212 17.09 -7.71 -21.80
N LEU A 213 16.35 -8.82 -21.85
CA LEU A 213 16.42 -10.02 -21.00
C LEU A 213 16.21 -9.81 -19.50
N GLY A 214 15.99 -8.57 -19.08
CA GLY A 214 15.74 -8.29 -17.68
C GLY A 214 14.27 -7.93 -17.50
N VAL A 215 13.40 -8.55 -18.30
CA VAL A 215 11.97 -8.38 -18.18
C VAL A 215 11.29 -9.73 -18.28
N ARG A 216 10.77 -10.20 -17.16
CA ARG A 216 10.03 -11.45 -17.05
C ARG A 216 8.56 -11.23 -17.40
N PHE A 217 8.01 -10.08 -17.00
CA PHE A 217 6.61 -9.76 -17.23
C PHE A 217 6.45 -9.43 -18.70
N LEU A 218 6.25 -10.47 -19.50
CA LEU A 218 6.24 -10.40 -20.95
C LEU A 218 4.82 -10.45 -21.50
N GLN A 219 3.85 -10.03 -20.69
CA GLN A 219 2.45 -10.09 -21.12
C GLN A 219 2.14 -9.16 -22.30
N PRO A 220 2.67 -7.93 -22.43
CA PRO A 220 2.36 -7.16 -23.64
C PRO A 220 3.03 -7.69 -24.90
N PHE A 221 3.97 -8.63 -24.80
CA PHE A 221 4.56 -9.25 -25.99
C PHE A 221 4.50 -10.75 -25.76
N VAL A 222 3.32 -11.32 -26.00
CA VAL A 222 3.08 -12.76 -25.92
C VAL A 222 1.82 -13.01 -26.72
N ASN A 223 1.59 -14.27 -27.11
CA ASN A 223 0.45 -14.60 -27.94
C ASN A 223 -0.86 -14.41 -27.18
N LEU A 224 -1.95 -14.42 -27.94
CA LEU A 224 -3.24 -13.96 -27.41
C LEU A 224 -3.81 -14.92 -26.37
N LEU A 225 -3.54 -16.22 -26.49
CA LEU A 225 -4.02 -17.15 -25.48
C LEU A 225 -3.34 -16.92 -24.13
N SER A 226 -2.06 -16.58 -24.15
CA SER A 226 -1.41 -16.21 -22.90
C SER A 226 -1.80 -14.81 -22.45
N LYS A 227 -2.27 -13.97 -23.36
CA LYS A 227 -2.85 -12.71 -22.91
C LYS A 227 -4.20 -12.95 -22.25
N GLY A 228 -4.89 -14.01 -22.63
CA GLY A 228 -6.18 -14.31 -22.07
C GLY A 228 -6.15 -15.10 -20.78
N THR A 229 -5.26 -16.09 -20.69
CA THR A 229 -5.25 -17.04 -19.59
C THR A 229 -4.04 -16.91 -18.70
N TYR A 230 -3.12 -16.01 -19.05
CA TYR A 230 -1.94 -15.63 -18.26
C TYR A 230 -1.08 -16.85 -17.97
N TRP A 231 -0.69 -17.51 -19.05
CA TRP A 231 0.06 -18.74 -18.89
C TRP A 231 1.48 -18.49 -18.41
N TRP A 232 2.09 -17.38 -18.82
CA TRP A 232 3.46 -17.09 -18.40
C TRP A 232 3.56 -16.83 -16.91
N MET A 233 2.46 -16.42 -16.28
CA MET A 233 2.44 -16.23 -14.83
C MET A 233 2.67 -17.53 -14.10
N ASN A 234 2.28 -18.67 -14.70
CA ASN A 234 2.29 -19.95 -14.01
C ASN A 234 3.71 -20.35 -13.57
N ALA A 235 4.65 -20.34 -14.52
CA ALA A 235 6.05 -20.62 -14.22
C ALA A 235 6.69 -19.59 -13.31
N PHE A 236 6.15 -18.38 -13.28
CA PHE A 236 6.58 -17.39 -12.31
C PHE A 236 6.09 -17.78 -10.93
N ILE A 237 4.81 -18.11 -10.82
CA ILE A 237 4.20 -18.26 -9.51
C ILE A 237 4.73 -19.54 -8.88
N LYS A 238 4.89 -20.59 -9.69
CA LYS A 238 5.54 -21.82 -9.25
C LYS A 238 7.03 -21.60 -8.97
N THR A 239 7.66 -20.59 -9.57
CA THR A 239 9.03 -20.28 -9.18
C THR A 239 9.05 -19.70 -7.76
N ALA A 240 8.02 -18.93 -7.41
CA ALA A 240 7.93 -18.20 -6.16
C ALA A 240 7.83 -19.10 -4.94
N HIS A 241 7.54 -20.38 -5.15
CA HIS A 241 7.45 -21.33 -4.04
C HIS A 241 8.81 -21.85 -3.63
N LYS A 242 9.78 -21.89 -4.53
CA LYS A 242 11.10 -22.34 -4.14
C LYS A 242 11.87 -21.21 -3.50
N LYS A 243 12.12 -20.17 -4.26
CA LYS A 243 12.76 -18.98 -3.73
C LYS A 243 11.70 -17.89 -3.64
N PRO A 244 11.81 -17.00 -2.65
CA PRO A 244 10.89 -15.86 -2.60
C PRO A 244 11.18 -14.86 -3.69
N ILE A 245 10.27 -13.90 -3.84
CA ILE A 245 10.30 -12.96 -4.96
C ILE A 245 11.06 -11.74 -4.48
N ASP A 246 12.33 -11.66 -4.85
CA ASP A 246 13.09 -10.44 -4.59
C ASP A 246 12.77 -9.39 -5.64
N LEU A 247 13.20 -8.15 -5.36
CA LEU A 247 13.01 -7.09 -6.34
C LEU A 247 13.88 -7.30 -7.56
N ARG A 248 15.05 -7.93 -7.41
CA ARG A 248 15.84 -8.26 -8.58
C ARG A 248 15.16 -9.34 -9.40
N ALA A 249 14.39 -10.22 -8.75
CA ALA A 249 13.64 -11.23 -9.47
C ALA A 249 12.51 -10.61 -10.29
N ILE A 250 12.00 -9.46 -9.86
CA ILE A 250 10.97 -8.78 -10.63
C ILE A 250 11.55 -8.22 -11.91
N ALA A 251 10.66 -7.98 -12.87
CA ALA A 251 11.01 -7.56 -14.22
C ALA A 251 11.41 -6.08 -14.25
N LYS A 252 11.93 -5.67 -15.39
CA LYS A 252 12.18 -4.26 -15.62
C LYS A 252 10.88 -3.61 -16.08
N LEU A 253 10.92 -2.32 -16.30
CA LEU A 253 9.77 -1.55 -16.75
C LEU A 253 9.80 -1.42 -18.26
N PRO A 254 9.21 -2.35 -19.02
CA PRO A 254 9.36 -2.36 -20.50
C PRO A 254 8.87 -1.08 -21.16
N ILE A 255 9.12 -1.00 -22.48
CA ILE A 255 9.12 0.29 -23.17
C ILE A 255 7.72 0.90 -23.15
N ALA A 256 6.69 0.07 -23.37
CA ALA A 256 5.33 0.58 -23.41
C ALA A 256 4.84 1.00 -22.03
N MET A 257 5.50 0.52 -20.97
CA MET A 257 5.14 0.83 -19.60
C MET A 257 6.23 1.59 -18.85
N ARG A 258 7.29 2.01 -19.54
CA ARG A 258 8.27 2.87 -18.89
C ARG A 258 7.66 4.23 -18.60
N ALA A 259 7.92 4.72 -17.39
CA ALA A 259 7.31 5.96 -16.94
C ALA A 259 7.78 7.15 -17.76
N LEU A 260 9.00 7.09 -18.30
CA LEU A 260 9.46 8.16 -19.18
C LEU A 260 8.69 8.14 -20.48
N THR A 261 8.41 6.94 -20.99
CA THR A 261 7.69 6.80 -22.25
C THR A 261 6.24 7.22 -22.09
N ASN A 262 5.61 6.78 -21.00
CA ASN A 262 4.24 7.19 -20.72
C ASN A 262 4.18 8.67 -20.42
N TYR A 263 5.23 9.22 -19.82
CA TYR A 263 5.31 10.64 -19.57
C TYR A 263 5.45 11.41 -20.88
N GLN A 264 6.24 10.89 -21.82
CA GLN A 264 6.34 11.50 -23.14
C GLN A 264 5.00 11.48 -23.84
N ARG A 265 4.27 10.38 -23.73
CA ARG A 265 2.96 10.28 -24.35
C ARG A 265 2.00 11.28 -23.73
N LEU A 266 2.08 11.41 -22.40
CA LEU A 266 1.22 12.36 -21.69
C LEU A 266 1.60 13.78 -22.01
N CYS A 267 2.89 14.04 -22.22
CA CYS A 267 3.32 15.38 -22.57
C CYS A 267 2.93 15.72 -24.01
N VAL A 268 2.90 14.72 -24.88
CA VAL A 268 2.35 14.90 -26.22
C VAL A 268 0.88 15.27 -26.14
N ALA A 269 0.16 14.62 -25.22
CA ALA A 269 -1.25 14.94 -25.00
C ALA A 269 -1.39 16.37 -24.49
N PHE A 270 -0.53 16.75 -23.55
CA PHE A 270 -0.52 18.12 -23.01
C PHE A 270 -0.25 19.13 -24.10
N ASP A 271 0.70 18.84 -24.99
CA ASP A 271 1.04 19.80 -26.04
C ASP A 271 -0.10 19.90 -27.04
N ALA A 272 -0.74 18.78 -27.36
CA ALA A 272 -1.86 18.81 -28.31
C ALA A 272 -3.05 19.55 -27.73
N GLN A 273 -3.34 19.34 -26.44
CA GLN A 273 -4.45 20.03 -25.80
C GLN A 273 -4.14 21.52 -25.63
N ALA A 274 -2.93 21.83 -25.16
CA ALA A 274 -2.51 23.20 -24.93
C ALA A 274 -2.35 23.99 -26.22
N ARG A 275 -2.18 23.31 -27.36
CA ARG A 275 -2.20 24.04 -28.61
C ARG A 275 -3.62 24.35 -29.03
N LYS A 276 -4.53 23.38 -28.90
CA LYS A 276 -5.89 23.57 -29.39
C LYS A 276 -6.74 24.44 -28.47
N ASP A 277 -6.46 24.44 -27.16
CA ASP A 277 -7.24 25.23 -26.22
C ASP A 277 -6.50 26.47 -25.76
N THR A 278 -5.29 26.30 -25.25
CA THR A 278 -4.39 27.33 -24.73
C THR A 278 -5.00 28.19 -23.62
N GLN A 279 -6.03 27.72 -22.92
CA GLN A 279 -6.57 28.50 -21.82
C GLN A 279 -5.62 28.43 -20.63
N SER A 280 -5.24 29.59 -20.12
CA SER A 280 -4.37 29.78 -18.97
C SER A 280 -4.98 29.62 -17.57
N PRO A 281 -6.23 30.09 -17.28
CA PRO A 281 -6.85 29.68 -16.01
C PRO A 281 -7.69 28.42 -16.08
N GLN A 282 -7.48 27.62 -17.11
CA GLN A 282 -8.02 26.28 -17.14
C GLN A 282 -6.99 25.29 -16.58
N GLY A 283 -7.16 24.03 -16.93
CA GLY A 283 -6.45 22.91 -16.37
C GLY A 283 -7.43 21.76 -16.27
N ALA A 284 -8.67 22.03 -15.84
CA ALA A 284 -9.60 20.94 -15.58
C ALA A 284 -10.01 20.31 -16.91
N ARG A 285 -10.45 21.15 -17.85
CA ARG A 285 -10.78 20.68 -19.19
C ARG A 285 -9.53 20.21 -19.91
N ALA A 286 -8.38 20.82 -19.56
CA ALA A 286 -7.10 20.40 -20.11
C ALA A 286 -6.76 19.00 -19.64
N ILE A 287 -6.97 18.72 -18.34
CA ILE A 287 -6.75 17.39 -17.81
C ILE A 287 -7.70 16.41 -18.45
N TRP A 288 -8.93 16.86 -18.74
CA TRP A 288 -9.94 15.99 -19.31
C TRP A 288 -9.59 15.57 -20.73
N ARG A 289 -9.29 16.55 -21.59
CA ARG A 289 -8.84 16.25 -22.94
C ARG A 289 -7.52 15.51 -22.98
N ALA A 290 -6.58 15.85 -22.08
CA ALA A 290 -5.27 15.19 -22.11
C ALA A 290 -5.37 13.75 -21.65
N LEU A 291 -6.12 13.49 -20.59
CA LEU A 291 -6.29 12.13 -20.12
C LEU A 291 -7.09 11.29 -21.10
N CYS A 292 -8.15 11.86 -21.68
CA CYS A 292 -8.94 11.12 -22.65
C CYS A 292 -8.15 10.79 -23.90
N HIS A 293 -7.44 11.76 -24.46
CA HIS A 293 -6.63 11.50 -25.65
C HIS A 293 -5.44 10.59 -25.35
N ALA A 294 -4.93 10.61 -24.12
CA ALA A 294 -3.76 9.79 -23.83
C ALA A 294 -4.09 8.39 -23.40
N PHE A 295 -5.27 8.15 -22.82
CA PHE A 295 -5.56 6.82 -22.29
C PHE A 295 -6.86 6.21 -22.79
N GLY A 296 -7.55 6.84 -23.75
CA GLY A 296 -8.73 6.22 -24.29
C GLY A 296 -8.43 4.97 -25.10
N ARG A 297 -7.24 4.91 -25.71
CA ARG A 297 -6.90 3.79 -26.56
C ARG A 297 -6.75 2.49 -25.80
N ARG A 298 -6.55 2.55 -24.48
CA ARG A 298 -6.65 1.36 -23.66
C ARG A 298 -7.92 1.32 -22.81
N LEU A 299 -8.41 2.47 -22.34
CA LEU A 299 -9.56 2.45 -21.44
C LEU A 299 -10.84 2.07 -22.17
N ILE A 300 -10.99 2.53 -23.42
CA ILE A 300 -12.12 2.15 -24.23
C ILE A 300 -12.05 0.68 -24.60
N LEU A 301 -10.84 0.16 -24.79
CA LEU A 301 -10.68 -1.27 -25.04
C LEU A 301 -11.10 -2.09 -23.83
N SER A 302 -10.70 -1.62 -22.64
CA SER A 302 -11.12 -2.29 -21.41
C SER A 302 -12.64 -2.23 -21.25
N SER A 303 -13.23 -1.08 -21.56
CA SER A 303 -14.67 -0.93 -21.47
C SER A 303 -15.39 -1.80 -22.50
N THR A 304 -14.80 -1.97 -23.68
CA THR A 304 -15.38 -2.82 -24.71
C THR A 304 -15.40 -4.27 -24.29
N PHE A 305 -14.27 -4.74 -23.73
CA PHE A 305 -14.23 -6.09 -23.19
C PHE A 305 -15.20 -6.26 -22.03
N ARG A 306 -15.37 -5.20 -21.23
CA ARG A 306 -16.29 -5.28 -20.10
C ARG A 306 -17.74 -5.30 -20.55
N ILE A 307 -18.07 -4.55 -21.61
CA ILE A 307 -19.43 -4.57 -22.12
C ILE A 307 -19.77 -5.91 -22.74
N LEU A 308 -18.81 -6.48 -23.49
CA LEU A 308 -19.03 -7.82 -24.04
C LEU A 308 -19.12 -8.87 -22.94
N ALA A 309 -18.35 -8.70 -21.87
CA ALA A 309 -18.44 -9.62 -20.74
C ALA A 309 -19.75 -9.48 -19.99
N ASP A 310 -20.30 -8.27 -19.93
CA ASP A 310 -21.60 -8.08 -19.30
C ASP A 310 -22.70 -8.73 -20.12
N LEU A 311 -22.65 -8.55 -21.43
CA LEU A 311 -23.67 -9.15 -22.29
C LEU A 311 -23.60 -10.67 -22.26
N LEU A 312 -22.39 -11.24 -22.29
CA LEU A 312 -22.26 -12.68 -22.15
C LEU A 312 -22.47 -13.16 -20.72
N GLY A 313 -22.41 -12.27 -19.74
CA GLY A 313 -22.88 -12.62 -18.40
C GLY A 313 -24.38 -12.75 -18.32
N PHE A 314 -25.11 -11.87 -19.00
CA PHE A 314 -26.55 -11.97 -18.99
C PHE A 314 -27.07 -13.05 -19.92
N ALA A 315 -26.19 -13.65 -20.72
CA ALA A 315 -26.46 -14.87 -21.48
C ALA A 315 -26.30 -16.14 -20.64
N GLY A 316 -26.27 -16.01 -19.32
CA GLY A 316 -26.25 -17.13 -18.43
C GLY A 316 -27.62 -17.61 -17.95
N PRO A 317 -28.43 -16.74 -17.34
CA PRO A 317 -29.76 -17.17 -16.90
C PRO A 317 -30.70 -17.59 -18.02
N LEU A 318 -30.48 -17.11 -19.25
CA LEU A 318 -31.27 -17.57 -20.38
C LEU A 318 -31.09 -19.06 -20.63
N CYS A 319 -29.88 -19.57 -20.41
CA CYS A 319 -29.64 -20.99 -20.59
C CYS A 319 -30.31 -21.81 -19.50
N ILE A 320 -30.34 -21.28 -18.27
CA ILE A 320 -31.07 -21.93 -17.18
C ILE A 320 -32.55 -21.96 -17.48
N PHE A 321 -33.08 -20.87 -18.02
CA PHE A 321 -34.48 -20.79 -18.41
C PHE A 321 -34.83 -21.80 -19.48
N GLY A 322 -33.99 -21.92 -20.50
CA GLY A 322 -34.27 -22.90 -21.55
C GLY A 322 -34.17 -24.32 -21.07
N ILE A 323 -33.17 -24.61 -20.23
CA ILE A 323 -32.98 -25.96 -19.70
C ILE A 323 -34.16 -26.38 -18.84
N VAL A 324 -34.57 -25.51 -17.91
CA VAL A 324 -35.64 -25.93 -17.02
C VAL A 324 -37.00 -25.90 -17.73
N ASP A 325 -37.19 -25.03 -18.74
CA ASP A 325 -38.44 -25.05 -19.47
C ASP A 325 -38.60 -26.28 -20.34
N HIS A 326 -37.50 -26.71 -20.99
CA HIS A 326 -37.60 -27.96 -21.75
C HIS A 326 -37.62 -29.18 -20.86
N LEU A 327 -36.98 -29.12 -19.70
CA LEU A 327 -37.00 -30.26 -18.82
C LEU A 327 -38.30 -30.40 -18.05
N GLY A 328 -39.03 -29.28 -17.86
CA GLY A 328 -40.41 -29.31 -17.45
C GLY A 328 -41.41 -29.71 -18.50
N LYS A 329 -41.14 -29.45 -19.78
CA LYS A 329 -42.11 -29.90 -20.75
C LYS A 329 -41.87 -31.32 -21.26
N GLU A 330 -41.62 -32.26 -20.35
CA GLU A 330 -41.84 -33.70 -20.50
C GLU A 330 -40.92 -34.42 -21.50
N ASN A 331 -40.12 -33.64 -22.24
CA ASN A 331 -39.24 -34.09 -23.32
C ASN A 331 -40.00 -34.93 -24.34
N HIS A 332 -40.99 -34.30 -24.97
CA HIS A 332 -42.00 -35.09 -25.66
C HIS A 332 -41.55 -35.46 -27.07
N VAL A 333 -41.08 -34.47 -27.82
CA VAL A 333 -40.85 -34.57 -29.26
C VAL A 333 -39.52 -35.24 -29.59
N PHE A 334 -38.43 -34.55 -29.24
CA PHE A 334 -37.04 -34.99 -29.44
C PHE A 334 -36.75 -35.37 -30.90
N GLN A 335 -37.28 -34.59 -31.84
CA GLN A 335 -37.11 -34.94 -33.24
C GLN A 335 -37.17 -33.69 -34.10
N PRO A 336 -36.45 -33.67 -35.22
CA PRO A 336 -36.51 -32.57 -36.18
C PRO A 336 -37.56 -32.84 -37.24
N LYS A 337 -38.15 -31.76 -37.74
CA LYS A 337 -39.19 -31.94 -38.75
C LYS A 337 -38.60 -32.27 -40.11
N THR A 338 -37.57 -31.53 -40.54
CA THR A 338 -37.14 -31.68 -41.93
C THR A 338 -36.37 -32.98 -42.14
N GLN A 339 -36.64 -33.61 -43.28
CA GLN A 339 -36.03 -34.87 -43.66
C GLN A 339 -35.72 -34.80 -45.15
N PHE A 340 -34.48 -34.45 -45.48
CA PHE A 340 -34.07 -34.35 -46.87
C PHE A 340 -33.16 -35.52 -47.22
N LEU A 341 -33.59 -36.32 -48.21
CA LEU A 341 -32.84 -37.48 -48.74
C LEU A 341 -32.49 -38.48 -47.65
N GLY A 342 -33.42 -38.70 -46.73
CA GLY A 342 -33.17 -39.62 -45.65
C GLY A 342 -32.33 -39.06 -44.53
N VAL A 343 -31.87 -37.81 -44.63
CA VAL A 343 -31.07 -37.18 -43.60
C VAL A 343 -31.95 -36.17 -42.89
N TYR A 344 -31.86 -36.16 -41.57
CA TYR A 344 -32.70 -35.29 -40.76
C TYR A 344 -31.97 -33.97 -40.54
N PHE A 345 -32.60 -32.87 -40.91
CA PHE A 345 -32.00 -31.57 -40.68
C PHE A 345 -32.65 -30.91 -39.48
N VAL A 346 -31.82 -30.50 -38.53
CA VAL A 346 -32.32 -29.93 -37.29
C VAL A 346 -32.77 -28.50 -37.56
N SER A 347 -34.02 -28.21 -37.27
CA SER A 347 -34.48 -26.83 -37.28
C SER A 347 -33.82 -26.07 -36.13
N SER A 348 -33.55 -24.79 -36.37
CA SER A 348 -32.78 -24.00 -35.40
C SER A 348 -33.55 -23.80 -34.11
N GLN A 349 -34.87 -23.79 -34.16
CA GLN A 349 -35.64 -23.75 -32.93
C GLN A 349 -35.49 -25.05 -32.18
N GLU A 350 -35.53 -26.18 -32.90
CA GLU A 350 -35.25 -27.47 -32.27
C GLU A 350 -33.78 -27.60 -31.89
N PHE A 351 -32.90 -26.88 -32.58
CA PHE A 351 -31.50 -26.87 -32.18
C PHE A 351 -31.35 -26.15 -30.85
N LEU A 352 -31.80 -24.90 -30.81
CA LEU A 352 -31.73 -24.10 -29.59
C LEU A 352 -32.80 -24.48 -28.59
N GLY A 353 -33.61 -25.51 -28.87
CA GLY A 353 -34.54 -26.04 -27.92
C GLY A 353 -34.10 -27.31 -27.27
N ASN A 354 -32.92 -27.82 -27.64
CA ASN A 354 -32.41 -29.04 -27.04
C ASN A 354 -31.91 -28.75 -25.63
N ALA A 355 -31.55 -29.81 -24.92
CA ALA A 355 -31.17 -29.70 -23.52
C ALA A 355 -29.65 -29.69 -23.36
N TYR A 356 -28.99 -30.72 -23.87
CA TYR A 356 -27.54 -30.83 -23.72
C TYR A 356 -26.84 -29.73 -24.49
N VAL A 357 -27.39 -29.37 -25.64
CA VAL A 357 -26.81 -28.34 -26.50
C VAL A 357 -26.83 -27.00 -25.78
N LEU A 358 -27.92 -26.72 -25.07
CA LEU A 358 -28.00 -25.47 -24.35
C LEU A 358 -27.07 -25.47 -23.16
N ALA A 359 -26.78 -26.64 -22.61
CA ALA A 359 -25.81 -26.72 -21.52
C ALA A 359 -24.39 -26.48 -22.00
N VAL A 360 -24.02 -27.04 -23.16
CA VAL A 360 -22.69 -26.78 -23.71
C VAL A 360 -22.55 -25.33 -24.16
N LEU A 361 -23.64 -24.74 -24.67
CA LEU A 361 -23.61 -23.33 -25.02
C LEU A 361 -23.45 -22.45 -23.79
N LEU A 362 -24.12 -22.84 -22.69
CA LEU A 362 -23.93 -22.17 -21.41
C LEU A 362 -22.50 -22.26 -20.93
N PHE A 363 -21.90 -23.45 -21.06
CA PHE A 363 -20.51 -23.63 -20.65
C PHE A 363 -19.55 -22.76 -21.44
N LEU A 364 -19.68 -22.75 -22.76
CA LEU A 364 -18.76 -21.93 -23.53
C LEU A 364 -19.04 -20.43 -23.39
N ALA A 365 -20.29 -20.07 -23.08
CA ALA A 365 -20.58 -18.66 -22.84
C ALA A 365 -20.02 -18.21 -21.51
N LEU A 366 -20.05 -19.07 -20.49
CA LEU A 366 -19.46 -18.69 -19.23
C LEU A 366 -17.95 -18.66 -19.35
N LEU A 367 -17.39 -19.59 -20.14
CA LEU A 367 -15.96 -19.62 -20.35
C LEU A 367 -15.45 -18.47 -21.20
N LEU A 368 -16.33 -17.69 -21.81
CA LEU A 368 -15.86 -16.48 -22.46
C LEU A 368 -16.21 -15.21 -21.72
N GLN A 369 -17.38 -15.17 -21.08
CA GLN A 369 -17.75 -14.08 -20.18
C GLN A 369 -16.72 -13.91 -19.07
N ARG A 370 -16.38 -14.99 -18.40
CA ARG A 370 -15.56 -14.95 -17.21
C ARG A 370 -14.08 -14.98 -17.57
N THR A 371 -13.76 -14.62 -18.78
CA THR A 371 -12.42 -14.32 -19.23
C THR A 371 -12.32 -12.90 -19.75
N PHE A 372 -13.34 -12.44 -20.49
CA PHE A 372 -13.35 -11.03 -20.87
C PHE A 372 -13.55 -10.11 -19.68
N LEU A 373 -14.25 -10.55 -18.63
CA LEU A 373 -14.38 -9.67 -17.45
C LEU A 373 -13.04 -9.46 -16.77
N GLN A 374 -12.24 -10.52 -16.67
CA GLN A 374 -10.94 -10.41 -16.04
C GLN A 374 -9.97 -9.68 -16.95
N ALA A 375 -10.12 -9.84 -18.26
CA ALA A 375 -9.29 -9.11 -19.21
C ALA A 375 -9.59 -7.62 -19.15
N SER A 376 -10.87 -7.27 -18.98
CA SER A 376 -11.25 -5.87 -18.85
C SER A 376 -10.68 -5.29 -17.57
N TYR A 377 -10.76 -6.07 -16.48
CA TYR A 377 -10.13 -5.72 -15.21
C TYR A 377 -8.66 -5.43 -15.39
N TYR A 378 -7.97 -6.33 -16.09
CA TYR A 378 -6.53 -6.21 -16.23
C TYR A 378 -6.14 -5.03 -17.11
N VAL A 379 -6.90 -4.76 -18.16
CA VAL A 379 -6.58 -3.63 -19.02
C VAL A 379 -6.83 -2.33 -18.27
N ALA A 380 -7.87 -2.31 -17.45
CA ALA A 380 -8.13 -1.15 -16.61
C ALA A 380 -7.01 -0.95 -15.61
N ILE A 381 -6.49 -2.05 -15.06
CA ILE A 381 -5.40 -1.96 -14.10
C ILE A 381 -4.12 -1.47 -14.77
N GLU A 382 -3.84 -1.97 -15.97
CA GLU A 382 -2.60 -1.58 -16.65
C GLU A 382 -2.65 -0.11 -17.05
N THR A 383 -3.83 0.36 -17.46
CA THR A 383 -3.98 1.77 -17.79
C THR A 383 -3.91 2.63 -16.53
N GLY A 384 -4.43 2.14 -15.42
CA GLY A 384 -4.29 2.86 -14.16
C GLY A 384 -2.86 2.95 -13.68
N ILE A 385 -2.07 1.90 -13.89
CA ILE A 385 -0.69 1.95 -13.44
C ILE A 385 0.14 2.89 -14.31
N ASN A 386 -0.16 2.91 -15.62
CA ASN A 386 0.52 3.90 -16.45
C ASN A 386 0.04 5.32 -16.20
N LEU A 387 -1.21 5.48 -15.75
CA LEU A 387 -1.65 6.79 -15.27
C LEU A 387 -0.90 7.22 -14.03
N ARG A 388 -0.71 6.31 -13.07
CA ARG A 388 0.03 6.62 -11.85
C ARG A 388 1.45 7.07 -12.17
N GLY A 389 2.10 6.32 -13.07
CA GLY A 389 3.44 6.64 -13.55
C GLY A 389 3.55 8.01 -14.20
N ALA A 390 2.74 8.26 -15.24
CA ALA A 390 2.88 9.50 -15.97
C ALA A 390 2.44 10.70 -15.14
N ILE A 391 1.44 10.53 -14.27
CA ILE A 391 0.96 11.68 -13.52
C ILE A 391 1.88 11.99 -12.37
N GLN A 392 2.48 10.97 -11.75
CA GLN A 392 3.50 11.21 -10.75
C GLN A 392 4.74 11.84 -11.37
N THR A 393 5.08 11.46 -12.60
CA THR A 393 6.22 12.07 -13.28
C THR A 393 5.95 13.53 -13.62
N LYS A 394 4.72 13.85 -13.99
CA LYS A 394 4.39 15.24 -14.27
C LYS A 394 4.39 16.08 -12.99
N ILE A 395 3.87 15.51 -11.91
CA ILE A 395 3.89 16.17 -10.60
C ILE A 395 5.32 16.43 -10.16
N TYR A 396 6.21 15.47 -10.39
CA TYR A 396 7.60 15.68 -9.99
C TYR A 396 8.29 16.69 -10.89
N ASN A 397 7.88 16.78 -12.16
CA ASN A 397 8.43 17.81 -13.03
C ASN A 397 8.00 19.20 -12.58
N LYS A 398 6.77 19.35 -12.12
CA LYS A 398 6.35 20.62 -11.58
C LYS A 398 6.72 20.77 -10.10
N ILE A 399 7.32 19.75 -9.50
CA ILE A 399 8.07 19.97 -8.28
C ILE A 399 9.45 20.51 -8.60
N MET A 400 10.05 20.04 -9.68
CA MET A 400 11.37 20.45 -10.16
C MET A 400 11.40 21.88 -10.69
N HIS A 401 10.33 22.67 -10.61
CA HIS A 401 10.39 24.07 -10.99
C HIS A 401 9.63 24.96 -10.03
N MET A 402 9.09 24.43 -8.95
CA MET A 402 8.25 25.22 -8.08
C MET A 402 9.04 26.16 -7.19
N SER A 403 8.60 27.42 -7.16
CA SER A 403 9.19 28.44 -6.31
C SER A 403 8.76 28.19 -4.87
N THR A 404 9.62 28.55 -3.93
CA THR A 404 9.19 28.42 -2.55
C THR A 404 8.60 29.71 -2.00
N SER A 405 9.26 30.85 -2.19
CA SER A 405 8.69 32.07 -1.62
C SER A 405 7.58 32.66 -2.45
N ASN A 406 7.24 32.06 -3.60
CA ASN A 406 6.03 32.47 -4.30
C ASN A 406 4.82 31.76 -3.72
N LEU A 407 5.05 30.93 -2.72
CA LEU A 407 4.03 30.25 -1.94
C LEU A 407 4.21 30.89 -0.58
N SER A 408 3.12 31.08 0.15
CA SER A 408 3.36 31.58 1.51
C SER A 408 3.76 30.43 2.42
N MET A 409 2.85 29.48 2.63
CA MET A 409 3.14 28.32 3.46
C MET A 409 3.88 27.28 2.62
N GLY A 410 5.16 27.53 2.36
CA GLY A 410 5.94 26.54 1.60
C GLY A 410 6.23 25.25 2.33
N GLU A 411 6.02 25.21 3.63
CA GLU A 411 6.22 23.98 4.40
C GLU A 411 4.88 23.26 4.43
N MET A 412 3.82 24.01 4.73
CA MET A 412 2.52 23.40 4.87
C MET A 412 2.06 22.94 3.51
N THR A 413 2.52 23.65 2.46
CA THR A 413 2.19 23.19 1.12
C THR A 413 3.11 22.05 0.73
N ALA A 414 4.34 21.95 1.25
CA ALA A 414 5.11 20.82 0.77
C ALA A 414 4.59 19.54 1.43
N GLY A 415 4.05 19.67 2.64
CA GLY A 415 3.39 18.53 3.28
C GLY A 415 2.11 18.21 2.55
N GLN A 416 1.43 19.28 2.11
CA GLN A 416 0.21 19.20 1.32
C GLN A 416 0.48 18.52 0.00
N ILE A 417 1.61 18.84 -0.63
CA ILE A 417 1.90 18.31 -1.95
C ILE A 417 2.39 16.89 -1.83
N CYS A 418 2.98 16.49 -0.70
CA CYS A 418 3.35 15.09 -0.55
C CYS A 418 2.10 14.24 -0.33
N ASN A 419 1.19 14.71 0.54
CA ASN A 419 -0.11 14.05 0.70
C ASN A 419 -0.94 14.14 -0.57
N LEU A 420 -0.79 15.23 -1.31
CA LEU A 420 -1.44 15.40 -2.61
C LEU A 420 -0.97 14.34 -3.58
N VAL A 421 0.35 14.17 -3.71
CA VAL A 421 0.91 13.17 -4.61
C VAL A 421 0.37 11.79 -4.25
N ALA A 422 0.52 11.41 -2.98
CA ALA A 422 0.08 10.09 -2.53
C ALA A 422 -1.42 9.89 -2.70
N ILE A 423 -2.23 10.65 -1.95
CA ILE A 423 -3.68 10.43 -1.93
C ILE A 423 -4.32 10.78 -3.27
N ASP A 424 -3.98 11.95 -3.83
CA ASP A 424 -4.57 12.41 -5.08
C ASP A 424 -4.24 11.47 -6.23
N THR A 425 -2.96 11.14 -6.40
CA THR A 425 -2.57 10.30 -7.52
C THR A 425 -3.09 8.89 -7.34
N ASN A 426 -3.15 8.41 -6.10
CA ASN A 426 -3.71 7.09 -5.85
C ASN A 426 -5.20 7.07 -6.14
N GLN A 427 -5.92 8.15 -5.81
CA GLN A 427 -7.35 8.12 -6.08
C GLN A 427 -7.67 8.42 -7.53
N LEU A 428 -6.75 9.07 -8.25
CA LEU A 428 -6.89 9.15 -9.70
C LEU A 428 -6.62 7.80 -10.34
N MET A 429 -5.67 7.06 -9.77
CA MET A 429 -5.43 5.68 -10.20
C MET A 429 -6.64 4.82 -9.93
N TRP A 430 -7.24 4.95 -8.75
CA TRP A 430 -8.45 4.20 -8.41
C TRP A 430 -9.66 4.63 -9.21
N PHE A 431 -9.67 5.84 -9.74
CA PHE A 431 -10.73 6.17 -10.67
C PHE A 431 -10.49 5.49 -12.00
N PHE A 432 -9.25 5.45 -12.45
CA PHE A 432 -9.04 4.69 -13.66
C PHE A 432 -8.96 3.18 -13.42
N PHE A 433 -9.10 2.70 -12.18
CA PHE A 433 -9.42 1.29 -12.02
C PHE A 433 -10.91 1.06 -12.23
N LEU A 434 -11.73 1.94 -11.66
CA LEU A 434 -13.16 1.75 -11.61
C LEU A 434 -13.90 2.43 -12.76
N CYS A 435 -13.19 2.92 -13.76
CA CYS A 435 -13.84 3.65 -14.83
C CYS A 435 -14.74 2.83 -15.76
N PRO A 436 -14.44 1.58 -16.13
CA PRO A 436 -15.45 0.80 -16.89
C PRO A 436 -16.70 0.42 -16.11
N ASN A 437 -16.70 0.53 -14.79
CA ASN A 437 -17.88 0.16 -14.03
C ASN A 437 -19.03 1.12 -14.32
N LEU A 438 -18.73 2.41 -14.43
CA LEU A 438 -19.74 3.41 -14.75
C LEU A 438 -20.20 3.34 -16.20
N TRP A 439 -19.56 2.54 -17.03
CA TRP A 439 -20.03 2.26 -18.37
C TRP A 439 -20.86 0.98 -18.44
N THR A 440 -20.58 0.01 -17.60
CA THR A 440 -21.18 -1.31 -17.73
C THR A 440 -22.28 -1.60 -16.73
N MET A 441 -22.05 -1.32 -15.45
CA MET A 441 -23.04 -1.51 -14.40
C MET A 441 -24.37 -0.81 -14.68
N PRO A 442 -24.44 0.38 -15.30
CA PRO A 442 -25.75 0.82 -15.78
C PRO A 442 -26.31 -0.05 -16.89
N VAL A 443 -25.49 -0.48 -17.85
CA VAL A 443 -25.96 -1.37 -18.90
C VAL A 443 -26.32 -2.73 -18.32
N GLN A 444 -25.52 -3.17 -17.33
CA GLN A 444 -25.80 -4.39 -16.57
C GLN A 444 -27.18 -4.33 -15.94
N ILE A 445 -27.45 -3.24 -15.21
CA ILE A 445 -28.71 -3.10 -14.49
C ILE A 445 -29.87 -2.94 -15.46
N ILE A 446 -29.66 -2.23 -16.56
CA ILE A 446 -30.75 -1.98 -17.51
C ILE A 446 -31.14 -3.28 -18.21
N VAL A 447 -30.15 -4.02 -18.70
CA VAL A 447 -30.45 -5.29 -19.36
C VAL A 447 -30.95 -6.31 -18.36
N GLY A 448 -30.52 -6.22 -17.10
CA GLY A 448 -31.06 -7.07 -16.06
C GLY A 448 -32.53 -6.82 -15.80
N VAL A 449 -32.92 -5.54 -15.71
CA VAL A 449 -34.32 -5.17 -15.49
C VAL A 449 -35.16 -5.59 -16.68
N ILE A 450 -34.62 -5.42 -17.89
CA ILE A 450 -35.36 -5.72 -19.11
C ILE A 450 -35.61 -7.22 -19.20
N LEU A 451 -34.55 -8.02 -19.09
CA LEU A 451 -34.79 -9.45 -19.24
C LEU A 451 -35.39 -10.08 -17.99
N LEU A 452 -35.31 -9.43 -16.83
CA LEU A 452 -36.09 -9.93 -15.70
C LEU A 452 -37.58 -9.64 -15.85
N TYR A 453 -37.94 -8.55 -16.54
CA TYR A 453 -39.35 -8.38 -16.85
C TYR A 453 -39.81 -9.32 -17.94
N TYR A 454 -38.92 -9.62 -18.89
CA TYR A 454 -39.25 -10.61 -19.91
C TYR A 454 -39.39 -11.99 -19.29
N ILE A 455 -38.60 -12.29 -18.27
CA ILE A 455 -38.69 -13.60 -17.63
C ILE A 455 -39.95 -13.71 -16.80
N LEU A 456 -40.17 -12.77 -15.88
CA LEU A 456 -41.21 -12.96 -14.89
C LEU A 456 -42.42 -12.05 -15.04
N GLY A 457 -42.25 -10.74 -14.98
CA GLY A 457 -43.44 -9.91 -15.03
C GLY A 457 -43.34 -8.71 -14.11
N VAL A 458 -44.50 -8.19 -13.67
CA VAL A 458 -44.51 -6.95 -12.90
C VAL A 458 -44.02 -7.20 -11.49
N SER A 459 -44.08 -8.45 -11.02
CA SER A 459 -43.49 -8.78 -9.74
C SER A 459 -41.97 -8.73 -9.82
N ALA A 460 -41.42 -9.02 -10.99
CA ALA A 460 -40.01 -8.76 -11.22
C ALA A 460 -39.72 -7.26 -11.24
N LEU A 461 -40.69 -6.44 -11.63
CA LEU A 461 -40.50 -5.01 -11.50
C LEU A 461 -40.55 -4.58 -10.04
N ILE A 462 -41.32 -5.28 -9.20
CA ILE A 462 -41.29 -4.99 -7.77
C ILE A 462 -39.94 -5.37 -7.18
N GLY A 463 -39.39 -6.50 -7.60
CA GLY A 463 -38.05 -6.90 -7.16
C GLY A 463 -36.99 -5.96 -7.66
N ALA A 464 -37.16 -5.45 -8.88
CA ALA A 464 -36.22 -4.49 -9.41
C ALA A 464 -36.35 -3.15 -8.70
N ALA A 465 -37.53 -2.85 -8.16
CA ALA A 465 -37.65 -1.67 -7.32
C ALA A 465 -37.00 -1.89 -5.97
N VAL A 466 -36.95 -3.14 -5.51
CA VAL A 466 -36.23 -3.45 -4.27
C VAL A 466 -34.74 -3.22 -4.48
N ILE A 467 -34.20 -3.77 -5.56
CA ILE A 467 -32.77 -3.61 -5.80
C ILE A 467 -32.44 -2.17 -6.16
N ILE A 468 -33.32 -1.47 -6.88
CA ILE A 468 -33.07 -0.05 -7.10
C ILE A 468 -33.38 0.81 -5.89
N LEU A 469 -33.95 0.24 -4.82
CA LEU A 469 -34.00 0.92 -3.54
C LEU A 469 -33.10 0.23 -2.52
N LEU A 470 -32.01 -0.35 -3.00
CA LEU A 470 -30.98 -0.85 -2.13
C LEU A 470 -29.60 -0.27 -2.42
N ALA A 471 -29.46 0.48 -3.51
CA ALA A 471 -28.29 1.30 -3.82
C ALA A 471 -28.19 2.66 -3.11
N PRO A 472 -29.27 3.46 -2.97
CA PRO A 472 -29.13 4.68 -2.17
C PRO A 472 -28.90 4.43 -0.70
N VAL A 473 -29.40 3.32 -0.18
CA VAL A 473 -29.13 2.99 1.22
C VAL A 473 -27.65 2.72 1.43
N GLN A 474 -27.02 1.95 0.52
CA GLN A 474 -25.58 1.76 0.60
C GLN A 474 -24.80 3.04 0.36
N TYR A 475 -25.34 3.94 -0.47
CA TYR A 475 -24.67 5.21 -0.74
C TYR A 475 -24.69 6.13 0.48
N PHE A 476 -25.86 6.22 1.12
CA PHE A 476 -26.01 7.04 2.31
C PHE A 476 -25.29 6.44 3.50
N VAL A 477 -25.26 5.10 3.57
CA VAL A 477 -24.53 4.42 4.62
C VAL A 477 -23.04 4.61 4.46
N ALA A 478 -22.53 4.58 3.23
CA ALA A 478 -21.12 4.82 3.03
C ALA A 478 -20.74 6.27 3.29
N THR A 479 -21.67 7.20 3.08
CA THR A 479 -21.39 8.59 3.38
C THR A 479 -21.30 8.81 4.89
N LYS A 480 -22.26 8.27 5.64
CA LYS A 480 -22.20 8.34 7.10
C LYS A 480 -21.01 7.56 7.66
N LEU A 481 -20.62 6.47 6.99
CA LEU A 481 -19.45 5.71 7.41
C LEU A 481 -18.18 6.50 7.21
N SER A 482 -18.06 7.23 6.09
CA SER A 482 -16.88 8.06 5.87
C SER A 482 -16.81 9.22 6.85
N GLN A 483 -17.97 9.79 7.21
CA GLN A 483 -18.00 10.82 8.25
C GLN A 483 -17.54 10.28 9.59
N ALA A 484 -18.04 9.09 9.96
CA ALA A 484 -17.65 8.46 11.22
C ALA A 484 -16.18 8.08 11.22
N GLN A 485 -15.67 7.63 10.07
CA GLN A 485 -14.26 7.26 9.98
C GLN A 485 -13.36 8.47 10.08
N ARG A 486 -13.78 9.60 9.49
CA ARG A 486 -13.07 10.86 9.64
C ARG A 486 -12.98 11.27 11.11
N THR A 487 -14.13 11.27 11.81
CA THR A 487 -14.14 11.68 13.22
C THR A 487 -13.32 10.71 14.07
N THR A 488 -13.40 9.42 13.77
CA THR A 488 -12.66 8.40 14.50
C THR A 488 -11.16 8.58 14.32
N LEU A 489 -10.73 8.86 13.09
CA LEU A 489 -9.30 9.00 12.81
C LEU A 489 -8.75 10.29 13.40
N GLU A 490 -9.52 11.37 13.36
CA GLU A 490 -9.05 12.61 13.97
C GLU A 490 -9.15 12.62 15.49
N HIS A 491 -9.84 11.65 16.07
CA HIS A 491 -9.76 11.43 17.51
C HIS A 491 -8.56 10.53 17.85
N SER A 492 -8.35 9.51 17.02
CA SER A 492 -7.27 8.57 17.22
C SER A 492 -5.91 9.19 16.90
N ASN A 493 -5.90 10.31 16.17
CA ASN A 493 -4.68 11.10 16.02
C ASN A 493 -4.21 11.65 17.35
N GLU A 494 -5.14 12.16 18.17
CA GLU A 494 -4.79 12.60 19.51
C GLU A 494 -4.38 11.42 20.37
N ARG A 495 -5.02 10.27 20.14
CA ARG A 495 -4.61 9.05 20.83
C ARG A 495 -3.18 8.65 20.48
N LEU A 496 -2.82 8.79 19.20
CA LEU A 496 -1.48 8.45 18.74
C LEU A 496 -0.46 9.47 19.21
N LYS A 497 -0.87 10.72 19.35
CA LYS A 497 0.01 11.74 19.95
C LYS A 497 0.29 11.40 21.40
N GLN A 498 -0.73 10.89 22.11
CA GLN A 498 -0.52 10.44 23.48
C GLN A 498 0.42 9.23 23.51
N THR A 499 0.32 8.35 22.53
CA THR A 499 1.22 7.21 22.44
C THR A 499 2.66 7.63 22.11
N ASN A 500 2.81 8.69 21.31
CA ASN A 500 4.14 9.22 21.03
C ASN A 500 4.73 9.87 22.27
N GLU A 501 3.87 10.54 23.04
CA GLU A 501 4.29 11.15 24.29
C GLU A 501 4.53 10.10 25.36
N MET A 502 4.03 8.88 25.16
CA MET A 502 4.30 7.80 26.09
C MET A 502 5.46 6.93 25.65
N LEU A 503 5.91 7.06 24.40
CA LEU A 503 7.07 6.30 24.03
C LEU A 503 8.32 7.14 23.95
N ARG A 504 8.20 8.47 23.99
CA ARG A 504 9.43 9.23 24.03
C ARG A 504 10.00 9.30 25.43
N GLY A 505 9.15 9.51 26.44
CA GLY A 505 9.57 9.56 27.82
C GLY A 505 9.55 8.34 28.72
N MET A 506 10.14 7.20 28.34
CA MET A 506 10.02 6.03 29.19
C MET A 506 10.85 6.18 30.47
N LYS A 507 12.08 6.68 30.33
CA LYS A 507 12.96 6.86 31.47
C LYS A 507 12.49 7.98 32.37
N LEU A 508 11.97 9.05 31.76
CA LEU A 508 11.52 10.19 32.55
C LEU A 508 10.23 9.88 33.31
N LEU A 509 9.33 9.11 32.69
CA LEU A 509 8.11 8.79 33.42
C LEU A 509 8.33 7.70 34.45
N LYS A 510 9.25 6.77 34.21
CA LYS A 510 9.52 5.82 35.27
C LYS A 510 10.38 6.46 36.35
N LEU A 511 11.16 7.46 35.97
CA LEU A 511 11.99 8.17 36.92
C LEU A 511 11.18 9.07 37.85
N TYR A 512 10.20 9.78 37.32
CA TYR A 512 9.33 10.63 38.13
C TYR A 512 8.09 9.92 38.61
N ALA A 513 8.02 8.60 38.46
CA ALA A 513 6.90 7.75 38.88
C ALA A 513 5.57 8.22 38.28
N TRP A 514 5.57 8.40 36.97
CA TRP A 514 4.42 8.96 36.27
C TRP A 514 3.98 8.02 35.16
N GLU A 515 3.85 6.74 35.49
CA GLU A 515 3.29 5.81 34.51
C GLU A 515 1.79 5.64 34.65
N SER A 516 1.26 5.67 35.87
CA SER A 516 -0.15 5.36 36.07
C SER A 516 -1.04 6.49 35.60
N ILE A 517 -0.64 7.73 35.91
CA ILE A 517 -1.44 8.88 35.53
C ILE A 517 -1.39 9.08 34.03
N PHE A 518 -0.24 8.82 33.40
CA PHE A 518 -0.18 8.95 31.96
C PHE A 518 -0.86 7.80 31.24
N CYS A 519 -0.88 6.60 31.83
CA CYS A 519 -1.67 5.51 31.27
C CYS A 519 -3.16 5.81 31.35
N SER A 520 -3.61 6.43 32.44
CA SER A 520 -5.01 6.81 32.54
C SER A 520 -5.36 7.94 31.57
N ARG A 521 -4.45 8.90 31.39
CA ARG A 521 -4.69 9.96 30.43
C ARG A 521 -4.64 9.48 29.00
N VAL A 522 -3.98 8.36 28.73
CA VAL A 522 -4.12 7.75 27.41
C VAL A 522 -5.42 6.96 27.32
N GLU A 523 -5.78 6.25 28.40
CA GLU A 523 -6.91 5.34 28.37
C GLU A 523 -8.25 6.06 28.28
N VAL A 524 -8.32 7.30 28.79
CA VAL A 524 -9.57 8.05 28.67
C VAL A 524 -9.82 8.45 27.21
N THR A 525 -8.78 8.95 26.53
CA THR A 525 -8.91 9.25 25.11
C THR A 525 -9.13 7.98 24.29
N ARG A 526 -8.54 6.87 24.72
CA ARG A 526 -8.77 5.61 24.01
C ARG A 526 -10.21 5.15 24.15
N ARG A 527 -10.79 5.25 25.34
CA ARG A 527 -12.17 4.79 25.46
C ARG A 527 -13.16 5.75 24.83
N LYS A 528 -12.79 7.03 24.73
CA LYS A 528 -13.60 7.94 23.92
C LYS A 528 -13.52 7.57 22.44
N GLU A 529 -12.31 7.25 21.95
CA GLU A 529 -12.16 6.74 20.59
C GLU A 529 -12.84 5.40 20.40
N MET A 530 -12.97 4.63 21.47
CA MET A 530 -13.63 3.34 21.39
C MET A 530 -15.14 3.50 21.30
N THR A 531 -15.69 4.50 21.99
CA THR A 531 -17.10 4.85 21.78
C THR A 531 -17.35 5.33 20.35
N SER A 532 -16.43 6.14 19.82
CA SER A 532 -16.55 6.60 18.44
C SER A 532 -16.42 5.43 17.46
N LEU A 533 -15.54 4.48 17.77
CA LEU A 533 -15.37 3.31 16.92
C LEU A 533 -16.54 2.36 17.05
N ARG A 534 -17.21 2.36 18.19
CA ARG A 534 -18.43 1.57 18.34
C ARG A 534 -19.54 2.14 17.49
N ALA A 535 -19.64 3.47 17.43
CA ALA A 535 -20.60 4.08 16.51
C ALA A 535 -20.23 3.81 15.07
N PHE A 536 -18.92 3.79 14.77
CA PHE A 536 -18.43 3.40 13.45
C PHE A 536 -18.81 1.97 13.11
N ALA A 537 -18.70 1.07 14.08
CA ALA A 537 -19.01 -0.33 13.86
C ALA A 537 -20.50 -0.54 13.66
N VAL A 538 -21.32 0.22 14.37
CA VAL A 538 -22.77 0.16 14.15
C VAL A 538 -23.10 0.66 12.75
N TYR A 539 -22.53 1.80 12.36
CA TYR A 539 -22.85 2.36 11.06
C TYR A 539 -22.19 1.62 9.91
N THR A 540 -21.27 0.70 10.19
CA THR A 540 -20.75 -0.17 9.14
C THR A 540 -21.31 -1.57 9.24
N SER A 541 -21.94 -1.92 10.35
CA SER A 541 -22.70 -3.15 10.46
C SER A 541 -24.02 -3.02 9.73
N ILE A 542 -24.58 -1.82 9.71
CA ILE A 542 -25.88 -1.65 9.05
C ILE A 542 -25.71 -1.75 7.55
N SER A 543 -24.52 -1.43 7.05
CA SER A 543 -24.20 -1.60 5.63
C SER A 543 -24.17 -3.07 5.25
N ILE A 544 -23.57 -3.90 6.11
CA ILE A 544 -23.53 -5.33 5.88
C ILE A 544 -24.93 -5.92 5.99
N PHE A 545 -25.73 -5.43 6.94
CA PHE A 545 -27.08 -5.94 7.13
C PHE A 545 -27.96 -5.64 5.93
N MET A 546 -27.89 -4.41 5.42
CA MET A 546 -28.66 -4.07 4.22
C MET A 546 -28.11 -4.82 3.02
N ASN A 547 -26.79 -4.99 2.97
CA ASN A 547 -26.11 -5.70 1.90
C ASN A 547 -26.50 -7.17 1.87
N THR A 548 -26.86 -7.75 3.00
CA THR A 548 -27.16 -9.17 3.09
C THR A 548 -28.62 -9.44 3.39
N ALA A 549 -29.48 -8.45 3.20
CA ALA A 549 -30.91 -8.67 3.34
C ALA A 549 -31.72 -8.04 2.21
N ILE A 550 -31.07 -7.36 1.27
CA ILE A 550 -31.74 -6.90 0.07
C ILE A 550 -32.11 -8.04 -0.88
N PRO A 551 -31.27 -9.07 -1.16
CA PRO A 551 -31.76 -10.12 -2.06
C PRO A 551 -32.86 -10.97 -1.46
N ILE A 552 -32.87 -11.11 -0.13
CA ILE A 552 -33.89 -11.93 0.52
C ILE A 552 -35.25 -11.25 0.41
N ALA A 553 -35.28 -9.95 0.69
CA ALA A 553 -36.50 -9.18 0.50
C ALA A 553 -36.87 -9.06 -0.97
N ALA A 554 -35.89 -9.06 -1.87
CA ALA A 554 -36.20 -9.01 -3.29
C ALA A 554 -36.91 -10.28 -3.75
N VAL A 555 -36.40 -11.43 -3.32
CA VAL A 555 -37.02 -12.71 -3.68
C VAL A 555 -38.39 -12.83 -3.03
N LEU A 556 -38.51 -12.38 -1.78
CA LEU A 556 -39.77 -12.45 -1.06
C LEU A 556 -40.84 -11.60 -1.73
N ILE A 557 -40.50 -10.33 -2.05
CA ILE A 557 -41.45 -9.46 -2.72
C ILE A 557 -41.75 -9.95 -4.13
N THR A 558 -40.78 -10.57 -4.80
CA THR A 558 -40.97 -11.06 -6.15
C THR A 558 -42.00 -12.19 -6.19
N PHE A 559 -41.76 -13.24 -5.41
CA PHE A 559 -42.66 -14.38 -5.46
C PHE A 559 -43.99 -14.07 -4.79
N VAL A 560 -43.99 -13.21 -3.77
CA VAL A 560 -45.22 -12.79 -3.13
C VAL A 560 -46.08 -11.98 -4.10
N GLY A 561 -45.45 -11.13 -4.92
CA GLY A 561 -46.20 -10.44 -5.95
C GLY A 561 -46.74 -11.38 -7.02
N HIS A 562 -45.90 -12.30 -7.51
CA HIS A 562 -46.34 -13.15 -8.61
C HIS A 562 -47.44 -14.12 -8.19
N VAL A 563 -47.52 -14.50 -6.92
CA VAL A 563 -48.54 -15.44 -6.47
C VAL A 563 -49.73 -14.73 -5.84
N SER A 564 -49.48 -13.90 -4.84
CA SER A 564 -50.57 -13.23 -4.15
C SER A 564 -51.09 -12.04 -4.97
N PHE A 565 -50.18 -11.17 -5.40
CA PHE A 565 -50.59 -9.92 -6.03
C PHE A 565 -50.90 -10.06 -7.51
N PHE A 566 -50.22 -10.95 -8.23
CA PHE A 566 -50.46 -10.95 -9.67
C PHE A 566 -51.59 -11.90 -10.01
N LYS A 567 -51.47 -13.17 -9.61
CA LYS A 567 -52.41 -14.25 -9.98
C LYS A 567 -52.56 -14.35 -11.49
N GLU A 568 -51.44 -14.31 -12.19
CA GLU A 568 -51.42 -14.27 -13.65
C GLU A 568 -51.14 -15.65 -14.22
N SER A 569 -50.00 -16.22 -13.87
CA SER A 569 -49.54 -17.49 -14.42
C SER A 569 -49.07 -18.36 -13.27
N ASP A 570 -48.59 -19.55 -13.61
CA ASP A 570 -48.14 -20.54 -12.64
C ASP A 570 -46.81 -20.15 -12.01
N LEU A 571 -46.16 -21.10 -11.34
CA LEU A 571 -44.93 -20.77 -10.64
C LEU A 571 -43.81 -20.51 -11.63
N SER A 572 -43.83 -21.24 -12.79
CA SER A 572 -42.83 -21.13 -13.85
C SER A 572 -41.45 -21.27 -13.24
N PRO A 573 -41.01 -22.49 -12.91
CA PRO A 573 -39.68 -22.64 -12.31
C PRO A 573 -38.56 -22.24 -13.22
N SER A 574 -38.70 -22.39 -14.54
CA SER A 574 -37.63 -21.94 -15.42
C SER A 574 -37.45 -20.44 -15.25
N VAL A 575 -38.60 -19.74 -15.21
CA VAL A 575 -38.67 -18.31 -14.94
C VAL A 575 -38.13 -18.00 -13.55
N ALA A 576 -38.47 -18.85 -12.57
CA ALA A 576 -38.08 -18.59 -11.19
C ALA A 576 -36.57 -18.69 -11.02
N PHE A 577 -35.94 -19.74 -11.52
CA PHE A 577 -34.52 -19.87 -11.27
C PHE A 577 -33.71 -18.96 -12.17
N ALA A 578 -34.21 -18.69 -13.38
CA ALA A 578 -33.63 -17.63 -14.19
C ALA A 578 -33.74 -16.28 -13.50
N SER A 579 -34.86 -16.04 -12.83
CA SER A 579 -35.06 -14.79 -12.10
C SER A 579 -34.10 -14.69 -10.94
N LEU A 580 -33.89 -15.79 -10.22
CA LEU A 580 -32.95 -15.79 -9.10
C LEU A 580 -31.53 -15.52 -9.58
N SER A 581 -31.13 -16.20 -10.67
CA SER A 581 -29.79 -15.98 -11.20
C SER A 581 -29.62 -14.58 -11.76
N LEU A 582 -30.68 -14.05 -12.37
CA LEU A 582 -30.68 -12.65 -12.78
C LEU A 582 -30.60 -11.73 -11.57
N PHE A 583 -31.24 -12.12 -10.47
CA PHE A 583 -31.20 -11.33 -9.25
C PHE A 583 -29.79 -11.27 -8.70
N HIS A 584 -29.08 -12.40 -8.74
CA HIS A 584 -27.70 -12.40 -8.27
C HIS A 584 -26.80 -11.58 -9.18
N ILE A 585 -26.96 -11.76 -10.49
CA ILE A 585 -26.14 -11.04 -11.45
C ILE A 585 -26.44 -9.55 -11.45
N LEU A 586 -27.66 -9.17 -11.07
CA LEU A 586 -27.94 -7.76 -10.89
C LEU A 586 -27.49 -7.25 -9.53
N VAL A 587 -27.53 -8.10 -8.50
CA VAL A 587 -27.21 -7.67 -7.15
C VAL A 587 -25.74 -7.36 -7.01
N THR A 588 -24.89 -8.15 -7.67
CA THR A 588 -23.45 -7.93 -7.56
C THR A 588 -22.95 -6.54 -7.97
N PRO A 589 -23.39 -5.91 -9.08
CA PRO A 589 -22.85 -4.57 -9.39
C PRO A 589 -23.42 -3.49 -8.52
N LEU A 590 -24.55 -3.73 -7.85
CA LEU A 590 -25.36 -2.64 -7.32
C LEU A 590 -24.67 -1.98 -6.14
N PHE A 591 -24.18 -2.78 -5.19
CA PHE A 591 -23.45 -2.23 -4.05
C PHE A 591 -22.13 -1.59 -4.47
N LEU A 592 -21.46 -2.21 -5.44
CA LEU A 592 -20.25 -1.67 -6.07
C LEU A 592 -20.45 -0.31 -6.73
N LEU A 593 -21.62 -0.06 -7.33
CA LEU A 593 -21.86 1.20 -8.01
C LEU A 593 -21.93 2.41 -7.08
N SER A 594 -22.46 2.28 -5.88
CA SER A 594 -22.42 3.39 -4.92
C SER A 594 -20.99 3.79 -4.59
N SER A 595 -20.13 2.80 -4.36
CA SER A 595 -18.72 3.07 -4.14
C SER A 595 -18.06 3.65 -5.37
N VAL A 596 -18.52 3.25 -6.55
CA VAL A 596 -17.99 3.81 -7.80
C VAL A 596 -18.32 5.29 -7.91
N VAL A 597 -19.55 5.66 -7.57
CA VAL A 597 -19.96 7.06 -7.61
C VAL A 597 -19.17 7.89 -6.59
N ARG A 598 -18.93 7.31 -5.40
CA ARG A 598 -18.08 7.97 -4.41
C ARG A 598 -16.66 8.14 -4.92
N SER A 599 -16.14 7.13 -5.64
CA SER A 599 -14.81 7.23 -6.20
C SER A 599 -14.76 8.28 -7.30
N THR A 600 -15.86 8.44 -8.02
CA THR A 600 -15.94 9.47 -9.06
C THR A 600 -15.91 10.86 -8.44
N VAL A 601 -16.61 11.05 -7.33
CA VAL A 601 -16.61 12.34 -6.63
C VAL A 601 -15.22 12.65 -6.10
N LYS A 602 -14.57 11.64 -5.51
CA LYS A 602 -13.20 11.81 -5.03
C LYS A 602 -12.24 12.08 -6.17
N ALA A 603 -12.51 11.50 -7.33
CA ALA A 603 -11.67 11.72 -8.50
C ALA A 603 -11.79 13.13 -9.03
N LEU A 604 -13.02 13.67 -9.05
CA LEU A 604 -13.21 15.04 -9.51
C LEU A 604 -12.53 16.02 -8.57
N VAL A 605 -12.67 15.78 -7.26
CA VAL A 605 -11.96 16.60 -6.27
C VAL A 605 -10.46 16.47 -6.43
N SER A 606 -9.98 15.28 -6.80
CA SER A 606 -8.56 15.05 -6.92
C SER A 606 -7.99 15.74 -8.15
N VAL A 607 -8.74 15.71 -9.25
CA VAL A 607 -8.30 16.41 -10.45
C VAL A 607 -8.36 17.91 -10.27
N GLN A 608 -9.31 18.40 -9.46
CA GLN A 608 -9.32 19.82 -9.12
C GLN A 608 -8.11 20.20 -8.28
N LYS A 609 -7.76 19.35 -7.32
CA LYS A 609 -6.57 19.57 -6.50
C LYS A 609 -5.30 19.60 -7.34
N LEU A 610 -5.10 18.60 -8.19
CA LEU A 610 -3.87 18.55 -8.96
C LEU A 610 -3.85 19.57 -10.09
N SER A 611 -5.00 20.09 -10.48
CA SER A 611 -5.02 21.16 -11.47
C SER A 611 -4.69 22.49 -10.82
N GLU A 612 -5.17 22.71 -9.60
CA GLU A 612 -4.80 23.92 -8.90
C GLU A 612 -3.35 23.87 -8.45
N PHE A 613 -2.80 22.68 -8.26
CA PHE A 613 -1.35 22.59 -8.05
C PHE A 613 -0.59 22.91 -9.32
N LEU A 614 -1.05 22.37 -10.45
CA LEU A 614 -0.26 22.35 -11.67
C LEU A 614 -0.07 23.73 -12.27
N SER A 615 -0.87 24.70 -11.88
CA SER A 615 -0.77 26.05 -12.42
C SER A 615 -0.36 26.96 -11.28
N SER A 616 0.62 26.53 -10.50
CA SER A 616 1.27 27.37 -9.54
C SER A 616 2.53 27.99 -10.14
N ALA A 617 3.17 28.86 -9.35
CA ALA A 617 4.27 29.68 -9.82
C ALA A 617 5.53 28.86 -10.02
N GLU A 618 6.15 29.01 -11.19
CA GLU A 618 7.39 28.31 -11.48
C GLU A 618 8.58 29.06 -10.87
N ILE A 619 9.79 28.58 -11.14
CA ILE A 619 10.97 29.26 -10.61
C ILE A 619 11.41 30.43 -11.48
N ARG A 620 11.88 30.14 -12.70
CA ARG A 620 12.39 31.17 -13.62
C ARG A 620 12.61 30.52 -14.97
N GLU A 621 13.14 31.31 -15.90
CA GLU A 621 13.49 30.81 -17.22
C GLU A 621 14.85 30.11 -17.17
N CYS A 678 33.14 36.11 -13.10
CA CYS A 678 32.14 35.08 -12.85
C CYS A 678 30.81 35.69 -12.43
N VAL A 679 30.56 35.80 -11.12
CA VAL A 679 29.29 36.33 -10.66
C VAL A 679 29.30 37.85 -10.85
N GLN A 680 28.23 38.39 -11.43
CA GLN A 680 28.14 39.83 -11.62
C GLN A 680 26.68 40.25 -11.68
N ILE A 681 26.29 41.15 -10.80
CA ILE A 681 24.93 41.71 -10.78
C ILE A 681 25.07 43.22 -10.78
N ILE A 682 24.47 43.88 -11.75
CA ILE A 682 24.67 45.31 -11.98
C ILE A 682 23.45 46.12 -11.55
N GLY A 683 22.29 45.82 -12.13
CA GLY A 683 21.14 46.71 -11.97
C GLY A 683 20.56 46.65 -10.56
N GLY A 684 20.38 45.44 -10.05
CA GLY A 684 19.97 45.33 -8.68
C GLY A 684 18.53 45.56 -8.25
N PHE A 685 17.63 44.68 -8.67
CA PHE A 685 16.28 44.59 -8.10
C PHE A 685 15.96 43.11 -8.13
N PHE A 686 15.46 42.59 -7.00
CA PHE A 686 15.18 41.17 -6.90
C PHE A 686 14.12 40.94 -5.84
N THR A 687 13.08 40.17 -6.15
CA THR A 687 12.02 40.02 -5.16
C THR A 687 11.54 38.58 -5.12
N TRP A 688 10.53 38.39 -4.28
CA TRP A 688 9.85 37.12 -4.12
C TRP A 688 8.41 37.13 -4.61
N THR A 689 7.60 38.03 -4.09
CA THR A 689 6.29 38.28 -4.67
C THR A 689 6.44 38.81 -6.09
N PRO A 690 5.69 38.28 -7.07
CA PRO A 690 5.99 38.58 -8.48
C PRO A 690 5.61 39.98 -8.93
N ASP A 691 5.22 40.85 -8.01
CA ASP A 691 5.04 42.26 -8.28
C ASP A 691 5.24 43.03 -6.99
N GLY A 692 5.90 44.18 -7.08
CA GLY A 692 6.02 45.03 -5.91
C GLY A 692 7.07 44.64 -4.90
N ILE A 693 7.70 45.64 -4.28
CA ILE A 693 8.64 45.51 -3.17
C ILE A 693 9.81 44.57 -3.46
N PRO A 694 10.81 44.99 -4.23
CA PRO A 694 12.00 44.13 -4.39
C PRO A 694 12.73 43.98 -3.06
N THR A 695 12.82 42.74 -2.59
CA THR A 695 13.36 42.45 -1.28
C THR A 695 14.86 42.59 -1.20
N LEU A 696 15.55 42.68 -2.34
CA LEU A 696 16.99 42.88 -2.32
C LEU A 696 17.34 43.61 -3.61
N SER A 697 17.52 44.91 -3.51
CA SER A 697 17.76 45.73 -4.68
C SER A 697 19.13 46.41 -4.55
N ASN A 698 19.49 47.15 -5.60
CA ASN A 698 20.75 47.90 -5.69
C ASN A 698 21.97 47.00 -5.52
N ILE A 699 21.90 45.79 -6.07
CA ILE A 699 22.97 44.81 -5.95
C ILE A 699 23.84 44.89 -7.20
N THR A 700 24.96 45.58 -7.07
CA THR A 700 25.97 45.69 -8.13
C THR A 700 27.29 45.15 -7.57
N ILE A 701 27.48 43.84 -7.69
CA ILE A 701 28.61 43.13 -7.11
C ILE A 701 29.21 42.23 -8.17
N ARG A 702 30.55 42.18 -8.23
CA ARG A 702 31.26 41.30 -9.13
C ARG A 702 32.22 40.44 -8.32
N ILE A 703 32.14 39.13 -8.53
CA ILE A 703 32.96 38.13 -7.86
C ILE A 703 33.51 37.15 -8.87
N PRO A 704 34.64 37.44 -9.52
CA PRO A 704 35.21 36.50 -10.49
C PRO A 704 35.88 35.35 -9.76
N ARG A 705 36.40 34.40 -10.54
CA ARG A 705 36.92 33.17 -9.96
C ARG A 705 38.22 33.43 -9.20
N GLY A 706 38.61 32.46 -8.38
CA GLY A 706 39.80 32.55 -7.55
C GLY A 706 39.65 33.60 -6.47
N GLN A 707 38.77 33.37 -5.51
CA GLN A 707 38.39 34.43 -4.60
C GLN A 707 37.80 33.79 -3.37
N LEU A 708 37.75 34.53 -2.26
CA LEU A 708 36.97 34.07 -1.12
C LEU A 708 36.32 35.28 -0.47
N THR A 709 35.11 35.58 -0.93
CA THR A 709 34.41 36.80 -0.54
C THR A 709 33.66 36.47 0.74
N MET A 710 34.13 36.97 1.86
CA MET A 710 33.31 37.00 3.06
C MET A 710 32.28 38.11 2.94
N ILE A 711 31.06 37.84 3.39
CA ILE A 711 30.02 38.84 3.28
C ILE A 711 29.66 39.21 4.70
N VAL A 712 29.00 40.35 4.85
CA VAL A 712 28.63 40.85 6.17
C VAL A 712 27.36 41.69 6.10
N GLY A 713 26.80 41.95 7.26
CA GLY A 713 25.59 42.74 7.38
C GLY A 713 25.03 42.62 8.78
N GLN A 714 23.92 43.30 8.96
CA GLN A 714 23.22 43.35 10.24
C GLN A 714 22.42 42.07 10.45
N VAL A 715 21.69 42.02 11.56
CA VAL A 715 20.92 40.84 11.90
C VAL A 715 19.70 40.83 10.98
N GLY A 716 19.69 39.93 10.02
CA GLY A 716 18.59 39.84 9.09
C GLY A 716 18.54 40.96 8.07
N CYS A 717 19.70 41.42 7.62
CA CYS A 717 19.84 42.54 6.69
C CYS A 717 19.91 42.12 5.23
N GLY A 718 19.30 40.99 4.88
CA GLY A 718 19.31 40.56 3.49
C GLY A 718 20.42 39.61 3.11
N LYS A 719 20.87 38.77 4.05
CA LYS A 719 21.94 37.81 3.75
C LYS A 719 21.45 36.64 2.90
N SER A 720 20.44 35.91 3.38
CA SER A 720 19.90 34.82 2.58
C SER A 720 19.18 35.30 1.34
N SER A 721 18.62 36.52 1.36
CA SER A 721 18.03 37.08 0.15
C SER A 721 19.08 37.32 -0.93
N LEU A 722 20.24 37.86 -0.54
CA LEU A 722 21.31 38.08 -1.49
C LEU A 722 21.91 36.77 -1.98
N LEU A 723 22.03 35.79 -1.09
CA LEU A 723 22.56 34.49 -1.47
C LEU A 723 21.64 33.79 -2.47
N LEU A 724 20.34 33.81 -2.22
CA LEU A 724 19.38 33.22 -3.14
C LEU A 724 19.26 34.02 -4.43
N ALA A 725 19.55 35.32 -4.37
CA ALA A 725 19.58 36.12 -5.58
C ALA A 725 20.79 35.76 -6.43
N THR A 726 21.91 35.41 -5.79
CA THR A 726 23.03 34.82 -6.51
C THR A 726 22.70 33.44 -7.05
N LEU A 727 21.82 32.70 -6.38
CA LEU A 727 21.42 31.40 -6.91
C LEU A 727 20.41 31.50 -8.04
N GLY A 728 19.86 32.68 -8.30
CA GLY A 728 18.88 32.79 -9.35
C GLY A 728 17.54 32.25 -8.94
N GLU A 729 17.19 32.33 -7.66
CA GLU A 729 15.92 31.82 -7.16
C GLU A 729 14.98 32.94 -6.74
N MET A 730 15.26 34.17 -7.14
CA MET A 730 14.39 35.29 -6.86
C MET A 730 14.00 35.99 -8.16
N GLN A 731 12.75 36.48 -8.18
CA GLN A 731 12.22 37.16 -9.35
C GLN A 731 12.84 38.55 -9.49
N LYS A 732 13.93 38.62 -10.25
CA LYS A 732 14.68 39.87 -10.41
C LYS A 732 13.95 40.78 -11.39
N VAL A 733 13.45 41.90 -10.89
CA VAL A 733 12.65 42.80 -11.72
C VAL A 733 13.56 43.64 -12.62
N SER A 734 14.44 44.43 -12.00
CA SER A 734 15.32 45.36 -12.71
C SER A 734 16.77 44.93 -12.49
N GLY A 735 17.48 44.67 -13.56
CA GLY A 735 18.86 44.28 -13.42
C GLY A 735 19.31 43.18 -14.35
N ALA A 736 20.62 42.98 -14.41
CA ALA A 736 21.21 41.96 -15.26
C ALA A 736 22.16 41.09 -14.45
N VAL A 737 22.42 39.91 -14.99
CA VAL A 737 23.26 38.90 -14.36
C VAL A 737 24.30 38.51 -15.39
N PHE A 738 25.46 39.17 -15.37
CA PHE A 738 26.62 38.68 -16.10
C PHE A 738 27.11 37.39 -15.44
N TRP A 739 27.56 36.47 -16.28
CA TRP A 739 27.91 35.13 -15.86
C TRP A 739 28.96 34.56 -16.79
N ASN A 740 30.04 34.04 -16.21
CA ASN A 740 31.12 33.43 -16.97
C ASN A 740 31.73 32.32 -16.14
N SER A 741 31.63 31.12 -16.68
CA SER A 741 32.23 29.90 -16.14
C SER A 741 33.61 29.65 -16.74
N ASN A 742 34.55 29.30 -15.88
CA ASN A 742 35.93 29.06 -16.29
C ASN A 742 36.05 27.67 -16.92
N ARG A 765 24.57 32.29 -22.96
CA ARG A 765 24.48 32.53 -21.53
C ARG A 765 23.75 31.39 -20.83
N SER A 766 24.50 30.54 -20.14
CA SER A 766 23.94 29.41 -19.41
C SER A 766 24.58 29.35 -18.03
N ARG A 767 23.87 28.73 -17.10
CA ARG A 767 24.21 28.80 -15.68
C ARG A 767 25.00 27.56 -15.30
N GLY A 768 25.97 27.74 -14.41
CA GLY A 768 26.69 26.62 -13.88
C GLY A 768 26.27 26.11 -12.51
N PRO A 769 26.80 24.93 -12.15
CA PRO A 769 26.42 24.29 -10.89
C PRO A 769 26.94 25.00 -9.66
N VAL A 770 26.25 26.05 -9.22
CA VAL A 770 26.70 26.79 -8.05
C VAL A 770 26.46 25.94 -6.81
N ALA A 771 27.52 25.68 -6.05
CA ALA A 771 27.36 25.01 -4.77
C ALA A 771 26.69 25.94 -3.78
N TYR A 772 25.94 25.36 -2.86
CA TYR A 772 25.13 26.13 -1.94
C TYR A 772 24.87 25.28 -0.70
N ALA A 773 24.65 25.97 0.41
CA ALA A 773 24.24 25.33 1.66
C ALA A 773 23.44 26.40 2.40
N SER A 774 22.15 26.16 2.56
CA SER A 774 21.28 27.21 3.09
C SER A 774 21.51 27.42 4.58
N GLN A 775 20.82 28.43 5.09
CA GLN A 775 20.77 28.68 6.53
C GLN A 775 20.10 27.52 7.25
N LYS A 776 18.91 27.16 6.82
CA LYS A 776 18.30 25.93 7.29
C LYS A 776 19.01 24.75 6.67
N PRO A 777 19.50 23.80 7.47
CA PRO A 777 20.17 22.63 6.91
C PRO A 777 19.16 21.65 6.32
N TRP A 778 19.70 20.64 5.67
CA TRP A 778 18.92 19.62 5.00
C TRP A 778 19.76 18.37 4.80
N LEU A 779 19.17 17.21 5.07
CA LEU A 779 19.86 15.96 4.86
C LEU A 779 18.89 14.94 4.31
N LEU A 780 19.33 14.22 3.28
CA LEU A 780 18.55 13.12 2.71
C LEU A 780 18.47 11.96 3.68
N ASN A 781 17.30 11.32 3.72
CA ASN A 781 17.07 10.20 4.64
C ASN A 781 17.82 8.98 4.08
N ALA A 782 19.12 8.96 4.34
CA ALA A 782 20.03 7.96 3.81
C ALA A 782 21.20 7.86 4.78
N THR A 783 22.27 7.20 4.33
CA THR A 783 23.46 7.10 5.14
C THR A 783 24.15 8.46 5.26
N VAL A 784 25.01 8.57 6.29
CA VAL A 784 25.69 9.83 6.53
C VAL A 784 26.74 10.07 5.45
N GLU A 785 27.34 8.99 4.95
CA GLU A 785 28.25 9.13 3.81
C GLU A 785 27.48 9.42 2.55
N GLU A 786 26.24 8.94 2.47
CA GLU A 786 25.39 9.26 1.33
C GLU A 786 24.90 10.70 1.40
N ASN A 787 24.69 11.23 2.59
CA ASN A 787 24.39 12.65 2.70
C ASN A 787 25.64 13.50 2.63
N ILE A 788 26.82 12.87 2.62
CA ILE A 788 28.08 13.56 2.46
C ILE A 788 28.56 13.50 1.03
N THR A 789 28.54 12.32 0.42
CA THR A 789 29.03 12.19 -0.95
C THR A 789 28.06 12.80 -1.95
N PHE A 790 26.75 12.62 -1.74
CA PHE A 790 25.69 13.24 -2.54
C PHE A 790 25.81 12.82 -4.01
N GLU A 791 25.62 11.51 -4.23
CA GLU A 791 25.56 10.90 -5.57
C GLU A 791 26.82 11.15 -6.38
N SER A 792 27.97 11.13 -5.71
CA SER A 792 29.27 11.40 -6.32
C SER A 792 30.26 10.32 -5.92
N PRO A 793 31.34 10.13 -6.70
CA PRO A 793 32.36 9.13 -6.32
C PRO A 793 33.09 9.51 -5.04
N PHE A 794 33.75 8.53 -4.46
CA PHE A 794 34.19 8.58 -3.08
C PHE A 794 35.69 8.37 -3.00
N ASN A 795 36.39 9.36 -2.44
CA ASN A 795 37.82 9.29 -2.18
C ASN A 795 38.06 9.50 -0.69
N LYS A 796 39.07 8.82 -0.16
CA LYS A 796 39.31 8.82 1.28
C LYS A 796 39.92 10.12 1.77
N GLN A 797 40.67 10.80 0.92
CA GLN A 797 41.42 11.98 1.37
C GLN A 797 40.48 13.14 1.67
N ARG A 798 39.61 13.49 0.71
CA ARG A 798 38.71 14.62 0.92
C ARG A 798 37.66 14.31 1.98
N TYR A 799 37.24 13.04 2.07
CA TYR A 799 36.30 12.62 3.11
C TYR A 799 36.96 12.69 4.49
N LYS A 800 38.23 12.31 4.57
CA LYS A 800 38.96 12.41 5.83
C LYS A 800 39.16 13.88 6.22
N MET A 801 39.44 14.74 5.24
CA MET A 801 39.60 16.16 5.52
C MET A 801 38.30 16.79 5.97
N VAL A 802 37.18 16.37 5.39
CA VAL A 802 35.90 16.92 5.81
C VAL A 802 35.46 16.36 7.15
N ILE A 803 35.86 15.13 7.47
CA ILE A 803 35.54 14.57 8.78
C ILE A 803 36.42 15.20 9.85
N GLU A 804 37.63 15.60 9.47
CA GLU A 804 38.53 16.26 10.40
C GLU A 804 38.14 17.70 10.64
N ALA A 805 37.79 18.43 9.58
CA ALA A 805 37.55 19.86 9.73
C ALA A 805 36.23 20.12 10.44
N CYS A 806 35.22 19.31 10.16
CA CYS A 806 33.93 19.49 10.80
C CYS A 806 33.79 18.65 12.07
N SER A 807 34.87 17.97 12.47
CA SER A 807 34.93 17.09 13.64
C SER A 807 33.84 16.02 13.54
N LEU A 808 33.95 15.19 12.51
CA LEU A 808 32.92 14.20 12.26
C LEU A 808 33.30 12.78 12.58
N GLN A 809 34.58 12.46 12.74
CA GLN A 809 34.96 11.12 13.18
C GLN A 809 34.58 10.83 14.64
N PRO A 810 34.71 11.76 15.60
CA PRO A 810 34.01 11.53 16.88
C PRO A 810 32.51 11.56 16.73
N ASP A 811 31.99 12.32 15.76
CA ASP A 811 30.56 12.31 15.50
C ASP A 811 30.14 10.99 14.86
N ILE A 812 31.01 10.42 14.02
CA ILE A 812 30.73 9.11 13.43
C ILE A 812 30.80 8.03 14.48
N ASP A 813 31.72 8.15 15.45
CA ASP A 813 31.78 7.17 16.51
C ASP A 813 30.67 7.40 17.54
N ILE A 814 30.07 8.58 17.55
CA ILE A 814 28.96 8.88 18.45
C ILE A 814 27.70 8.15 18.00
N LEU A 815 27.59 7.86 16.71
CA LEU A 815 26.59 7.06 16.01
C LEU A 815 27.05 5.61 15.92
N PRO A 816 26.14 4.64 16.00
CA PRO A 816 26.57 3.23 16.02
C PRO A 816 27.00 2.69 14.66
N HIS A 817 26.99 3.51 13.62
CA HIS A 817 27.47 3.11 12.31
C HIS A 817 28.37 4.15 11.65
N GLY A 818 28.24 5.43 11.98
CA GLY A 818 29.06 6.45 11.36
C GLY A 818 28.60 6.70 9.94
N ASP A 819 29.41 6.32 8.97
CA ASP A 819 29.13 6.57 7.56
C ASP A 819 28.11 5.60 6.99
N GLN A 820 27.47 4.81 7.84
CA GLN A 820 26.39 3.91 7.48
C GLN A 820 25.11 4.16 8.26
N THR A 821 25.12 5.04 9.26
CA THR A 821 23.92 5.31 10.01
C THR A 821 22.97 6.16 9.18
N GLN A 822 21.66 5.91 9.33
CA GLN A 822 20.66 6.71 8.63
C GLN A 822 20.62 8.11 9.21
N ILE A 823 21.31 9.02 8.54
CA ILE A 823 21.44 10.38 9.05
C ILE A 823 20.17 11.16 8.78
N GLY A 824 20.03 12.29 9.47
CA GLY A 824 18.93 13.18 9.19
C GLY A 824 17.57 12.67 9.65
N GLU A 825 16.54 13.19 8.97
CA GLU A 825 15.17 12.79 9.25
C GLU A 825 14.93 11.37 8.74
N ARG A 826 13.93 10.73 9.34
CA ARG A 826 13.57 9.32 9.19
C ARG A 826 14.66 8.37 9.70
N GLY A 827 15.66 8.89 10.41
CA GLY A 827 16.75 8.06 10.88
C GLY A 827 17.29 8.53 12.21
N ILE A 828 18.62 8.63 12.31
CA ILE A 828 19.27 9.06 13.54
C ILE A 828 19.04 10.55 13.73
N ASN A 829 18.41 10.92 14.84
CA ASN A 829 18.11 12.33 15.12
C ASN A 829 19.42 13.04 15.47
N LEU A 830 19.87 13.90 14.58
CA LEU A 830 21.14 14.58 14.75
C LEU A 830 20.95 15.88 15.51
N SER A 831 21.98 16.70 15.53
CA SER A 831 21.92 18.02 16.14
C SER A 831 22.21 19.05 15.07
N GLY A 832 21.92 20.31 15.41
CA GLY A 832 22.01 21.37 14.41
C GLY A 832 23.42 21.65 13.96
N GLY A 833 24.38 21.62 14.90
CA GLY A 833 25.77 21.74 14.50
C GLY A 833 26.24 20.54 13.70
N GLN A 834 25.81 19.35 14.10
CA GLN A 834 26.19 18.14 13.36
C GLN A 834 25.58 18.11 11.96
N ARG A 835 24.30 18.50 11.84
CA ARG A 835 23.67 18.52 10.52
C ARG A 835 24.22 19.64 9.65
N GLN A 836 24.52 20.79 10.27
CA GLN A 836 25.12 21.90 9.53
C GLN A 836 26.52 21.54 9.06
N ARG A 837 27.26 20.79 9.88
CA ARG A 837 28.60 20.37 9.51
C ARG A 837 28.56 19.30 8.43
N ILE A 838 27.56 18.41 8.47
CA ILE A 838 27.44 17.41 7.41
C ILE A 838 27.05 18.06 6.09
N SER A 839 26.16 19.06 6.15
CA SER A 839 25.77 19.79 4.94
C SER A 839 26.94 20.60 4.39
N VAL A 840 27.71 21.21 5.29
CA VAL A 840 28.90 21.96 4.89
C VAL A 840 29.95 21.04 4.33
N ALA A 841 30.03 19.81 4.84
CA ALA A 841 30.97 18.84 4.33
C ALA A 841 30.59 18.39 2.93
N ARG A 842 29.30 18.14 2.68
CA ARG A 842 28.87 17.82 1.32
C ARG A 842 29.06 18.99 0.37
N ALA A 843 28.87 20.22 0.87
CA ALA A 843 29.10 21.42 0.07
C ALA A 843 30.57 21.56 -0.29
N LEU A 844 31.45 21.27 0.68
CA LEU A 844 32.88 21.43 0.45
C LEU A 844 33.34 20.29 -0.44
N TYR A 845 32.67 19.14 -0.31
CA TYR A 845 33.07 17.91 -0.93
C TYR A 845 32.72 17.92 -2.41
N GLN A 846 31.75 18.74 -2.81
CA GLN A 846 31.08 18.52 -4.09
C GLN A 846 31.87 19.02 -5.30
N GLN A 847 33.11 19.50 -5.11
CA GLN A 847 34.11 19.75 -6.16
C GLN A 847 33.61 20.74 -7.22
N THR A 848 33.43 21.98 -6.78
CA THR A 848 32.75 22.96 -7.62
C THR A 848 33.63 24.18 -7.82
N ASN A 849 33.32 24.94 -8.87
CA ASN A 849 34.06 26.15 -9.18
C ASN A 849 33.59 27.34 -8.36
N VAL A 850 32.59 27.16 -7.50
CA VAL A 850 32.21 28.15 -6.52
C VAL A 850 31.58 27.40 -5.36
N VAL A 851 31.51 28.07 -4.21
CA VAL A 851 30.89 27.47 -3.04
C VAL A 851 30.23 28.54 -2.19
N PHE A 852 28.91 28.46 -2.02
CA PHE A 852 28.17 29.43 -1.23
C PHE A 852 27.88 28.79 0.12
N LEU A 853 28.25 29.50 1.18
CA LEU A 853 27.99 29.11 2.57
C LEU A 853 27.17 30.22 3.21
N ASP A 854 25.86 30.00 3.29
CA ASP A 854 24.95 30.98 3.88
C ASP A 854 24.90 30.68 5.37
N ASP A 855 25.85 31.29 6.11
CA ASP A 855 26.07 31.16 7.54
C ASP A 855 26.19 29.73 8.04
N PRO A 856 27.29 29.03 7.75
CA PRO A 856 27.44 27.68 8.30
C PRO A 856 27.84 27.70 9.76
N PHE A 857 28.57 28.72 10.19
CA PHE A 857 29.01 28.83 11.57
C PHE A 857 28.02 29.62 12.42
N SER A 858 26.76 29.65 12.01
CA SER A 858 25.66 30.29 12.69
C SER A 858 25.04 29.36 13.72
N ALA A 859 24.74 28.14 13.29
CA ALA A 859 24.13 27.17 14.18
C ALA A 859 25.15 26.31 14.91
N LEU A 860 26.38 26.19 14.41
CA LEU A 860 27.36 25.38 15.11
C LEU A 860 27.91 26.28 16.21
N ASP A 861 27.31 26.18 17.39
CA ASP A 861 27.67 27.01 18.53
C ASP A 861 28.90 26.51 19.29
N VAL A 862 29.46 25.37 18.91
CA VAL A 862 30.71 24.93 19.49
C VAL A 862 31.80 25.83 18.93
N HIS A 863 32.31 26.74 19.76
CA HIS A 863 33.18 27.80 19.27
C HIS A 863 34.55 27.28 18.85
N LEU A 864 35.13 26.36 19.62
CA LEU A 864 36.45 25.87 19.24
C LEU A 864 36.35 24.95 18.04
N SER A 865 35.23 24.22 17.94
CA SER A 865 34.93 23.43 16.74
C SER A 865 34.72 24.35 15.55
N ASP A 866 34.03 25.48 15.76
CA ASP A 866 33.76 26.41 14.67
C ASP A 866 35.05 27.08 14.22
N HIS A 867 35.94 27.39 15.16
CA HIS A 867 37.21 28.00 14.79
C HIS A 867 38.10 27.02 14.02
N LEU A 868 38.16 25.76 14.48
CA LEU A 868 38.93 24.75 13.75
C LEU A 868 38.32 24.46 12.39
N MET A 869 37.00 24.51 12.30
CA MET A 869 36.30 24.32 11.03
C MET A 869 36.55 25.49 10.09
N GLN A 870 36.57 26.71 10.62
CA GLN A 870 36.84 27.89 9.79
C GLN A 870 38.26 27.85 9.25
N ALA A 871 39.22 27.51 10.10
CA ALA A 871 40.61 27.43 9.64
C ALA A 871 40.81 26.30 8.63
N GLY A 872 40.17 25.15 8.87
CA GLY A 872 40.27 24.07 7.91
C GLY A 872 39.52 24.33 6.63
N ILE A 873 38.45 25.13 6.70
CA ILE A 873 37.71 25.52 5.50
C ILE A 873 38.53 26.49 4.66
N LEU A 874 39.18 27.45 5.32
CA LEU A 874 40.10 28.36 4.64
C LEU A 874 41.23 27.60 3.99
N GLU A 875 41.79 26.61 4.70
CA GLU A 875 42.88 25.80 4.16
C GLU A 875 42.42 24.95 2.97
N LEU A 876 41.24 24.34 3.08
CA LEU A 876 40.73 23.49 2.01
C LEU A 876 40.37 24.29 0.77
N LEU A 877 39.71 25.43 0.94
CA LEU A 877 39.37 26.26 -0.22
C LEU A 877 40.58 26.97 -0.79
N ARG A 878 41.64 27.16 -0.01
CA ARG A 878 42.85 27.75 -0.56
C ARG A 878 43.66 26.69 -1.30
N ASP A 879 43.66 25.47 -0.79
CA ASP A 879 44.32 24.33 -1.41
C ASP A 879 43.49 23.70 -2.52
N ASP A 880 42.27 24.17 -2.75
CA ASP A 880 41.49 23.69 -3.88
C ASP A 880 41.41 24.69 -5.02
N LYS A 881 41.67 25.97 -4.75
CA LYS A 881 41.61 27.07 -5.71
C LYS A 881 40.23 27.18 -6.38
N ARG A 882 39.23 27.45 -5.56
CA ARG A 882 37.86 27.59 -6.01
C ARG A 882 37.23 28.76 -5.28
N THR A 883 36.28 29.42 -5.93
CA THR A 883 35.75 30.64 -5.33
C THR A 883 34.84 30.26 -4.18
N VAL A 884 34.85 31.09 -3.13
CA VAL A 884 33.98 30.87 -1.98
C VAL A 884 33.24 32.15 -1.64
N VAL A 885 32.10 31.98 -0.97
CA VAL A 885 31.35 33.11 -0.50
C VAL A 885 30.68 32.70 0.80
N LEU A 886 31.09 33.30 1.91
CA LEU A 886 30.56 32.97 3.23
C LEU A 886 29.82 34.18 3.79
N VAL A 887 28.50 34.07 3.93
CA VAL A 887 27.68 35.18 4.38
C VAL A 887 27.25 34.83 5.80
N THR A 888 27.87 35.47 6.79
CA THR A 888 27.51 35.24 8.18
C THR A 888 27.87 36.46 9.01
N HIS A 889 27.64 36.36 10.31
CA HIS A 889 27.99 37.39 11.26
C HIS A 889 29.23 37.03 12.08
N LYS A 890 29.95 35.98 11.69
CA LYS A 890 31.16 35.56 12.42
C LYS A 890 32.26 36.55 12.05
N LEU A 891 32.36 37.61 12.83
CA LEU A 891 33.30 38.68 12.55
C LEU A 891 34.69 38.43 13.14
N GLN A 892 35.02 37.18 13.46
CA GLN A 892 36.36 36.92 13.96
C GLN A 892 37.39 36.91 12.84
N TYR A 893 36.96 36.60 11.62
CA TYR A 893 37.88 36.57 10.48
C TYR A 893 37.50 37.51 9.37
N LEU A 894 36.24 37.94 9.29
CA LEU A 894 35.74 38.69 8.15
C LEU A 894 36.42 40.03 7.83
N PRO A 895 36.87 40.87 8.76
CA PRO A 895 37.66 42.04 8.34
C PRO A 895 39.15 41.80 8.15
N HIS A 896 39.63 40.55 8.17
CA HIS A 896 41.07 40.29 8.12
C HIS A 896 41.63 39.99 6.73
N ALA A 897 41.21 38.90 6.11
CA ALA A 897 41.90 38.38 4.92
C ALA A 897 40.91 37.87 3.88
N ASP A 898 39.88 38.65 3.60
CA ASP A 898 38.89 38.30 2.60
C ASP A 898 38.68 39.46 1.63
N TRP A 899 38.09 39.14 0.49
CA TRP A 899 37.65 40.15 -0.49
C TRP A 899 36.16 40.38 -0.31
N ILE A 900 35.86 41.04 0.80
CA ILE A 900 34.55 41.07 1.45
C ILE A 900 33.52 41.87 0.67
N ILE A 901 32.25 41.71 1.06
CA ILE A 901 31.10 42.38 0.47
C ILE A 901 30.07 42.56 1.57
N ALA A 902 29.59 43.79 1.72
CA ALA A 902 28.75 44.19 2.85
C ALA A 902 27.38 44.61 2.36
N MET A 903 26.35 44.06 2.98
CA MET A 903 24.97 44.36 2.64
C MET A 903 24.41 45.28 3.71
N LYS A 904 24.27 46.56 3.38
CA LYS A 904 23.66 47.54 4.25
C LYS A 904 22.22 47.80 3.80
N ASP A 905 21.30 47.73 4.79
CA ASP A 905 19.87 48.01 4.63
C ASP A 905 19.19 47.14 3.58
N GLY A 906 19.68 45.92 3.38
CA GLY A 906 19.12 45.07 2.36
C GLY A 906 19.58 45.40 0.97
N THR A 907 20.71 46.09 0.83
CA THR A 907 21.29 46.46 -0.45
C THR A 907 22.80 46.30 -0.30
N ILE A 908 23.51 46.23 -1.41
CA ILE A 908 24.95 46.07 -1.32
C ILE A 908 25.54 47.46 -1.18
N GLN A 909 26.38 47.66 -0.16
CA GLN A 909 27.04 48.95 0.04
C GLN A 909 28.42 49.01 -0.62
N ARG A 910 29.33 48.16 -0.18
CA ARG A 910 30.68 48.17 -0.72
C ARG A 910 31.26 46.77 -0.75
N GLU A 911 31.82 46.40 -1.89
CA GLU A 911 32.49 45.12 -2.09
C GLU A 911 33.91 45.52 -2.47
N GLY A 912 34.75 45.65 -1.46
CA GLY A 912 36.12 46.09 -1.64
C GLY A 912 36.93 45.64 -0.46
N THR A 913 37.96 46.43 -0.13
CA THR A 913 38.85 46.01 0.93
C THR A 913 38.28 46.36 2.31
N LEU A 914 39.01 45.91 3.33
CA LEU A 914 38.65 46.14 4.72
C LEU A 914 38.87 47.59 5.15
N LYS A 915 39.73 48.32 4.45
CA LYS A 915 39.97 49.72 4.79
C LYS A 915 38.80 50.63 4.46
N ASP A 916 37.99 50.25 3.47
CA ASP A 916 36.77 51.02 3.21
C ASP A 916 35.74 50.84 4.32
N PHE A 917 35.61 49.63 4.89
CA PHE A 917 34.76 49.45 6.06
C PHE A 917 35.39 50.02 7.33
N GLN A 918 36.70 50.27 7.32
CA GLN A 918 37.35 51.09 8.34
C GLN A 918 37.31 52.56 7.97
N ARG A 919 36.50 52.94 6.99
CA ARG A 919 36.34 54.33 6.58
C ARG A 919 34.88 54.71 6.39
N SER A 920 33.96 53.86 6.88
CA SER A 920 32.53 54.10 6.78
C SER A 920 31.85 53.78 8.11
N GLU A 921 32.65 53.80 9.19
CA GLU A 921 32.21 53.64 10.57
C GLU A 921 31.53 52.28 10.73
N CYS A 922 32.22 51.27 10.23
CA CYS A 922 31.78 49.89 10.25
C CYS A 922 32.84 49.01 10.86
N GLN A 923 33.95 49.60 11.30
CA GLN A 923 35.01 48.86 11.94
C GLN A 923 34.87 48.82 13.45
N LEU A 924 33.89 49.52 14.02
CA LEU A 924 33.71 49.45 15.46
C LEU A 924 33.18 48.07 15.84
N PHE A 925 32.37 47.49 14.95
CA PHE A 925 31.91 46.13 15.13
C PHE A 925 33.01 45.15 14.73
N GLU A 926 33.82 45.51 13.75
CA GLU A 926 34.95 44.69 13.34
C GLU A 926 36.11 44.76 14.32
N HIS A 927 36.16 45.81 15.16
CA HIS A 927 37.07 45.83 16.29
C HIS A 927 36.40 45.28 17.55
N TRP A 928 35.31 44.53 17.40
CA TRP A 928 34.62 43.92 18.52
C TRP A 928 34.33 42.45 18.24
N GLN A 992 10.23 -19.05 5.69
CA GLN A 992 8.98 -18.38 5.41
C GLN A 992 7.81 -19.08 6.09
N ARG A 993 6.93 -18.30 6.71
CA ARG A 993 5.74 -18.82 7.37
C ARG A 993 4.58 -18.92 6.38
N ALA A 994 3.80 -19.98 6.49
CA ALA A 994 2.58 -20.09 5.69
C ALA A 994 1.47 -19.19 6.23
N LYS A 995 0.98 -19.48 7.43
CA LYS A 995 -0.25 -18.88 7.96
C LYS A 995 0.00 -18.55 9.42
N ILE A 996 -1.06 -18.27 10.17
CA ILE A 996 -0.79 -17.78 11.52
C ILE A 996 -1.57 -18.51 12.62
N PRO A 997 -1.90 -19.80 12.46
CA PRO A 997 -3.21 -20.33 12.94
C PRO A 997 -3.37 -20.25 14.45
N TRP A 998 -2.23 -20.31 15.13
CA TRP A 998 -2.10 -20.14 16.57
C TRP A 998 -2.43 -18.73 17.01
N ARG A 999 -1.81 -17.72 16.39
CA ARG A 999 -2.09 -16.35 16.81
C ARG A 999 -3.52 -15.94 16.48
N ALA A 1000 -4.09 -16.41 15.36
CA ALA A 1000 -5.46 -16.06 15.06
C ALA A 1000 -6.43 -16.75 16.01
N CYS A 1001 -6.10 -17.99 16.40
CA CYS A 1001 -6.91 -18.71 17.38
C CYS A 1001 -6.82 -18.06 18.76
N THR A 1002 -5.61 -17.63 19.13
CA THR A 1002 -5.39 -16.93 20.40
C THR A 1002 -6.13 -15.60 20.41
N LYS A 1003 -6.18 -14.92 19.26
CA LYS A 1003 -6.92 -13.68 19.15
C LYS A 1003 -8.40 -13.92 19.39
N TYR A 1004 -8.98 -14.89 18.68
CA TYR A 1004 -10.40 -15.15 18.81
C TYR A 1004 -10.76 -15.66 20.21
N LEU A 1005 -9.87 -16.46 20.80
CA LEU A 1005 -10.09 -17.02 22.12
C LEU A 1005 -10.02 -15.94 23.20
N SER A 1006 -8.90 -15.21 23.27
CA SER A 1006 -8.71 -14.20 24.28
C SER A 1006 -9.57 -12.97 24.05
N SER A 1007 -10.16 -12.84 22.87
CA SER A 1007 -10.96 -11.68 22.53
C SER A 1007 -12.43 -11.96 22.80
N ALA A 1008 -12.96 -13.04 22.22
CA ALA A 1008 -14.40 -13.21 22.17
C ALA A 1008 -14.96 -13.72 23.49
N GLY A 1009 -14.51 -14.89 23.93
CA GLY A 1009 -15.28 -15.59 24.94
C GLY A 1009 -16.25 -16.51 24.23
N ILE A 1010 -16.38 -17.75 24.72
CA ILE A 1010 -17.08 -18.77 23.95
C ILE A 1010 -18.57 -18.49 23.91
N LEU A 1011 -19.10 -17.76 24.89
CA LEU A 1011 -20.52 -17.43 24.90
C LEU A 1011 -20.91 -16.48 23.78
N LEU A 1012 -19.94 -15.80 23.17
CA LEU A 1012 -20.22 -15.02 21.97
C LEU A 1012 -19.54 -15.56 20.72
N LEU A 1013 -18.42 -16.26 20.84
CA LEU A 1013 -17.81 -16.90 19.67
C LEU A 1013 -18.70 -18.01 19.14
N SER A 1014 -19.30 -18.78 20.05
CA SER A 1014 -20.25 -19.81 19.66
C SER A 1014 -21.48 -19.19 19.02
N LEU A 1015 -21.94 -18.06 19.56
CA LEU A 1015 -23.09 -17.36 19.00
C LEU A 1015 -22.77 -16.84 17.61
N LEU A 1016 -21.54 -16.38 17.39
CA LEU A 1016 -21.13 -15.88 16.08
C LEU A 1016 -21.11 -17.01 15.05
N VAL A 1017 -20.49 -18.13 15.40
CA VAL A 1017 -20.41 -19.26 14.47
C VAL A 1017 -21.79 -19.86 14.24
N PHE A 1018 -22.61 -19.89 15.28
CA PHE A 1018 -23.97 -20.42 15.16
C PHE A 1018 -24.85 -19.52 14.32
N SER A 1019 -24.70 -18.21 14.45
CA SER A 1019 -25.51 -17.29 13.65
C SER A 1019 -25.09 -17.33 12.18
N GLN A 1020 -23.79 -17.48 11.92
CA GLN A 1020 -23.33 -17.60 10.54
C GLN A 1020 -23.83 -18.89 9.90
N LEU A 1021 -23.70 -20.01 10.63
CA LEU A 1021 -24.15 -21.30 10.12
C LEU A 1021 -25.65 -21.34 9.99
N LEU A 1022 -26.38 -20.69 10.89
CA LEU A 1022 -27.83 -20.64 10.81
C LEU A 1022 -28.28 -19.80 9.64
N LYS A 1023 -27.60 -18.69 9.38
CA LYS A 1023 -27.94 -17.86 8.23
C LYS A 1023 -27.70 -18.62 6.92
N HIS A 1024 -26.62 -19.40 6.86
CA HIS A 1024 -26.37 -20.11 5.61
C HIS A 1024 -27.29 -21.32 5.45
N MET A 1025 -27.66 -21.95 6.57
CA MET A 1025 -28.67 -23.00 6.53
C MET A 1025 -30.03 -22.44 6.15
N VAL A 1026 -30.34 -21.22 6.59
CA VAL A 1026 -31.60 -20.59 6.22
C VAL A 1026 -31.60 -20.23 4.73
N LEU A 1027 -30.44 -19.87 4.18
CA LEU A 1027 -30.41 -19.57 2.75
C LEU A 1027 -30.56 -20.84 1.92
N VAL A 1028 -29.94 -21.94 2.39
CA VAL A 1028 -30.16 -23.26 1.79
C VAL A 1028 -31.63 -23.65 1.89
N ALA A 1029 -32.25 -23.35 3.03
CA ALA A 1029 -33.64 -23.73 3.26
C ALA A 1029 -34.58 -22.94 2.37
N ILE A 1030 -34.28 -21.65 2.16
CA ILE A 1030 -35.15 -20.85 1.32
C ILE A 1030 -34.97 -21.25 -0.14
N ASP A 1031 -33.77 -21.68 -0.52
CA ASP A 1031 -33.56 -22.15 -1.88
C ASP A 1031 -34.29 -23.47 -2.15
N TYR A 1032 -34.20 -24.41 -1.20
CA TYR A 1032 -34.90 -25.68 -1.37
C TYR A 1032 -36.40 -25.51 -1.30
N TRP A 1033 -36.88 -24.56 -0.51
CA TRP A 1033 -38.32 -24.33 -0.45
C TRP A 1033 -38.83 -23.68 -1.72
N LEU A 1034 -38.05 -22.76 -2.29
CA LEU A 1034 -38.38 -22.20 -3.60
C LEU A 1034 -38.42 -23.29 -4.67
N ALA A 1035 -37.45 -24.21 -4.63
CA ALA A 1035 -37.41 -25.28 -5.62
C ALA A 1035 -38.61 -26.21 -5.49
N LYS A 1036 -38.94 -26.60 -4.26
CA LYS A 1036 -40.05 -27.51 -4.04
C LYS A 1036 -41.38 -26.85 -4.35
N TRP A 1037 -41.52 -25.56 -4.03
CA TRP A 1037 -42.75 -24.86 -4.34
C TRP A 1037 -42.93 -24.65 -5.83
N THR A 1038 -41.85 -24.34 -6.55
CA THR A 1038 -41.99 -24.17 -7.98
C THR A 1038 -42.26 -25.51 -8.68
N ASP A 1039 -41.71 -26.60 -8.16
CA ASP A 1039 -42.00 -27.93 -8.70
C ASP A 1039 -43.45 -28.36 -8.45
N SER A 1040 -43.94 -28.19 -7.22
CA SER A 1040 -45.30 -28.60 -6.89
C SER A 1040 -46.40 -27.72 -7.45
N ALA A 1041 -46.09 -26.52 -7.94
CA ALA A 1041 -47.09 -25.72 -8.62
C ALA A 1041 -47.16 -25.99 -10.11
N LEU A 1042 -46.09 -26.48 -10.72
CA LEU A 1042 -46.15 -26.85 -12.13
C LEU A 1042 -46.86 -28.18 -12.34
N VAL A 1043 -46.75 -29.11 -11.38
CA VAL A 1043 -47.37 -30.42 -11.53
C VAL A 1043 -48.87 -30.42 -11.26
N LEU A 1044 -49.46 -29.28 -10.93
CA LEU A 1044 -50.90 -29.22 -10.68
C LEU A 1044 -51.68 -28.93 -11.96
N ASP A 1060 -51.85 -26.75 -2.37
CA ASP A 1060 -51.33 -26.22 -1.12
C ASP A 1060 -50.40 -25.04 -1.39
N GLN A 1061 -50.76 -24.22 -2.37
CA GLN A 1061 -49.83 -23.24 -2.92
C GLN A 1061 -49.64 -22.07 -1.97
N SER A 1062 -50.70 -21.67 -1.28
CA SER A 1062 -50.58 -20.63 -0.26
C SER A 1062 -49.72 -21.08 0.91
N VAL A 1063 -49.69 -22.38 1.20
CA VAL A 1063 -48.78 -22.90 2.21
C VAL A 1063 -47.33 -22.73 1.76
N TYR A 1064 -47.07 -22.96 0.47
CA TYR A 1064 -45.73 -22.74 -0.08
C TYR A 1064 -45.33 -21.28 -0.01
N ALA A 1065 -46.26 -20.38 -0.33
CA ALA A 1065 -45.96 -18.95 -0.27
C ALA A 1065 -45.75 -18.48 1.15
N MET A 1066 -46.53 -19.01 2.10
CA MET A 1066 -46.38 -18.59 3.49
C MET A 1066 -45.08 -19.09 4.09
N VAL A 1067 -44.70 -20.33 3.81
CA VAL A 1067 -43.42 -20.81 4.34
C VAL A 1067 -42.24 -20.14 3.63
N PHE A 1068 -42.41 -19.75 2.36
CA PHE A 1068 -41.34 -18.99 1.69
C PHE A 1068 -41.15 -17.61 2.30
N THR A 1069 -42.26 -16.94 2.65
CA THR A 1069 -42.15 -15.64 3.31
C THR A 1069 -41.59 -15.78 4.72
N LEU A 1070 -42.03 -16.79 5.45
CA LEU A 1070 -41.52 -16.97 6.80
C LEU A 1070 -40.14 -17.59 6.83
N LEU A 1071 -39.60 -18.02 5.70
CA LEU A 1071 -38.19 -18.37 5.65
C LEU A 1071 -37.33 -17.20 5.22
N CYS A 1072 -37.86 -16.33 4.35
CA CYS A 1072 -37.12 -15.12 4.02
C CYS A 1072 -37.04 -14.16 5.20
N SER A 1073 -38.07 -14.13 6.05
CA SER A 1073 -38.01 -13.31 7.26
C SER A 1073 -36.96 -13.82 8.24
N LEU A 1074 -36.87 -15.14 8.40
CA LEU A 1074 -35.83 -15.72 9.24
C LEU A 1074 -34.44 -15.48 8.65
N GLY A 1075 -34.35 -15.49 7.32
CA GLY A 1075 -33.08 -15.17 6.67
C GLY A 1075 -32.64 -13.75 6.95
N ILE A 1076 -33.58 -12.80 6.84
CA ILE A 1076 -33.25 -11.39 7.09
C ILE A 1076 -32.88 -11.18 8.53
N VAL A 1077 -33.57 -11.87 9.44
CA VAL A 1077 -33.30 -11.73 10.87
C VAL A 1077 -31.93 -12.30 11.20
N LEU A 1078 -31.58 -13.43 10.59
CA LEU A 1078 -30.28 -14.03 10.85
C LEU A 1078 -29.15 -13.22 10.22
N CYS A 1079 -29.42 -12.54 9.10
CA CYS A 1079 -28.42 -11.65 8.54
C CYS A 1079 -28.20 -10.43 9.42
N LEU A 1080 -29.28 -9.91 10.03
CA LEU A 1080 -29.15 -8.83 10.99
C LEU A 1080 -28.37 -9.28 12.21
N VAL A 1081 -28.60 -10.52 12.65
CA VAL A 1081 -27.92 -11.07 13.81
C VAL A 1081 -26.43 -11.23 13.55
N THR A 1082 -26.07 -11.74 12.37
CA THR A 1082 -24.66 -11.90 12.04
C THR A 1082 -23.97 -10.56 11.87
N SER A 1083 -24.68 -9.59 11.29
CA SER A 1083 -24.11 -8.25 11.11
C SER A 1083 -23.90 -7.56 12.45
N VAL A 1084 -24.76 -7.85 13.43
CA VAL A 1084 -24.55 -7.30 14.75
C VAL A 1084 -23.38 -8.00 15.43
N THR A 1085 -23.30 -9.33 15.25
CA THR A 1085 -22.34 -10.14 15.99
C THR A 1085 -20.92 -9.86 15.53
N VAL A 1086 -20.74 -9.59 14.24
CA VAL A 1086 -19.40 -9.32 13.70
C VAL A 1086 -18.83 -8.04 14.29
N GLU A 1087 -19.63 -6.97 14.28
CA GLU A 1087 -19.16 -5.69 14.80
C GLU A 1087 -18.99 -5.74 16.32
N TRP A 1088 -19.83 -6.50 17.02
CA TRP A 1088 -19.67 -6.60 18.47
C TRP A 1088 -18.42 -7.38 18.84
N THR A 1089 -18.13 -8.46 18.09
CA THR A 1089 -16.92 -9.23 18.34
C THR A 1089 -15.67 -8.42 18.03
N GLY A 1090 -15.71 -7.63 16.96
CA GLY A 1090 -14.57 -6.78 16.65
C GLY A 1090 -14.37 -5.67 17.67
N LEU A 1091 -15.47 -5.14 18.22
CA LEU A 1091 -15.37 -4.08 19.20
C LEU A 1091 -14.77 -4.60 20.51
N LYS A 1092 -15.26 -5.74 20.99
CA LYS A 1092 -14.69 -6.33 22.21
C LYS A 1092 -13.26 -6.79 22.00
N VAL A 1093 -12.94 -7.28 20.80
CA VAL A 1093 -11.59 -7.68 20.45
C VAL A 1093 -10.63 -6.49 20.55
N ALA A 1094 -10.97 -5.39 19.88
CA ALA A 1094 -10.10 -4.21 19.88
C ALA A 1094 -9.97 -3.60 21.26
N LYS A 1095 -11.06 -3.59 22.04
CA LYS A 1095 -11.04 -3.03 23.39
C LYS A 1095 -10.10 -3.82 24.29
N ARG A 1096 -10.31 -5.13 24.39
CA ARG A 1096 -9.52 -5.92 25.33
C ARG A 1096 -8.09 -6.10 24.85
N LEU A 1097 -7.86 -6.14 23.54
CA LEU A 1097 -6.49 -6.17 23.05
C LEU A 1097 -5.76 -4.87 23.31
N HIS A 1098 -6.46 -3.73 23.23
CA HIS A 1098 -5.79 -2.47 23.51
C HIS A 1098 -5.48 -2.33 24.99
N ARG A 1099 -6.39 -2.75 25.86
CA ARG A 1099 -6.11 -2.64 27.27
C ARG A 1099 -5.02 -3.60 27.70
N SER A 1100 -4.93 -4.76 27.05
CA SER A 1100 -3.83 -5.68 27.34
C SER A 1100 -2.50 -5.13 26.85
N LEU A 1101 -2.47 -4.52 25.65
CA LEU A 1101 -1.24 -3.95 25.14
C LEU A 1101 -0.77 -2.76 25.97
N LEU A 1102 -1.72 -1.91 26.41
CA LEU A 1102 -1.36 -0.78 27.24
C LEU A 1102 -0.85 -1.22 28.60
N ASN A 1103 -1.48 -2.22 29.20
CA ASN A 1103 -1.05 -2.67 30.52
C ASN A 1103 0.30 -3.36 30.44
N ARG A 1104 0.54 -4.12 29.38
CA ARG A 1104 1.85 -4.76 29.24
C ARG A 1104 2.92 -3.77 28.84
N ILE A 1105 2.55 -2.69 28.15
CA ILE A 1105 3.51 -1.63 27.84
C ILE A 1105 3.83 -0.74 29.03
N ILE A 1106 2.95 -0.64 30.02
CA ILE A 1106 3.28 0.14 31.21
C ILE A 1106 4.31 -0.62 32.05
N LEU A 1107 4.05 -1.89 32.31
CA LEU A 1107 4.89 -2.74 33.15
C LEU A 1107 6.09 -3.24 32.35
N ALA A 1108 6.96 -2.31 31.99
CA ALA A 1108 8.15 -2.62 31.22
C ALA A 1108 9.35 -1.92 31.85
N PRO A 1109 10.55 -2.48 31.69
CA PRO A 1109 11.75 -1.78 32.15
C PRO A 1109 12.22 -0.76 31.13
N MET A 1110 13.02 0.19 31.63
CA MET A 1110 13.60 1.16 30.73
C MET A 1110 14.72 0.56 29.90
N ARG A 1111 15.28 -0.57 30.35
CA ARG A 1111 16.30 -1.25 29.57
C ARG A 1111 15.72 -1.84 28.29
N PHE A 1112 14.46 -2.27 28.33
CA PHE A 1112 13.80 -2.71 27.11
C PHE A 1112 13.57 -1.56 26.16
N PHE A 1113 13.27 -0.37 26.70
CA PHE A 1113 13.13 0.80 25.83
C PHE A 1113 14.49 1.26 25.31
N GLU A 1114 15.55 0.96 26.04
CA GLU A 1114 16.89 1.18 25.50
C GLU A 1114 17.19 0.16 24.41
N THR A 1115 16.74 -1.07 24.60
CA THR A 1115 16.99 -2.14 23.65
C THR A 1115 16.12 -1.97 22.40
N THR A 1116 14.81 -1.99 22.59
CA THR A 1116 14.03 -1.89 21.37
C THR A 1116 13.70 -0.43 21.10
N PRO A 1117 13.71 -0.01 19.84
CA PRO A 1117 13.42 1.39 19.53
C PRO A 1117 11.95 1.70 19.71
N LEU A 1118 11.66 3.00 19.71
CA LEU A 1118 10.27 3.44 19.75
C LEU A 1118 9.60 3.29 18.40
N GLY A 1119 10.37 3.21 17.32
CA GLY A 1119 9.75 3.07 16.01
C GLY A 1119 9.07 1.73 15.84
N SER A 1120 9.72 0.65 16.28
CA SER A 1120 9.14 -0.68 16.17
C SER A 1120 7.93 -0.84 17.08
N ILE A 1121 8.04 -0.34 18.31
CA ILE A 1121 6.95 -0.45 19.28
C ILE A 1121 5.79 0.41 18.85
N LEU A 1122 6.07 1.62 18.35
CA LEU A 1122 5.02 2.52 17.91
C LEU A 1122 4.36 2.02 16.64
N ASN A 1123 5.14 1.42 15.73
CA ASN A 1123 4.57 0.88 14.50
C ASN A 1123 3.65 -0.29 14.80
N ARG A 1124 4.17 -1.32 15.47
CA ARG A 1124 3.33 -2.46 15.82
C ARG A 1124 2.31 -2.14 16.90
N PHE A 1125 2.34 -0.94 17.49
CA PHE A 1125 1.23 -0.44 18.28
C PHE A 1125 0.16 0.15 17.37
N SER A 1126 0.51 1.22 16.67
CA SER A 1126 -0.46 2.09 16.03
C SER A 1126 -1.01 1.48 14.76
N SER A 1127 -0.14 1.02 13.86
CA SER A 1127 -0.63 0.49 12.59
C SER A 1127 -1.35 -0.83 12.80
N ASP A 1128 -0.91 -1.62 13.78
CA ASP A 1128 -1.60 -2.86 14.04
C ASP A 1128 -2.89 -2.63 14.81
N CYS A 1129 -2.97 -1.54 15.59
CA CYS A 1129 -4.24 -1.19 16.19
C CYS A 1129 -5.23 -0.70 15.13
N ASN A 1130 -4.71 -0.01 14.12
CA ASN A 1130 -5.53 0.39 12.98
C ASN A 1130 -6.00 -0.83 12.22
N THR A 1131 -5.12 -1.82 12.04
CA THR A 1131 -5.48 -3.04 11.33
C THR A 1131 -6.49 -3.87 12.12
N ILE A 1132 -6.37 -3.89 13.43
CA ILE A 1132 -7.29 -4.66 14.26
C ILE A 1132 -8.47 -3.81 14.71
N ASP A 1133 -8.58 -2.61 14.16
CA ASP A 1133 -9.73 -1.76 14.41
C ASP A 1133 -10.59 -1.52 13.19
N GLN A 1134 -9.98 -1.39 12.01
CA GLN A 1134 -10.70 -1.01 10.81
C GLN A 1134 -10.48 -1.97 9.65
N HIS A 1135 -9.79 -3.06 9.86
CA HIS A 1135 -9.50 -3.97 8.75
C HIS A 1135 -9.84 -5.41 9.06
N ILE A 1136 -9.63 -5.85 10.30
CA ILE A 1136 -9.92 -7.22 10.73
C ILE A 1136 -11.42 -7.56 10.76
N PRO A 1137 -12.34 -6.72 11.28
CA PRO A 1137 -13.75 -7.16 11.28
C PRO A 1137 -14.37 -7.27 9.90
N SER A 1138 -14.04 -6.35 8.99
CA SER A 1138 -14.57 -6.46 7.64
C SER A 1138 -14.01 -7.66 6.89
N THR A 1139 -12.71 -7.94 7.04
CA THR A 1139 -12.14 -9.12 6.42
C THR A 1139 -12.69 -10.40 7.03
N LEU A 1140 -12.98 -10.37 8.33
CA LEU A 1140 -13.55 -11.55 8.98
C LEU A 1140 -14.98 -11.79 8.52
N GLU A 1141 -15.77 -10.73 8.40
CA GLU A 1141 -17.13 -10.86 7.88
C GLU A 1141 -17.14 -11.36 6.45
N CYS A 1142 -16.24 -10.83 5.61
CA CYS A 1142 -16.21 -11.25 4.22
C CYS A 1142 -15.74 -12.69 4.07
N LEU A 1143 -14.78 -13.13 4.89
CA LEU A 1143 -14.33 -14.50 4.79
C LEU A 1143 -15.38 -15.46 5.34
N SER A 1144 -15.95 -15.13 6.50
CA SER A 1144 -16.96 -15.98 7.11
C SER A 1144 -18.26 -16.01 6.33
N ARG A 1145 -18.48 -15.04 5.44
CA ARG A 1145 -19.61 -15.22 4.53
C ARG A 1145 -19.22 -15.89 3.24
N SER A 1146 -17.98 -15.71 2.79
CA SER A 1146 -17.63 -16.22 1.48
C SER A 1146 -17.32 -17.71 1.51
N THR A 1147 -16.50 -18.15 2.45
CA THR A 1147 -16.20 -19.57 2.50
C THR A 1147 -17.40 -20.39 2.98
N LEU A 1148 -18.29 -19.78 3.76
CA LEU A 1148 -19.43 -20.55 4.23
C LEU A 1148 -20.52 -20.61 3.18
N LEU A 1149 -20.70 -19.52 2.41
CA LEU A 1149 -21.52 -19.57 1.21
C LEU A 1149 -20.98 -20.56 0.18
N CYS A 1150 -19.65 -20.67 0.07
CA CYS A 1150 -19.05 -21.60 -0.88
C CYS A 1150 -19.29 -23.04 -0.47
N VAL A 1151 -19.09 -23.35 0.80
CA VAL A 1151 -19.34 -24.69 1.29
C VAL A 1151 -20.81 -25.04 1.19
N SER A 1152 -21.69 -24.06 1.47
CA SER A 1152 -23.13 -24.25 1.31
C SER A 1152 -23.49 -24.58 -0.14
N ALA A 1153 -22.94 -23.83 -1.09
CA ALA A 1153 -23.30 -24.00 -2.48
C ALA A 1153 -22.76 -25.32 -3.03
N LEU A 1154 -21.55 -25.71 -2.63
CA LEU A 1154 -21.03 -26.98 -3.11
C LEU A 1154 -21.72 -28.16 -2.44
N THR A 1155 -22.20 -27.98 -1.20
CA THR A 1155 -23.00 -29.01 -0.57
C THR A 1155 -24.35 -29.17 -1.27
N VAL A 1156 -24.92 -28.06 -1.72
CA VAL A 1156 -26.19 -28.09 -2.44
C VAL A 1156 -26.02 -28.73 -3.81
N ILE A 1157 -24.92 -28.40 -4.49
CA ILE A 1157 -24.60 -29.00 -5.78
C ILE A 1157 -24.40 -30.49 -5.63
N SER A 1158 -23.71 -30.92 -4.58
CA SER A 1158 -23.50 -32.35 -4.36
C SER A 1158 -24.78 -33.05 -3.96
N TYR A 1159 -25.71 -32.35 -3.30
CA TYR A 1159 -26.97 -33.00 -2.95
C TYR A 1159 -27.87 -33.16 -4.17
N VAL A 1160 -27.91 -32.15 -5.04
CA VAL A 1160 -28.74 -32.19 -6.23
C VAL A 1160 -28.16 -33.18 -7.23
N THR A 1161 -26.85 -33.13 -7.44
CA THR A 1161 -26.13 -34.03 -8.32
C THR A 1161 -25.20 -34.81 -7.40
N PRO A 1162 -25.52 -36.07 -7.06
CA PRO A 1162 -24.62 -36.88 -6.25
C PRO A 1162 -23.43 -37.47 -6.99
N VAL A 1163 -23.22 -37.09 -8.25
CA VAL A 1163 -21.99 -37.43 -8.95
C VAL A 1163 -21.02 -36.28 -8.84
N PHE A 1164 -21.49 -35.15 -8.30
CA PHE A 1164 -20.67 -33.96 -8.31
C PHE A 1164 -19.53 -34.11 -7.34
N LEU A 1165 -19.73 -34.80 -6.21
CA LEU A 1165 -18.66 -34.79 -5.22
C LEU A 1165 -17.47 -35.59 -5.74
N VAL A 1166 -17.78 -36.58 -6.58
CA VAL A 1166 -16.80 -37.38 -7.31
C VAL A 1166 -16.06 -36.51 -8.31
N ALA A 1167 -16.76 -35.56 -8.92
CA ALA A 1167 -16.07 -34.60 -9.78
C ALA A 1167 -15.59 -33.35 -9.05
N LEU A 1168 -15.91 -33.22 -7.77
CA LEU A 1168 -15.46 -32.13 -6.92
C LEU A 1168 -14.08 -32.37 -6.36
N LEU A 1169 -13.80 -33.62 -5.96
CA LEU A 1169 -12.58 -33.91 -5.21
C LEU A 1169 -11.29 -33.64 -5.99
N PRO A 1170 -11.12 -34.05 -7.27
CA PRO A 1170 -9.90 -33.60 -7.96
C PRO A 1170 -9.93 -32.10 -8.23
N LEU A 1171 -11.12 -31.55 -8.45
CA LEU A 1171 -11.24 -30.12 -8.70
C LEU A 1171 -10.91 -29.32 -7.44
N ALA A 1172 -11.34 -29.82 -6.28
CA ALA A 1172 -10.99 -29.16 -5.02
C ALA A 1172 -9.52 -29.33 -4.69
N VAL A 1173 -8.91 -30.44 -5.10
CA VAL A 1173 -7.47 -30.59 -4.93
C VAL A 1173 -6.72 -29.56 -5.76
N VAL A 1174 -7.16 -29.36 -7.00
CA VAL A 1174 -6.53 -28.37 -7.88
C VAL A 1174 -6.73 -26.96 -7.33
N CYS A 1175 -7.93 -26.68 -6.80
CA CYS A 1175 -8.19 -25.39 -6.17
C CYS A 1175 -7.33 -25.17 -4.93
N TYR A 1176 -7.09 -26.22 -4.14
CA TYR A 1176 -6.26 -26.10 -2.95
C TYR A 1176 -4.80 -25.83 -3.31
N PHE A 1177 -4.28 -26.52 -4.33
CA PHE A 1177 -2.90 -26.30 -4.73
C PHE A 1177 -2.71 -24.92 -5.36
N ILE A 1178 -3.67 -24.49 -6.19
CA ILE A 1178 -3.61 -23.15 -6.76
C ILE A 1178 -3.71 -22.09 -5.68
N GLN A 1179 -4.56 -22.31 -4.69
CA GLN A 1179 -4.67 -21.41 -3.54
C GLN A 1179 -3.36 -21.32 -2.77
N LYS A 1180 -2.68 -22.45 -2.59
CA LYS A 1180 -1.43 -22.46 -1.85
C LYS A 1180 -0.34 -21.67 -2.58
N TYR A 1181 -0.14 -21.96 -3.86
CA TYR A 1181 0.87 -21.23 -4.62
C TYR A 1181 0.54 -19.75 -4.78
N PHE A 1182 -0.76 -19.42 -4.87
CA PHE A 1182 -1.12 -18.01 -4.97
C PHE A 1182 -0.91 -17.28 -3.66
N ARG A 1183 -1.19 -17.92 -2.52
CA ARG A 1183 -0.92 -17.31 -1.24
C ARG A 1183 0.56 -17.03 -1.07
N VAL A 1184 1.39 -18.00 -1.47
CA VAL A 1184 2.84 -17.87 -1.35
C VAL A 1184 3.36 -16.72 -2.20
N ALA A 1185 2.82 -16.56 -3.41
CA ALA A 1185 3.27 -15.45 -4.25
C ALA A 1185 2.69 -14.12 -3.78
N SER A 1186 1.43 -14.10 -3.37
CA SER A 1186 0.70 -12.86 -3.15
C SER A 1186 1.15 -12.16 -1.88
N ARG A 1187 1.52 -12.92 -0.85
CA ARG A 1187 2.06 -12.30 0.37
C ARG A 1187 3.32 -11.50 0.06
N ASP A 1188 4.24 -12.12 -0.69
CA ASP A 1188 5.50 -11.47 -1.00
C ASP A 1188 5.30 -10.28 -1.92
N LEU A 1189 4.35 -10.38 -2.87
CA LEU A 1189 4.08 -9.24 -3.73
C LEU A 1189 3.39 -8.11 -2.99
N GLN A 1190 2.63 -8.41 -1.95
CA GLN A 1190 1.99 -7.36 -1.16
C GLN A 1190 3.03 -6.59 -0.35
N GLN A 1191 3.93 -7.33 0.31
CA GLN A 1191 5.00 -6.66 1.04
C GLN A 1191 5.94 -5.91 0.11
N LEU A 1192 6.17 -6.43 -1.10
CA LEU A 1192 7.02 -5.70 -2.04
C LEU A 1192 6.34 -4.45 -2.57
N ASP A 1193 5.00 -4.45 -2.61
CA ASP A 1193 4.26 -3.24 -2.98
C ASP A 1193 4.42 -2.18 -1.91
N ASP A 1194 4.28 -2.59 -0.64
CA ASP A 1194 4.31 -1.61 0.44
C ASP A 1194 5.72 -1.04 0.57
N THR A 1195 6.73 -1.91 0.59
CA THR A 1195 8.12 -1.52 0.70
C THR A 1195 8.69 -0.98 -0.61
N THR A 1196 7.87 -0.82 -1.64
CA THR A 1196 8.27 -0.07 -2.81
C THR A 1196 7.57 1.27 -2.91
N GLN A 1197 6.33 1.36 -2.43
CA GLN A 1197 5.65 2.64 -2.39
C GLN A 1197 6.09 3.52 -1.22
N LEU A 1198 6.84 2.97 -0.26
CA LEU A 1198 7.41 3.83 0.78
C LEU A 1198 8.57 4.72 0.31
N PRO A 1199 9.60 4.23 -0.41
CA PRO A 1199 10.68 5.14 -0.82
C PRO A 1199 10.28 6.20 -1.82
N LEU A 1200 9.15 6.05 -2.52
CA LEU A 1200 8.74 7.06 -3.48
C LEU A 1200 8.26 8.32 -2.76
N VAL A 1201 7.43 8.15 -1.73
CA VAL A 1201 7.03 9.32 -0.97
C VAL A 1201 8.16 9.80 -0.08
N SER A 1202 9.09 8.91 0.28
CA SER A 1202 10.33 9.38 0.91
C SER A 1202 11.12 10.28 -0.02
N HIS A 1203 11.17 9.94 -1.31
CA HIS A 1203 11.86 10.77 -2.28
C HIS A 1203 11.14 12.09 -2.51
N PHE A 1204 9.81 12.07 -2.53
CA PHE A 1204 9.06 13.32 -2.65
C PHE A 1204 9.21 14.21 -1.43
N ALA A 1205 9.45 13.59 -0.27
CA ALA A 1205 9.76 14.40 0.91
C ALA A 1205 11.13 15.01 0.78
N GLU A 1206 12.14 14.22 0.42
CA GLU A 1206 13.49 14.75 0.35
C GLU A 1206 13.65 15.73 -0.82
N THR A 1207 12.74 15.67 -1.79
CA THR A 1207 12.77 16.62 -2.88
C THR A 1207 12.14 17.93 -2.45
N VAL A 1208 10.94 17.87 -1.87
CA VAL A 1208 10.24 19.10 -1.51
C VAL A 1208 10.94 19.80 -0.35
N GLU A 1209 11.60 19.06 0.52
CA GLU A 1209 12.35 19.67 1.62
C GLU A 1209 13.54 20.47 1.12
N GLY A 1210 14.49 19.81 0.48
CA GLY A 1210 15.65 20.52 -0.03
C GLY A 1210 15.53 20.89 -1.49
N LEU A 1211 14.54 21.72 -1.83
CA LEU A 1211 14.31 22.00 -3.23
C LEU A 1211 15.31 23.00 -3.77
N THR A 1212 15.57 24.07 -3.01
CA THR A 1212 16.46 25.12 -3.48
C THR A 1212 17.90 24.65 -3.55
N THR A 1213 18.27 23.65 -2.75
CA THR A 1213 19.59 23.06 -2.87
C THR A 1213 19.73 22.29 -4.18
N ILE A 1214 18.67 21.60 -4.59
CA ILE A 1214 18.71 20.82 -5.81
C ILE A 1214 18.71 21.73 -7.03
N ARG A 1215 17.84 22.73 -7.03
CA ARG A 1215 17.83 23.67 -8.14
C ARG A 1215 19.02 24.62 -8.09
N ALA A 1216 19.67 24.74 -6.94
CA ALA A 1216 20.89 25.52 -6.83
C ALA A 1216 22.06 24.81 -7.49
N PHE A 1217 22.15 23.50 -7.30
CA PHE A 1217 23.25 22.72 -7.85
C PHE A 1217 23.13 22.51 -9.36
N ARG A 1218 21.97 22.86 -9.93
CA ARG A 1218 21.57 22.48 -11.29
C ARG A 1218 21.72 20.97 -11.49
N TYR A 1219 21.31 20.22 -10.47
CA TYR A 1219 21.51 18.79 -10.40
C TYR A 1219 20.14 18.14 -10.42
N GLU A 1220 19.25 18.70 -11.24
CA GLU A 1220 17.86 18.29 -11.28
C GLU A 1220 17.66 17.00 -12.06
N ALA A 1221 18.44 16.77 -13.11
CA ALA A 1221 18.20 15.63 -13.99
C ALA A 1221 18.52 14.31 -13.32
N ARG A 1222 19.50 14.30 -12.42
CA ARG A 1222 19.82 13.07 -11.71
C ARG A 1222 18.72 12.70 -10.74
N PHE A 1223 18.12 13.69 -10.10
CA PHE A 1223 16.99 13.41 -9.23
C PHE A 1223 15.74 13.10 -10.02
N GLN A 1224 15.62 13.65 -11.23
CA GLN A 1224 14.57 13.25 -12.14
C GLN A 1224 14.67 11.78 -12.50
N GLN A 1225 15.90 11.32 -12.78
CA GLN A 1225 16.10 9.91 -13.08
C GLN A 1225 15.91 9.03 -11.86
N LYS A 1226 16.28 9.52 -10.67
CA LYS A 1226 16.04 8.76 -9.45
C LYS A 1226 14.56 8.64 -9.15
N LEU A 1227 13.80 9.70 -9.41
CA LEU A 1227 12.35 9.67 -9.28
C LEU A 1227 11.74 8.68 -10.25
N LEU A 1228 12.17 8.73 -11.51
CA LEU A 1228 11.62 7.84 -12.52
C LEU A 1228 11.96 6.39 -12.22
N GLU A 1229 13.14 6.13 -11.65
CA GLU A 1229 13.50 4.78 -11.25
C GLU A 1229 12.66 4.30 -10.08
N TYR A 1230 12.40 5.19 -9.12
CA TYR A 1230 11.56 4.82 -7.98
C TYR A 1230 10.13 4.55 -8.42
N THR A 1231 9.63 5.36 -9.35
CA THR A 1231 8.26 5.20 -9.80
C THR A 1231 8.11 3.96 -10.66
N ASP A 1232 9.14 3.62 -11.45
CA ASP A 1232 9.10 2.40 -12.22
C ASP A 1232 9.17 1.18 -11.31
N SER A 1233 9.99 1.23 -10.27
CA SER A 1233 10.08 0.10 -9.37
C SER A 1233 8.84 -0.04 -8.50
N ASN A 1234 8.07 1.01 -8.32
CA ASN A 1234 6.80 0.82 -7.61
C ASN A 1234 5.73 0.29 -8.56
N ASN A 1235 5.66 0.85 -9.76
CA ASN A 1235 4.64 0.46 -10.71
C ASN A 1235 4.81 -0.96 -11.22
N ILE A 1236 6.04 -1.47 -11.30
CA ILE A 1236 6.21 -2.84 -11.78
C ILE A 1236 5.76 -3.82 -10.71
N ALA A 1237 5.92 -3.46 -9.44
CA ALA A 1237 5.45 -4.33 -8.38
C ALA A 1237 3.93 -4.30 -8.30
N SER A 1238 3.35 -3.12 -8.54
CA SER A 1238 1.90 -3.01 -8.58
C SER A 1238 1.31 -3.80 -9.74
N LEU A 1239 2.03 -3.82 -10.87
CA LEU A 1239 1.56 -4.58 -12.02
C LEU A 1239 1.69 -6.07 -11.79
N PHE A 1240 2.73 -6.50 -11.08
CA PHE A 1240 2.81 -7.93 -10.75
C PHE A 1240 1.74 -8.35 -9.76
N LEU A 1241 1.40 -7.50 -8.79
CA LEU A 1241 0.31 -7.83 -7.87
C LEU A 1241 -1.03 -7.89 -8.60
N THR A 1242 -1.27 -6.94 -9.50
CA THR A 1242 -2.49 -6.90 -10.29
C THR A 1242 -2.61 -8.15 -11.17
N ALA A 1243 -1.55 -8.47 -11.90
CA ALA A 1243 -1.64 -9.58 -12.84
C ALA A 1243 -1.66 -10.92 -12.12
N ALA A 1244 -1.08 -11.02 -10.93
CA ALA A 1244 -1.22 -12.24 -10.16
C ALA A 1244 -2.64 -12.40 -9.63
N ASN A 1245 -3.26 -11.30 -9.22
CA ASN A 1245 -4.66 -11.34 -8.79
C ASN A 1245 -5.56 -11.77 -9.94
N ARG A 1246 -5.28 -11.24 -11.14
CA ARG A 1246 -6.13 -11.56 -12.27
C ARG A 1246 -5.90 -12.98 -12.75
N TRP A 1247 -4.67 -13.50 -12.66
CA TRP A 1247 -4.43 -14.90 -13.02
C TRP A 1247 -5.12 -15.84 -12.05
N LEU A 1248 -5.07 -15.51 -10.74
CA LEU A 1248 -5.81 -16.26 -9.73
C LEU A 1248 -7.28 -16.31 -10.08
N GLU A 1249 -7.86 -15.16 -10.44
CA GLU A 1249 -9.30 -15.09 -10.67
C GLU A 1249 -9.66 -15.87 -11.93
N VAL A 1250 -8.79 -15.83 -12.95
CA VAL A 1250 -9.01 -16.59 -14.18
C VAL A 1250 -8.97 -18.09 -13.92
N CYS A 1251 -8.01 -18.54 -13.11
CA CYS A 1251 -7.85 -19.97 -12.86
C CYS A 1251 -9.03 -20.49 -12.04
N MET A 1252 -9.41 -19.74 -11.00
CA MET A 1252 -10.56 -20.15 -10.21
C MET A 1252 -11.84 -20.04 -11.02
N GLU A 1253 -11.86 -19.17 -12.03
CA GLU A 1253 -13.08 -19.03 -12.80
C GLU A 1253 -13.24 -20.14 -13.82
N TYR A 1254 -12.13 -20.65 -14.36
CA TYR A 1254 -12.24 -21.87 -15.15
C TYR A 1254 -12.57 -23.10 -14.31
N ILE A 1255 -12.07 -23.15 -13.07
CA ILE A 1255 -12.47 -24.24 -12.17
C ILE A 1255 -13.97 -24.20 -11.90
N GLY A 1256 -14.51 -23.00 -11.71
CA GLY A 1256 -15.95 -22.86 -11.55
C GLY A 1256 -16.74 -23.21 -12.79
N ALA A 1257 -16.20 -22.90 -13.97
CA ALA A 1257 -16.88 -23.26 -15.20
C ALA A 1257 -16.91 -24.78 -15.40
N CYS A 1258 -15.84 -25.46 -15.01
CA CYS A 1258 -15.88 -26.92 -15.09
C CYS A 1258 -16.85 -27.51 -14.07
N VAL A 1259 -16.96 -26.88 -12.90
CA VAL A 1259 -17.99 -27.25 -11.92
C VAL A 1259 -19.39 -27.12 -12.51
N VAL A 1260 -19.63 -26.00 -13.21
CA VAL A 1260 -20.92 -25.75 -13.85
C VAL A 1260 -21.21 -26.80 -14.91
N LEU A 1261 -20.20 -27.12 -15.72
CA LEU A 1261 -20.37 -28.10 -16.80
C LEU A 1261 -20.73 -29.47 -16.26
N ILE A 1262 -19.95 -29.97 -15.29
CA ILE A 1262 -20.20 -31.30 -14.76
C ILE A 1262 -21.53 -31.37 -14.04
N ALA A 1263 -21.87 -30.33 -13.27
CA ALA A 1263 -23.12 -30.33 -12.52
C ALA A 1263 -24.32 -30.29 -13.46
N ALA A 1264 -24.26 -29.46 -14.50
CA ALA A 1264 -25.36 -29.34 -15.44
C ALA A 1264 -25.53 -30.61 -16.24
N ALA A 1265 -24.42 -31.22 -16.64
CA ALA A 1265 -24.46 -32.44 -17.43
C ALA A 1265 -25.07 -33.58 -16.63
N THR A 1266 -24.60 -33.77 -15.40
CA THR A 1266 -25.14 -34.86 -14.60
C THR A 1266 -26.57 -34.57 -14.16
N SER A 1267 -26.94 -33.29 -14.02
CA SER A 1267 -28.30 -33.00 -13.59
C SER A 1267 -29.29 -33.23 -14.72
N ILE A 1268 -28.93 -32.82 -15.94
CA ILE A 1268 -29.80 -33.08 -17.07
C ILE A 1268 -29.84 -34.57 -17.40
N SER A 1269 -28.71 -35.26 -17.23
CA SER A 1269 -28.71 -36.70 -17.45
C SER A 1269 -29.57 -37.45 -16.44
N ASN A 1270 -29.51 -37.06 -15.17
CA ASN A 1270 -30.36 -37.74 -14.20
C ASN A 1270 -31.78 -37.22 -14.18
N SER A 1271 -32.07 -36.14 -14.89
CA SER A 1271 -33.46 -35.73 -14.94
C SER A 1271 -34.15 -36.10 -16.25
N LEU A 1272 -33.38 -36.41 -17.30
CA LEU A 1272 -33.97 -37.03 -18.46
C LEU A 1272 -34.38 -38.46 -18.18
N HIS A 1273 -33.54 -39.20 -17.46
CA HIS A 1273 -33.75 -40.62 -17.28
C HIS A 1273 -34.20 -40.99 -15.88
N ARG A 1274 -33.42 -40.62 -14.86
CA ARG A 1274 -33.75 -41.00 -13.49
C ARG A 1274 -34.85 -40.12 -12.94
N GLU A 1275 -35.23 -39.09 -13.70
CA GLU A 1275 -36.33 -38.17 -13.49
C GLU A 1275 -36.24 -37.38 -12.21
N LEU A 1276 -35.25 -36.48 -12.13
CA LEU A 1276 -34.95 -35.70 -10.92
C LEU A 1276 -36.02 -34.64 -10.70
N SER A 1277 -36.13 -34.18 -9.46
CA SER A 1277 -37.09 -33.14 -9.11
C SER A 1277 -36.65 -31.78 -9.63
N ALA A 1278 -36.81 -31.56 -10.96
CA ALA A 1278 -36.02 -30.61 -11.75
C ALA A 1278 -35.91 -29.18 -11.18
N GLY A 1279 -36.71 -28.83 -10.17
CA GLY A 1279 -36.45 -27.65 -9.37
C GLY A 1279 -35.06 -27.64 -8.76
N LEU A 1280 -34.61 -28.81 -8.31
CA LEU A 1280 -33.26 -28.99 -7.79
C LEU A 1280 -32.20 -28.82 -8.85
N VAL A 1281 -32.51 -29.09 -10.12
CA VAL A 1281 -31.49 -28.91 -11.15
C VAL A 1281 -31.23 -27.43 -11.42
N GLY A 1282 -32.29 -26.62 -11.52
CA GLY A 1282 -32.11 -25.19 -11.64
C GLY A 1282 -31.49 -24.56 -10.41
N LEU A 1283 -31.80 -25.09 -9.23
CA LEU A 1283 -31.18 -24.59 -8.01
C LEU A 1283 -29.72 -24.99 -7.95
N GLY A 1284 -29.40 -26.10 -8.62
CA GLY A 1284 -28.02 -26.49 -8.78
C GLY A 1284 -27.27 -25.54 -9.69
N LEU A 1285 -27.86 -25.18 -10.83
CA LEU A 1285 -27.08 -24.35 -11.75
C LEU A 1285 -26.90 -22.95 -11.19
N THR A 1286 -27.91 -22.42 -10.48
CA THR A 1286 -27.77 -21.08 -9.93
C THR A 1286 -26.89 -21.07 -8.69
N TYR A 1287 -26.59 -22.25 -8.16
CA TYR A 1287 -25.55 -22.27 -7.15
C TYR A 1287 -24.21 -22.61 -7.74
N ALA A 1288 -24.15 -23.29 -8.87
CA ALA A 1288 -22.85 -23.50 -9.48
C ALA A 1288 -22.29 -22.15 -9.91
N LEU A 1289 -23.17 -21.25 -10.40
CA LEU A 1289 -22.72 -19.89 -10.69
C LEU A 1289 -22.38 -19.12 -9.41
N MET A 1290 -23.09 -19.38 -8.31
CA MET A 1290 -22.65 -18.52 -7.23
C MET A 1290 -21.48 -19.15 -6.51
N VAL A 1291 -21.20 -20.43 -6.76
CA VAL A 1291 -20.01 -21.10 -6.25
C VAL A 1291 -18.84 -20.48 -6.97
N SER A 1292 -19.09 -20.19 -8.24
CA SER A 1292 -18.14 -19.77 -9.23
C SER A 1292 -17.58 -18.42 -8.87
N ASN A 1293 -18.33 -17.65 -8.09
CA ASN A 1293 -17.79 -16.37 -7.63
C ASN A 1293 -17.56 -16.34 -6.10
N TYR A 1294 -18.12 -17.31 -5.37
CA TYR A 1294 -17.72 -17.54 -3.98
C TYR A 1294 -16.29 -18.00 -3.86
N LEU A 1295 -15.76 -18.72 -4.85
CA LEU A 1295 -14.34 -19.03 -4.85
C LEU A 1295 -13.47 -17.79 -4.98
N ASN A 1296 -13.90 -16.83 -5.81
CA ASN A 1296 -13.19 -15.56 -5.94
C ASN A 1296 -13.10 -14.85 -4.60
N TRP A 1297 -14.25 -14.66 -3.93
CA TRP A 1297 -14.21 -13.98 -2.64
C TRP A 1297 -13.51 -14.81 -1.58
N MET A 1298 -13.58 -16.14 -1.64
CA MET A 1298 -12.90 -16.99 -0.68
C MET A 1298 -11.38 -16.80 -0.76
N VAL A 1299 -10.83 -16.81 -1.97
CA VAL A 1299 -9.38 -16.69 -2.10
C VAL A 1299 -8.93 -15.28 -1.76
N ARG A 1300 -9.72 -14.27 -2.16
CA ARG A 1300 -9.34 -12.89 -1.90
C ARG A 1300 -9.44 -12.56 -0.41
N ASN A 1301 -10.49 -13.03 0.26
CA ASN A 1301 -10.63 -12.80 1.69
C ASN A 1301 -9.63 -13.61 2.48
N LEU A 1302 -9.17 -14.75 1.98
CA LEU A 1302 -8.15 -15.49 2.70
C LEU A 1302 -6.80 -14.80 2.62
N ALA A 1303 -6.48 -14.22 1.47
CA ALA A 1303 -5.24 -13.45 1.38
C ALA A 1303 -5.29 -12.18 2.23
N ASP A 1304 -6.45 -11.52 2.24
CA ASP A 1304 -6.59 -10.32 3.05
C ASP A 1304 -6.55 -10.62 4.55
N MET A 1305 -7.16 -11.74 4.97
CA MET A 1305 -7.08 -12.13 6.37
C MET A 1305 -5.68 -12.54 6.77
N GLU A 1306 -4.90 -13.16 5.87
CA GLU A 1306 -3.51 -13.46 6.16
C GLU A 1306 -2.71 -12.19 6.39
N ILE A 1307 -2.81 -11.24 5.46
CA ILE A 1307 -2.05 -10.01 5.56
C ILE A 1307 -2.50 -9.16 6.75
N GLN A 1308 -3.78 -9.22 7.11
CA GLN A 1308 -4.25 -8.42 8.24
C GLN A 1308 -3.98 -9.07 9.59
N LEU A 1309 -3.94 -10.39 9.64
CA LEU A 1309 -3.59 -11.13 10.84
C LEU A 1309 -2.10 -11.15 11.12
N GLY A 1310 -1.28 -10.89 10.11
CA GLY A 1310 0.14 -10.68 10.38
C GLY A 1310 0.50 -9.51 11.26
N ALA A 1311 -0.34 -8.48 11.37
CA ALA A 1311 0.00 -7.43 12.32
C ALA A 1311 -0.60 -7.68 13.69
N VAL A 1312 -1.21 -8.83 13.89
CA VAL A 1312 -1.73 -9.16 15.19
C VAL A 1312 -0.97 -10.32 15.78
N LYS A 1313 -0.40 -11.18 14.94
CA LYS A 1313 0.59 -12.12 15.46
C LYS A 1313 1.71 -11.33 16.10
N ARG A 1314 2.11 -10.23 15.44
CA ARG A 1314 3.13 -9.33 16.00
C ARG A 1314 2.60 -8.53 17.17
N ILE A 1315 1.30 -8.19 17.20
CA ILE A 1315 0.78 -7.47 18.36
C ILE A 1315 0.78 -8.35 19.61
N HIS A 1316 0.38 -9.63 19.45
CA HIS A 1316 0.46 -10.58 20.55
C HIS A 1316 1.90 -10.88 20.95
N ALA A 1317 2.80 -10.94 19.97
CA ALA A 1317 4.21 -11.16 20.26
C ALA A 1317 4.82 -10.00 21.03
N LEU A 1318 4.38 -8.77 20.77
CA LEU A 1318 4.89 -7.66 21.56
C LEU A 1318 4.16 -7.49 22.88
N LEU A 1319 2.98 -8.10 23.04
CA LEU A 1319 2.39 -8.20 24.37
C LEU A 1319 3.03 -9.29 25.20
N LYS A 1320 3.77 -10.21 24.57
CA LYS A 1320 4.48 -11.29 25.25
C LYS A 1320 5.82 -10.89 25.83
N THR A 1321 6.10 -9.60 25.98
CA THR A 1321 7.35 -9.12 26.56
C THR A 1321 6.98 -8.34 27.82
N GLU A 1322 7.11 -8.98 28.98
CA GLU A 1322 6.78 -8.36 30.25
C GLU A 1322 7.94 -8.53 31.22
N ALA A 1323 8.31 -7.44 31.89
CA ALA A 1323 9.39 -7.46 32.88
C ALA A 1323 9.18 -6.27 33.81
N GLU A 1324 10.15 -6.05 34.72
CA GLU A 1324 10.19 -4.96 35.68
C GLU A 1324 8.96 -4.97 36.59
N SER A 1325 8.83 -6.07 37.32
CA SER A 1325 7.70 -6.25 38.22
C SER A 1325 7.87 -5.47 39.51
N TYR A 1326 6.83 -4.75 39.91
CA TYR A 1326 6.88 -3.98 41.14
C TYR A 1326 6.69 -4.98 42.27
N GLU A 1327 7.61 -4.99 43.23
CA GLU A 1327 7.60 -6.02 44.25
C GLU A 1327 8.16 -5.46 45.55
N GLY A 1328 7.28 -5.08 46.46
CA GLY A 1328 7.71 -4.71 47.79
C GLY A 1328 7.54 -5.89 48.73
N LEU A 1329 8.65 -6.59 48.97
CA LEU A 1329 8.63 -7.83 49.72
C LEU A 1329 8.94 -7.65 51.20
N LEU A 1330 9.21 -6.43 51.66
CA LEU A 1330 9.40 -6.23 53.08
C LEU A 1330 8.03 -5.95 53.71
N ALA A 1331 8.00 -5.46 54.95
CA ALA A 1331 6.75 -4.94 55.47
C ALA A 1331 6.53 -3.46 55.14
N PRO A 1332 5.69 -3.13 54.15
CA PRO A 1332 5.76 -1.80 53.52
C PRO A 1332 5.19 -0.68 54.40
N SER A 1333 4.57 -1.02 55.52
CA SER A 1333 4.07 -0.11 56.56
C SER A 1333 5.02 0.94 57.13
N LEU A 1334 6.33 0.70 57.07
CA LEU A 1334 7.29 1.65 57.62
C LEU A 1334 8.39 2.14 56.70
N ILE A 1335 8.62 1.50 55.56
CA ILE A 1335 9.73 1.88 54.67
C ILE A 1335 9.55 3.14 53.81
N PRO A 1336 8.41 3.47 53.18
CA PRO A 1336 8.33 4.79 52.54
C PRO A 1336 7.78 5.92 53.39
N LYS A 1337 7.38 5.67 54.64
CA LYS A 1337 7.06 6.79 55.51
C LYS A 1337 8.30 7.31 56.22
N ASN A 1338 9.19 6.40 56.61
CA ASN A 1338 10.50 6.77 57.13
C ASN A 1338 11.40 7.42 56.09
N TRP A 1339 11.46 6.85 54.87
CA TRP A 1339 12.15 7.32 53.66
C TRP A 1339 12.27 8.84 53.41
N PRO A 1340 11.26 9.68 53.61
CA PRO A 1340 11.49 11.11 53.35
C PRO A 1340 12.37 11.79 54.39
N ASP A 1341 13.19 12.72 53.88
CA ASP A 1341 14.17 13.56 54.56
C ASP A 1341 15.36 12.94 55.29
N GLN A 1342 15.52 11.60 55.30
CA GLN A 1342 16.77 11.09 55.87
C GLN A 1342 17.98 11.38 54.99
N GLY A 1343 17.90 11.03 53.71
CA GLY A 1343 19.06 11.09 52.85
C GLY A 1343 20.17 10.11 53.15
N LYS A 1344 19.90 9.00 53.84
CA LYS A 1344 20.96 8.11 54.34
C LYS A 1344 21.18 6.85 53.51
N ILE A 1345 21.08 6.86 52.18
CA ILE A 1345 21.24 5.61 51.43
C ILE A 1345 22.70 5.14 51.41
N GLN A 1346 23.04 4.22 52.30
CA GLN A 1346 24.38 3.64 52.39
C GLN A 1346 24.49 2.43 51.47
N ILE A 1347 25.15 2.60 50.31
CA ILE A 1347 25.39 1.45 49.44
C ILE A 1347 26.47 0.55 50.04
N GLN A 1348 26.15 -0.73 50.19
CA GLN A 1348 27.06 -1.68 50.84
C GLN A 1348 27.41 -2.76 49.81
N ASN A 1349 28.50 -2.51 49.07
CA ASN A 1349 29.16 -3.46 48.15
C ASN A 1349 28.23 -3.95 47.05
N LEU A 1350 27.29 -3.10 46.62
CA LEU A 1350 26.31 -3.45 45.59
C LEU A 1350 26.97 -3.51 44.23
N SER A 1351 27.17 -4.72 43.70
CA SER A 1351 27.81 -4.86 42.40
C SER A 1351 26.74 -4.92 41.32
N VAL A 1352 26.94 -4.14 40.25
CA VAL A 1352 25.89 -3.89 39.28
C VAL A 1352 26.18 -4.72 38.02
N ARG A 1353 25.11 -4.99 37.26
CA ARG A 1353 25.19 -5.53 35.91
C ARG A 1353 23.96 -5.04 35.17
N TYR A 1354 23.95 -5.19 33.84
CA TYR A 1354 22.74 -4.87 33.10
C TYR A 1354 22.17 -6.10 32.42
N ASP A 1355 22.94 -6.73 31.53
CA ASP A 1355 22.59 -8.00 30.94
C ASP A 1355 23.29 -9.15 31.65
N SER A 1356 24.20 -8.82 32.57
CA SER A 1356 25.04 -9.76 33.32
C SER A 1356 25.80 -10.64 32.34
N SER A 1357 26.34 -9.99 31.31
CA SER A 1357 26.96 -10.67 30.18
C SER A 1357 28.48 -10.56 30.19
N LEU A 1358 29.03 -9.35 30.15
CA LEU A 1358 30.48 -9.23 29.95
C LEU A 1358 31.17 -8.18 30.79
N LYS A 1359 30.48 -7.21 31.37
CA LYS A 1359 31.16 -6.09 32.02
C LYS A 1359 30.30 -5.51 33.12
N PRO A 1360 30.49 -5.96 34.35
CA PRO A 1360 29.95 -5.24 35.50
C PRO A 1360 30.73 -3.94 35.69
N VAL A 1361 30.09 -2.98 36.35
CA VAL A 1361 30.72 -1.69 36.62
C VAL A 1361 31.04 -1.55 38.09
N LEU A 1362 30.02 -1.54 38.94
CA LEU A 1362 30.21 -1.46 40.37
C LEU A 1362 30.74 -2.77 40.92
N LYS A 1363 31.75 -2.69 41.76
CA LYS A 1363 32.36 -3.90 42.32
C LYS A 1363 32.64 -3.52 43.76
N HIS A 1364 31.91 -4.15 44.69
CA HIS A 1364 32.25 -4.17 46.12
C HIS A 1364 32.27 -2.76 46.73
N VAL A 1365 31.50 -1.86 46.13
CA VAL A 1365 31.48 -0.44 46.48
C VAL A 1365 30.71 -0.29 47.78
N ASN A 1366 31.44 -0.21 48.88
CA ASN A 1366 30.85 -0.01 50.20
C ASN A 1366 30.97 1.46 50.57
N THR A 1367 30.12 2.27 49.94
CA THR A 1367 30.21 3.72 50.01
C THR A 1367 28.89 4.31 50.51
N LEU A 1368 28.99 5.31 51.38
CA LEU A 1368 27.81 5.92 51.98
C LEU A 1368 27.76 7.41 51.69
N ILE A 1369 26.56 7.90 51.41
CA ILE A 1369 26.25 9.32 51.30
C ILE A 1369 25.73 9.77 52.65
N SER A 1370 26.45 10.68 53.32
CA SER A 1370 25.96 11.10 54.62
C SER A 1370 24.75 12.03 54.49
N PRO A 1371 23.85 12.01 55.47
CA PRO A 1371 22.74 12.97 55.53
C PRO A 1371 23.20 14.41 55.68
N GLY A 1372 22.93 15.21 54.66
CA GLY A 1372 23.42 16.57 54.65
C GLY A 1372 24.59 16.68 53.69
N GLN A 1373 25.47 15.69 53.72
CA GLN A 1373 26.65 15.72 52.87
C GLN A 1373 26.16 15.36 51.47
N LYS A 1374 25.75 16.38 50.74
CA LYS A 1374 25.24 16.19 49.38
C LYS A 1374 26.44 15.90 48.49
N ILE A 1375 26.81 14.62 48.44
CA ILE A 1375 28.06 14.22 47.82
C ILE A 1375 27.91 14.26 46.31
N GLY A 1376 28.31 15.37 45.70
CA GLY A 1376 28.40 15.40 44.25
C GLY A 1376 29.62 14.62 43.81
N ILE A 1377 29.42 13.44 43.26
CA ILE A 1377 30.51 12.51 42.96
C ILE A 1377 30.51 12.36 41.45
N CYS A 1378 31.38 13.10 40.78
CA CYS A 1378 31.56 12.90 39.35
C CYS A 1378 32.79 12.05 39.06
N GLY A 1379 32.70 11.28 37.97
CA GLY A 1379 33.78 10.43 37.56
C GLY A 1379 33.93 10.41 36.05
N ARG A 1380 34.44 9.29 35.54
CA ARG A 1380 34.54 9.09 34.10
C ARG A 1380 33.15 8.81 33.54
N THR A 1381 32.72 9.60 32.57
CA THR A 1381 31.38 9.45 32.03
C THR A 1381 31.23 8.22 31.15
N GLY A 1382 32.33 7.59 30.77
CA GLY A 1382 32.28 6.43 29.92
C GLY A 1382 32.08 5.25 30.84
N SER A 1383 32.65 5.34 32.04
CA SER A 1383 32.67 4.19 32.94
C SER A 1383 31.86 4.41 34.20
N GLY A 1384 32.13 5.45 34.99
CA GLY A 1384 31.49 5.43 36.30
C GLY A 1384 30.55 6.55 36.66
N LYS A 1385 30.11 7.35 35.70
CA LYS A 1385 29.15 8.41 36.01
C LYS A 1385 27.71 7.91 35.93
N SER A 1386 27.31 7.46 34.74
CA SER A 1386 25.93 7.12 34.44
C SER A 1386 25.49 5.82 35.10
N SER A 1387 26.40 4.85 35.24
CA SER A 1387 26.02 3.57 35.84
C SER A 1387 25.59 3.72 37.30
N PHE A 1388 26.34 4.50 38.08
CA PHE A 1388 25.92 4.73 39.46
C PHE A 1388 24.67 5.60 39.54
N SER A 1389 24.55 6.57 38.64
CA SER A 1389 23.37 7.43 38.62
C SER A 1389 22.11 6.65 38.23
N LEU A 1390 22.25 5.64 37.38
CA LEU A 1390 21.10 4.81 37.05
C LEU A 1390 20.80 3.82 38.17
N ALA A 1391 21.82 3.23 38.77
CA ALA A 1391 21.54 2.24 39.79
C ALA A 1391 21.16 2.86 41.12
N PHE A 1392 21.32 4.18 41.28
CA PHE A 1392 20.94 4.79 42.54
C PHE A 1392 19.42 4.79 42.71
N PHE A 1393 18.69 4.78 41.60
CA PHE A 1393 17.24 4.87 41.63
C PHE A 1393 16.59 3.50 41.54
N ARG A 1394 17.36 2.44 41.83
CA ARG A 1394 16.99 1.04 41.60
C ARG A 1394 16.56 0.81 40.15
N MET A 1395 17.26 1.44 39.21
CA MET A 1395 16.94 1.26 37.80
C MET A 1395 17.98 0.45 37.06
N VAL A 1396 18.74 -0.40 37.76
CA VAL A 1396 19.70 -1.30 37.14
C VAL A 1396 19.77 -2.59 37.96
N ASP A 1397 20.48 -3.58 37.43
CA ASP A 1397 20.60 -4.89 38.08
C ASP A 1397 21.82 -4.88 38.98
N MET A 1398 21.60 -4.63 40.27
CA MET A 1398 22.63 -4.78 41.30
C MET A 1398 22.60 -6.24 41.73
N PHE A 1399 23.45 -7.05 41.07
CA PHE A 1399 23.38 -8.50 41.16
C PHE A 1399 23.79 -9.06 42.51
N GLU A 1400 24.45 -8.29 43.36
CA GLU A 1400 24.88 -8.81 44.66
C GLU A 1400 25.00 -7.64 45.62
N GLY A 1401 25.65 -7.87 46.76
CA GLY A 1401 25.89 -6.79 47.67
C GLY A 1401 24.70 -6.50 48.58
N ARG A 1402 24.56 -5.23 48.93
CA ARG A 1402 23.46 -4.75 49.75
C ARG A 1402 23.26 -3.29 49.40
N ILE A 1403 22.05 -2.95 48.97
CA ILE A 1403 21.74 -1.58 48.60
C ILE A 1403 20.76 -0.96 49.58
N ILE A 1404 21.26 -0.27 50.60
CA ILE A 1404 20.34 0.28 51.59
C ILE A 1404 19.76 1.60 51.07
N ILE A 1405 18.62 1.99 51.62
CA ILE A 1405 18.01 3.27 51.29
C ILE A 1405 17.51 3.93 52.55
N ASP A 1406 18.27 4.91 53.06
CA ASP A 1406 18.02 5.57 54.35
C ASP A 1406 17.95 4.54 55.48
N GLY A 1407 18.79 3.52 55.38
CA GLY A 1407 18.82 2.42 56.31
C GLY A 1407 17.78 1.35 56.06
N ILE A 1408 16.99 1.45 55.00
CA ILE A 1408 15.95 0.48 54.73
C ILE A 1408 16.41 -0.41 53.57
N ASP A 1409 15.65 -1.48 53.33
CA ASP A 1409 15.99 -2.46 52.29
C ASP A 1409 15.41 -2.00 50.96
N ILE A 1410 16.29 -1.58 50.05
CA ILE A 1410 15.84 -1.13 48.73
C ILE A 1410 15.86 -2.29 47.75
N ALA A 1411 16.00 -3.50 48.27
CA ALA A 1411 15.94 -4.70 47.45
C ALA A 1411 14.57 -5.34 47.52
N LYS A 1412 13.70 -4.84 48.38
CA LYS A 1412 12.33 -5.32 48.57
C LYS A 1412 11.40 -4.13 48.71
N LEU A 1413 11.59 -3.11 47.87
CA LEU A 1413 10.67 -1.99 48.02
C LEU A 1413 9.63 -1.96 46.91
N PRO A 1414 8.46 -1.38 47.19
CA PRO A 1414 7.47 -1.11 46.14
C PRO A 1414 8.02 -0.10 45.14
N LEU A 1415 8.18 -0.53 43.89
CA LEU A 1415 8.82 0.29 42.87
C LEU A 1415 7.99 1.51 42.51
N HIS A 1416 6.67 1.46 42.75
CA HIS A 1416 5.88 2.67 42.65
C HIS A 1416 6.26 3.63 43.77
N THR A 1417 6.33 3.11 44.99
CA THR A 1417 6.75 3.92 46.14
C THR A 1417 8.24 4.26 46.09
N LEU A 1418 9.04 3.38 45.49
CA LEU A 1418 10.48 3.66 45.41
C LEU A 1418 10.77 4.76 44.41
N ARG A 1419 10.06 4.80 43.28
CA ARG A 1419 10.31 5.89 42.36
C ARG A 1419 9.49 7.13 42.68
N SER A 1420 8.69 7.08 43.74
CA SER A 1420 7.93 8.25 44.18
C SER A 1420 8.74 9.11 45.13
N ARG A 1421 9.40 8.48 46.10
CA ARG A 1421 10.04 9.23 47.18
C ARG A 1421 11.55 9.31 46.99
N LEU A 1422 11.99 9.45 45.73
CA LEU A 1422 13.41 9.63 45.45
C LEU A 1422 13.53 10.48 44.19
N SER A 1423 13.65 11.79 44.37
CA SER A 1423 13.64 12.67 43.22
C SER A 1423 14.97 12.63 42.50
N ILE A 1424 14.98 13.12 41.28
CA ILE A 1424 16.16 13.08 40.43
C ILE A 1424 16.19 14.34 39.59
N ILE A 1425 17.32 14.55 38.93
CA ILE A 1425 17.44 15.52 37.86
C ILE A 1425 17.92 14.76 36.64
N LEU A 1426 17.91 15.44 35.49
CA LEU A 1426 18.19 14.79 34.24
C LEU A 1426 19.28 15.52 33.49
N GLN A 1427 19.69 14.93 32.37
CA GLN A 1427 20.70 15.51 31.51
C GLN A 1427 20.02 16.29 30.39
N ASP A 1428 19.07 15.64 29.72
CA ASP A 1428 18.24 16.27 28.69
C ASP A 1428 16.86 16.31 29.32
N PRO A 1429 16.51 17.37 30.06
CA PRO A 1429 15.27 17.35 30.82
C PRO A 1429 14.07 17.60 29.92
N VAL A 1430 12.92 17.06 30.34
CA VAL A 1430 11.68 17.21 29.60
C VAL A 1430 10.49 17.37 30.53
N LEU A 1431 9.52 18.15 30.06
CA LEU A 1431 8.30 18.48 30.78
C LEU A 1431 7.17 17.72 30.11
N PHE A 1432 6.49 16.87 30.89
CA PHE A 1432 5.35 16.12 30.40
C PHE A 1432 4.18 17.03 30.10
N SER A 1433 3.63 16.88 28.89
CA SER A 1433 2.58 17.76 28.41
C SER A 1433 1.26 17.50 29.14
N GLY A 1434 0.56 18.58 29.42
CA GLY A 1434 -0.69 18.51 30.16
C GLY A 1434 -1.02 19.89 30.69
N THR A 1435 -1.77 19.89 31.79
CA THR A 1435 -2.02 21.11 32.53
C THR A 1435 -0.73 21.55 33.23
N ILE A 1436 -0.67 22.82 33.59
CA ILE A 1436 0.52 23.31 34.29
C ILE A 1436 0.64 22.68 35.67
N ARG A 1437 -0.49 22.41 36.34
CA ARG A 1437 -0.42 21.59 37.55
C ARG A 1437 -0.11 20.14 37.20
N PHE A 1438 -0.56 19.67 36.04
CA PHE A 1438 -0.15 18.36 35.55
C PHE A 1438 1.28 18.37 35.01
N ASN A 1439 1.79 19.51 34.55
CA ASN A 1439 3.20 19.56 34.20
C ASN A 1439 4.09 19.68 35.43
N LEU A 1440 3.57 20.22 36.53
CA LEU A 1440 4.37 20.34 37.74
C LEU A 1440 4.31 19.06 38.58
N ASP A 1441 3.10 18.65 38.97
CA ASP A 1441 2.90 17.47 39.79
C ASP A 1441 1.51 16.90 39.55
N PRO A 1442 1.35 15.99 38.59
CA PRO A 1442 0.03 15.40 38.38
C PRO A 1442 -0.33 14.35 39.42
N GLU A 1443 0.66 13.53 39.81
CA GLU A 1443 0.42 12.48 40.80
C GLU A 1443 0.27 13.05 42.19
N LYS A 1444 0.96 14.15 42.49
CA LYS A 1444 0.86 14.77 43.81
C LYS A 1444 -0.37 15.67 43.87
N LYS A 1445 -0.35 16.73 43.05
CA LYS A 1445 -1.31 17.83 43.10
C LYS A 1445 -1.52 18.38 44.51
N CYS A 1446 -0.43 18.89 45.10
CA CYS A 1446 -0.42 19.16 46.53
C CYS A 1446 -1.19 20.44 46.82
N SER A 1447 -0.70 21.56 46.33
CA SER A 1447 -1.29 22.87 46.60
C SER A 1447 -0.80 23.82 45.54
N ASP A 1448 -1.53 24.92 45.35
CA ASP A 1448 -1.12 25.86 44.33
C ASP A 1448 0.02 26.73 44.83
N SER A 1449 0.00 27.08 46.12
CA SER A 1449 1.00 27.97 46.68
C SER A 1449 2.35 27.28 46.80
N THR A 1450 2.36 25.97 47.03
CA THR A 1450 3.61 25.21 46.96
C THR A 1450 4.17 25.19 45.55
N LEU A 1451 3.30 25.15 44.54
CA LEU A 1451 3.76 25.21 43.16
C LEU A 1451 4.26 26.60 42.81
N TRP A 1452 3.64 27.64 43.36
CA TRP A 1452 4.15 29.00 43.20
C TRP A 1452 5.51 29.16 43.87
N GLU A 1453 5.67 28.64 45.09
CA GLU A 1453 6.94 28.69 45.80
C GLU A 1453 8.03 27.96 45.01
N ALA A 1454 7.69 26.80 44.42
CA ALA A 1454 8.65 26.05 43.63
C ALA A 1454 9.03 26.83 42.36
N LEU A 1455 8.03 27.17 41.56
CA LEU A 1455 8.21 27.84 40.27
C LEU A 1455 8.54 29.32 40.42
N GLU A 1456 8.65 29.82 41.65
CA GLU A 1456 9.20 31.13 41.93
C GLU A 1456 10.65 31.05 42.39
N ILE A 1457 10.92 30.27 43.44
CA ILE A 1457 12.25 30.30 44.03
C ILE A 1457 13.27 29.50 43.25
N ALA A 1458 12.86 28.69 42.28
CA ALA A 1458 13.84 27.98 41.48
C ALA A 1458 14.25 28.83 40.29
N GLN A 1459 13.30 29.13 39.42
CA GLN A 1459 13.45 29.97 38.23
C GLN A 1459 12.06 30.18 37.65
N LEU A 1460 12.00 30.93 36.55
CA LEU A 1460 10.84 31.04 35.65
C LEU A 1460 9.60 31.63 36.33
N LYS A 1461 9.79 32.47 37.35
CA LYS A 1461 8.67 33.07 38.07
C LYS A 1461 7.94 34.09 37.20
N LEU A 1462 8.69 34.83 36.39
CA LEU A 1462 8.17 35.84 35.48
C LEU A 1462 7.57 35.25 34.21
N VAL A 1463 7.57 33.93 34.07
CA VAL A 1463 6.80 33.25 33.07
C VAL A 1463 5.60 32.53 33.67
N VAL A 1464 5.75 31.99 34.87
CA VAL A 1464 4.64 31.30 35.53
C VAL A 1464 3.56 32.29 35.95
N LYS A 1465 3.95 33.40 36.58
CA LYS A 1465 2.96 34.41 36.94
C LYS A 1465 2.44 35.17 35.74
N ALA A 1466 3.22 35.24 34.67
CA ALA A 1466 2.81 35.84 33.40
C ALA A 1466 2.18 34.86 32.43
N LEU A 1467 2.00 33.60 32.82
CA LEU A 1467 1.33 32.66 31.94
C LEU A 1467 -0.17 33.00 31.83
N PRO A 1468 -0.80 32.63 30.71
CA PRO A 1468 -2.23 32.92 30.55
C PRO A 1468 -3.12 32.12 31.49
N GLY A 1469 -2.75 30.89 31.80
CA GLY A 1469 -3.58 30.09 32.67
C GLY A 1469 -3.12 30.18 34.11
N GLY A 1470 -1.83 30.01 34.35
CA GLY A 1470 -1.36 30.00 35.71
C GLY A 1470 -0.88 28.60 36.06
N LEU A 1471 -1.44 28.05 37.13
CA LEU A 1471 -1.16 26.67 37.47
C LEU A 1471 -2.05 25.72 36.67
N ASP A 1472 -2.95 26.26 35.86
CA ASP A 1472 -3.86 25.47 35.05
C ASP A 1472 -3.73 25.82 33.58
N ALA A 1473 -2.51 25.90 33.06
CA ALA A 1473 -2.31 26.19 31.66
C ALA A 1473 -1.77 24.97 30.94
N ILE A 1474 -1.99 24.92 29.64
CA ILE A 1474 -1.62 23.75 28.84
C ILE A 1474 -0.13 23.74 28.52
N ILE A 1475 0.54 22.67 28.92
CA ILE A 1475 1.93 22.44 28.53
C ILE A 1475 1.90 22.03 27.06
N THR A 1476 2.32 22.93 26.17
CA THR A 1476 2.12 22.74 24.73
C THR A 1476 3.08 21.72 24.15
N GLU A 1477 2.77 20.45 24.42
CA GLU A 1477 3.46 19.26 23.88
C GLU A 1477 4.94 19.25 24.23
N GLY A 1478 5.23 19.40 25.52
CA GLY A 1478 6.59 19.30 26.00
C GLY A 1478 7.15 20.63 26.43
N GLY A 1479 6.39 21.70 26.28
CA GLY A 1479 6.83 23.07 26.46
C GLY A 1479 7.76 23.41 25.31
N GLU A 1480 7.16 23.48 24.12
CA GLU A 1480 7.91 23.54 22.86
C GLU A 1480 8.70 24.83 22.69
N ASN A 1481 8.31 25.92 23.36
CA ASN A 1481 9.05 27.17 23.27
C ASN A 1481 9.17 27.83 24.64
N PHE A 1482 9.30 27.05 25.70
CA PHE A 1482 9.42 27.66 27.02
C PHE A 1482 10.87 28.07 27.28
N SER A 1483 11.75 27.08 27.41
CA SER A 1483 13.16 27.20 27.75
C SER A 1483 13.70 25.78 27.73
N GLN A 1484 15.00 25.65 27.89
CA GLN A 1484 15.48 24.37 28.37
C GLN A 1484 15.72 24.40 29.87
N GLY A 1485 16.02 25.56 30.43
CA GLY A 1485 16.10 25.60 31.88
C GLY A 1485 14.77 25.62 32.59
N GLN A 1486 13.66 25.84 31.88
CA GLN A 1486 12.35 25.69 32.50
C GLN A 1486 12.05 24.23 32.83
N ARG A 1487 12.65 23.33 32.05
CA ARG A 1487 12.60 21.91 32.35
C ARG A 1487 13.32 21.61 33.65
N GLN A 1488 14.50 22.20 33.84
CA GLN A 1488 15.23 22.02 35.09
C GLN A 1488 14.52 22.71 36.25
N LEU A 1489 13.80 23.80 35.97
CA LEU A 1489 13.02 24.47 36.99
C LEU A 1489 11.87 23.57 37.44
N PHE A 1490 11.23 22.88 36.49
CA PHE A 1490 10.20 21.90 36.84
C PHE A 1490 10.79 20.70 37.54
N CYS A 1491 12.04 20.35 37.22
CA CYS A 1491 12.73 19.27 37.92
C CYS A 1491 12.94 19.64 39.38
N LEU A 1492 13.38 20.87 39.63
CA LEU A 1492 13.54 21.35 40.99
C LEU A 1492 12.20 21.48 41.69
N ALA A 1493 11.15 21.78 40.93
CA ALA A 1493 9.80 21.85 41.48
C ALA A 1493 9.34 20.48 41.97
N ARG A 1494 9.58 19.45 41.17
CA ARG A 1494 9.23 18.09 41.59
C ARG A 1494 10.16 17.59 42.70
N ALA A 1495 11.36 18.15 42.79
CA ALA A 1495 12.28 17.78 43.86
C ALA A 1495 11.91 18.45 45.18
N PHE A 1496 11.34 19.65 45.09
CA PHE A 1496 10.91 20.45 46.23
C PHE A 1496 9.49 20.14 46.68
N VAL A 1497 8.68 19.52 45.83
CA VAL A 1497 7.27 19.34 46.12
C VAL A 1497 6.99 17.98 46.74
N ARG A 1498 7.69 16.92 46.34
CA ARG A 1498 7.35 15.59 46.81
C ARG A 1498 8.05 15.21 48.12
N LYS A 1499 8.44 16.22 48.92
CA LYS A 1499 9.16 16.06 50.21
C LYS A 1499 10.43 15.25 50.04
N THR A 1500 11.05 15.43 48.88
CA THR A 1500 12.19 14.67 48.42
C THR A 1500 13.48 15.31 48.92
N SER A 1501 14.16 14.67 49.85
CA SER A 1501 15.46 15.17 50.26
C SER A 1501 16.52 14.87 49.22
N ILE A 1502 16.58 13.64 48.74
CA ILE A 1502 17.56 13.34 47.70
C ILE A 1502 17.11 13.90 46.36
N PHE A 1503 18.11 14.08 45.49
CA PHE A 1503 17.91 14.58 44.13
C PHE A 1503 19.11 14.06 43.36
N ILE A 1504 18.92 13.02 42.55
CA ILE A 1504 20.03 12.43 41.82
C ILE A 1504 20.19 13.18 40.51
N MET A 1505 21.34 13.78 40.33
CA MET A 1505 21.58 14.71 39.25
C MET A 1505 22.60 14.17 38.25
N ASP A 1506 22.38 14.52 37.00
CA ASP A 1506 23.32 14.30 35.91
C ASP A 1506 23.65 15.68 35.33
N GLU A 1507 24.69 15.74 34.52
CA GLU A 1507 25.13 17.05 34.05
C GLU A 1507 24.27 17.51 32.89
N ALA A 1508 24.26 18.83 32.68
CA ALA A 1508 23.58 19.36 31.51
C ALA A 1508 24.41 19.04 30.28
N THR A 1509 23.72 18.63 29.22
CA THR A 1509 24.41 18.34 27.97
C THR A 1509 24.80 19.63 27.27
N ALA A 1510 23.83 20.47 26.97
CA ALA A 1510 24.09 21.80 26.42
C ALA A 1510 23.30 22.81 27.21
N SER A 1511 24.01 23.80 27.74
CA SER A 1511 23.40 24.83 28.57
C SER A 1511 24.29 26.05 28.49
N ILE A 1512 23.81 27.15 29.06
CA ILE A 1512 24.62 28.34 29.11
C ILE A 1512 25.40 28.37 30.41
N ASP A 1513 26.48 29.16 30.41
CA ASP A 1513 27.29 29.31 31.60
C ASP A 1513 26.52 30.05 32.68
N MET A 1514 25.73 31.06 32.28
CA MET A 1514 24.82 31.71 33.23
C MET A 1514 23.68 30.79 33.61
N ALA A 1515 23.26 29.91 32.70
CA ALA A 1515 22.27 28.91 33.04
C ALA A 1515 22.83 27.91 34.02
N THR A 1516 24.10 27.53 33.84
CA THR A 1516 24.76 26.66 34.80
C THR A 1516 24.97 27.37 36.14
N GLU A 1517 25.21 28.68 36.12
CA GLU A 1517 25.35 29.42 37.38
C GLU A 1517 24.02 29.54 38.09
N ASN A 1518 22.93 29.71 37.34
CA ASN A 1518 21.60 29.72 37.94
C ASN A 1518 21.24 28.34 38.46
N ILE A 1519 21.68 27.29 37.77
CA ILE A 1519 21.49 25.93 38.25
C ILE A 1519 22.29 25.69 39.52
N LEU A 1520 23.48 26.29 39.61
CA LEU A 1520 24.27 26.19 40.82
C LEU A 1520 23.61 26.93 41.97
N GLN A 1521 23.00 28.09 41.69
CA GLN A 1521 22.29 28.83 42.71
C GLN A 1521 21.04 28.08 43.16
N LYS A 1522 20.37 27.41 42.21
CA LYS A 1522 19.24 26.56 42.54
C LYS A 1522 19.68 25.34 43.33
N VAL A 1523 20.88 24.84 43.06
CA VAL A 1523 21.44 23.73 43.83
C VAL A 1523 21.78 24.20 45.23
N VAL A 1524 22.22 25.45 45.38
CA VAL A 1524 22.47 26.02 46.69
C VAL A 1524 21.17 26.16 47.46
N MET A 1525 20.08 26.55 46.78
CA MET A 1525 18.78 26.60 47.44
C MET A 1525 18.24 25.21 47.75
N THR A 1526 18.58 24.23 46.91
CA THR A 1526 18.18 22.85 47.15
C THR A 1526 18.94 22.26 48.33
N ALA A 1527 20.20 22.66 48.47
CA ALA A 1527 20.96 22.28 49.65
C ALA A 1527 20.39 22.97 50.89
N PHE A 1528 19.92 24.20 50.73
CA PHE A 1528 19.30 24.92 51.83
C PHE A 1528 17.94 24.34 52.19
N ALA A 1529 17.31 23.59 51.29
CA ALA A 1529 15.98 23.07 51.58
C ALA A 1529 15.90 21.55 51.65
N ASP A 1530 16.78 20.82 50.96
CA ASP A 1530 16.75 19.37 50.98
C ASP A 1530 18.04 18.75 51.49
N ARG A 1531 19.19 19.32 51.12
CA ARG A 1531 20.55 19.04 51.59
C ARG A 1531 21.10 17.68 51.19
N THR A 1532 20.31 16.85 50.51
CA THR A 1532 20.75 15.56 50.01
C THR A 1532 20.83 15.56 48.48
N VAL A 1533 21.99 15.20 47.94
CA VAL A 1533 22.18 15.19 46.49
C VAL A 1533 23.34 14.26 46.19
N VAL A 1534 23.29 13.63 45.03
CA VAL A 1534 24.40 12.85 44.50
C VAL A 1534 24.51 13.05 43.00
N THR A 1535 25.41 13.93 42.58
CA THR A 1535 25.45 14.38 41.21
C THR A 1535 26.70 13.81 40.56
N ILE A 1536 26.55 13.35 39.32
CA ILE A 1536 27.71 12.99 38.51
C ILE A 1536 27.69 13.89 37.29
N ALA A 1537 28.85 14.39 36.91
CA ALA A 1537 28.97 15.37 35.85
C ALA A 1537 30.22 15.16 35.02
N HIS A 1538 30.05 14.92 33.72
CA HIS A 1538 31.25 14.86 32.89
C HIS A 1538 31.87 16.24 32.73
N ARG A 1539 31.08 17.30 32.97
CA ARG A 1539 31.60 18.64 33.14
C ARG A 1539 32.17 18.69 34.56
N VAL A 1540 33.42 18.27 34.68
CA VAL A 1540 34.02 18.00 35.98
C VAL A 1540 34.37 19.30 36.67
N HIS A 1541 34.57 20.36 35.89
CA HIS A 1541 35.00 21.67 36.35
C HIS A 1541 33.92 22.44 37.10
N THR A 1542 32.69 21.95 37.12
CA THR A 1542 31.67 22.63 37.90
C THR A 1542 31.15 21.73 39.00
N ILE A 1543 31.61 20.48 39.03
CA ILE A 1543 31.11 19.49 39.97
C ILE A 1543 32.02 19.53 41.19
N LEU A 1544 32.92 20.51 41.23
CA LEU A 1544 33.89 20.54 42.31
C LEU A 1544 33.31 21.07 43.62
N SER A 1545 32.24 21.86 43.57
CA SER A 1545 31.68 22.37 44.80
C SER A 1545 30.87 21.20 45.33
N ALA A 1546 31.43 20.47 46.29
CA ALA A 1546 30.72 19.36 46.86
C ALA A 1546 31.21 19.12 48.28
N ASP A 1547 30.88 17.95 48.82
CA ASP A 1547 31.43 17.46 50.07
C ASP A 1547 32.32 16.24 49.85
N LEU A 1548 31.77 15.16 49.29
CA LEU A 1548 32.53 13.98 48.90
C LEU A 1548 32.37 13.72 47.41
N VAL A 1549 33.36 13.00 46.85
CA VAL A 1549 33.43 12.73 45.42
C VAL A 1549 34.01 11.34 45.23
N MET A 1550 33.71 10.76 44.07
CA MET A 1550 34.25 9.46 43.68
C MET A 1550 34.53 9.48 42.19
N VAL A 1551 35.77 9.14 41.85
CA VAL A 1551 36.23 9.00 40.48
C VAL A 1551 36.35 7.51 40.16
N LEU A 1552 35.55 7.05 39.21
CA LEU A 1552 35.38 5.63 38.94
C LEU A 1552 35.78 5.36 37.51
N LYS A 1553 37.07 5.16 37.29
CA LYS A 1553 37.62 5.06 35.95
C LYS A 1553 37.73 3.61 35.53
N ARG A 1554 37.35 3.34 34.27
CA ARG A 1554 37.39 2.02 33.63
C ARG A 1554 36.56 0.98 34.36
N GLY A 1555 35.48 1.41 35.02
CA GLY A 1555 34.55 0.49 35.64
C GLY A 1555 35.07 -0.17 36.89
N ALA A 1556 35.36 0.63 37.91
CA ALA A 1556 35.77 0.12 39.22
C ALA A 1556 35.51 1.20 40.26
N ILE A 1557 35.77 0.87 41.52
CA ILE A 1557 35.77 1.84 42.62
C ILE A 1557 37.22 2.25 42.80
N LEU A 1558 37.63 3.28 42.06
CA LEU A 1558 39.04 3.64 42.05
C LEU A 1558 39.40 4.75 43.02
N GLU A 1559 38.61 5.82 43.08
CA GLU A 1559 38.94 6.95 43.94
C GLU A 1559 37.72 7.44 44.71
N PHE A 1560 37.94 7.73 45.99
CA PHE A 1560 36.92 8.31 46.85
C PHE A 1560 37.59 9.36 47.72
N ASP A 1561 37.01 10.55 47.76
CA ASP A 1561 37.54 11.70 48.49
C ASP A 1561 36.38 12.30 49.28
N LYS A 1562 36.32 11.95 50.56
CA LYS A 1562 35.29 12.48 51.45
C LYS A 1562 35.48 13.94 51.85
N PRO A 1563 36.70 14.48 52.00
CA PRO A 1563 36.84 15.94 51.82
C PRO A 1563 37.18 16.36 50.40
N GLU A 1564 36.77 17.59 50.07
CA GLU A 1564 37.00 18.11 48.73
C GLU A 1564 38.46 18.54 48.53
N THR A 1565 39.14 18.90 49.62
CA THR A 1565 40.51 19.34 49.42
C THR A 1565 41.42 18.17 49.20
N LEU A 1566 41.04 16.98 49.66
CA LEU A 1566 41.86 15.81 49.37
C LEU A 1566 41.72 15.44 47.90
N LEU A 1567 40.58 15.79 47.30
CA LEU A 1567 40.37 15.63 45.87
C LEU A 1567 41.25 16.60 45.11
N SER A 1568 41.35 17.84 45.58
CA SER A 1568 42.24 18.76 44.91
C SER A 1568 43.71 18.54 45.31
N GLN A 1569 43.95 17.70 46.32
CA GLN A 1569 45.28 17.33 46.82
C GLN A 1569 45.84 16.08 46.15
N LYS A 1570 45.02 15.05 45.98
CA LYS A 1570 45.50 13.78 45.44
C LYS A 1570 45.82 13.91 43.96
N ASP A 1571 46.31 12.82 43.38
CA ASP A 1571 46.77 12.85 41.99
C ASP A 1571 45.60 12.76 41.01
N SER A 1572 44.81 11.70 41.12
CA SER A 1572 43.84 11.39 40.07
C SER A 1572 42.64 12.31 40.12
N VAL A 1573 42.18 12.65 41.33
CA VAL A 1573 41.02 13.52 41.46
C VAL A 1573 41.36 14.94 41.03
N PHE A 1574 42.58 15.39 41.25
CA PHE A 1574 42.98 16.68 40.71
C PHE A 1574 43.18 16.57 39.21
N ALA A 1575 43.62 15.39 38.74
CA ALA A 1575 43.75 15.12 37.32
C ALA A 1575 42.38 15.03 36.69
N SER A 1576 41.38 14.62 37.48
CA SER A 1576 39.99 14.69 37.10
C SER A 1576 39.43 16.09 37.31
N PHE A 1577 40.15 16.96 38.01
CA PHE A 1577 39.74 18.34 38.20
C PHE A 1577 40.42 19.30 37.23
N VAL A 1578 41.39 18.82 36.47
CA VAL A 1578 42.04 19.64 35.45
C VAL A 1578 41.35 19.46 34.10
#